data_8Z8X
#
_entry.id   8Z8X
#
_cell.length_a   1.00
_cell.length_b   1.00
_cell.length_c   1.00
_cell.angle_alpha   90.00
_cell.angle_beta   90.00
_cell.angle_gamma   90.00
#
_symmetry.space_group_name_H-M   'P 1'
#
loop_
_entity.id
_entity.type
_entity.pdbx_description
1 polymer 'Polymerase acidic protein'
2 polymer 'RNA-directed RNA polymerase catalytic subunit'
3 polymer 'Polymerase basic protein 2'
4 polymer "RNA (5'-R(*AP*GP*AP*GP*AP*AP*AP*UP*CP*AP*AP*GP*GP*CP*AP*GP*UP*U)-3')"
5 polymer "RNA (5'-R(*GP*AP*CP*UP*GP*CP*CP*UP*GP*UP*UP*UP*UP*UP*GP*CP*U)-3')"
6 non-polymer 'PHOSPHOMETHYLPHOSPHONIC ACID GUANYLATE ESTER'
#
loop_
_entity_poly.entity_id
_entity_poly.type
_entity_poly.pdbx_seq_one_letter_code
_entity_poly.pdbx_strand_id
1 'polypeptide(L)'
;MTDRPDHIDSRVWELSETQEDWITQVHGHVRRVVECWKYTICCLISNMHTHRGAPQYDVFKWQDRSTIEWICSKKKVQYP
ERDTPDLYDNERAVAYKVLLVSDLSDHSPTSGIYHDLAFNLEGEAEESCALVLRGSQLQDIKGFLCRALEWVVSNNLTQE
VVETISGEAKLQFSVGTTFRTLLKRDTDWDVIPTPRVEPNVPRIEGRRWTQMKKLPLLKEKEGPPSPWRALLLGADSEYI
VCPPGTDQEAISWIHSQSEIECIRESKSTPASVITCLTSSLQSFAEGNPVRSRIHEDIIAFGINKKQEKKQSASSSASGE
WKRAEYQVEEMSLPPWVEEEMVLLRSDQEDNWIELEKNAIYTEVDGVAEGLVDKYIEIVGRTKVASVIEKWQIAATRTFS
QLHTDRSRITACPIITRDPSGNCQFWGMVLLGPHHVKRDTDNAPLLIAEIMGEDTEEKYPKHSVFSLKVEEKQFLLSLKI
TSFSRNKLYTFSNIRRVLIQPASIYSQVVLSRAAENNSLNLEVNPEIQLYLEGAQRGMTLYQWVRMILCLEFLMAIYNNP
QMEGFLANMRRLHMSRHAMMERRQVFLPFGSRPEDKVNECIINNPIVAYLAKGWNSMPNVYY
;
A
2 'polypeptide(L)'
;MNLFTPLSEINPTTTQELLYAYTGPAPVAYGTRTRAVLENIIRPYQYFYKEPNVQRALDIKTGCKEPEDINVEGPSSGFH
TASVLKLADNFFRKYRPAMEKLKYWILVKLPKLKYAELSKGRQTYSFIHKRNLPAPIALEETVEFLEQNLRRKIGPTLLS
YCQAIADVMELDETTYEGARDPRPWDIQLEEIDSDEEDPLFRQVGREETYTIKFSREELWDQMRTLNTMWKHLERGRLNR
RTIATPSMLIRGFVKIVEDAAKEILENVPTSGVPVGGEEKLAKLASKQTFHTAVTGELSGDQEKFNECLDPDAMRLMWTV
FLRKLGCPDWIMELFNIPFMVFKSKLADMGEGLVYTKGKLTDRKPLGEMPSEFDDLVRNVVGNSISCRLGMFMGMYNLTS
TLLALISIEREELTGSHVESSDDFIHFFNCKTHEEMFKQAETLRLTLKLVGINMSPSKCILISPAGIGEFNSKFHHRDFV
GNVATELPALVPNGTNPMTDLAMGLNVIKHSVNTGQMNLCTGALAMRIFNHAYKYAYMALGVTRRTRFMEENAITPLLTN
QGASPVHSFSTMHLDEVALRRHLGLLDEETLRRILNPNNPVTQKGDPSMFFRIENKMPQIMEDYSVPSCFKYTLSRNRTI
QDKPHKALLNKEERYQRVTSIINKLFPEVLIQEASAPGTVRESLKRRLELVVERSDLDEERKKRILSRIF
;
B
3 'polypeptide(L)'
;MDREEPAESECTLRALVEEYNGACKEAPKEMSKQFTDYNTFKRYTTSKKDHAPQMRLVYSVRKPWPISMTPSKEIPLVFN
GTKLKDTILDLGESKRTRANIVVPDYWSKYGSQTSLEVVNAILYAEDLKVQRFFSTEWGEIRYGRMLPFRKPVQACPTIE
EVNPASIPHTLLQVFCPQYTTLDSKRKAHMGAVEKLKRVMEPICKVQTQESAVHIARSLIDSNKKWLPTVVDHTPRTAEM
AHFLCSKYHYVHTNTQDLSDTRSIDNLCGELVKRSLKCRCPKETLVANLDKITIQGRPMREVLADHDGELPYLGICRVAM
GLSTHHTMKIRSTKFSILNSDHPRIEVKKVFSLSPDVQVTIPYRRFKGKAKVYFQNDQIQGYFSCTDRQIDEIKISAPKN
APLLEPLLDICYYGSFIEPGFEQTFGFYPAGKREFVDSFFMHHSKDHKAFLIHMGLDKDLSLPLSPELNWKEPALSKVCR
VTELDSTVQPYTSATREFVLGETLNVYTQHENGLELLICPTEIRSTRGPLPPGTNLSGSEFIDIYQDPFSRAKSLLKSTI
LHAERCKEFVGNMLEEYQDPAETTVQSLVPINTWGKSAKRKLQEEITSDPDWHQCPRKRAKMSYLAIIAGSIQDRDKKQT
NVPRAFMLRGSQIEYDMKATRGLVVDTTNRIIVGGETVLREGKGGPEGYVQTGVFEEQPRCYLVDTPDHGLSMGLSRFCV
HSQGRYFQYEKKISIWEETDNIKATIDSQRDLKRRRDIEEMVSKRARIVLEVLFQGPGHHHHHHHHSADYKDDDDKGGWS
HPQFEKGGGSGGGGSGGSAWSHPQFEK
;
C
4 'polyribonucleotide' AGAGAAAUCAAGGCAGUU D
5 'polyribonucleotide' GACUGCCUGUUUUUGCU E
#
loop_
_chem_comp.id
_chem_comp.type
_chem_comp.name
_chem_comp.formula
A RNA linking ADENOSINE-5'-MONOPHOSPHATE 'C10 H14 N5 O7 P'
C RNA linking CYTIDINE-5'-MONOPHOSPHATE 'C9 H14 N3 O8 P'
G RNA linking GUANOSINE-5'-MONOPHOSPHATE 'C10 H14 N5 O8 P'
G2P non-polymer 'PHOSPHOMETHYLPHOSPHONIC ACID GUANYLATE ESTER' 'C11 H18 N5 O13 P3'
U RNA linking URIDINE-5'-MONOPHOSPHATE 'C9 H13 N2 O9 P'
#
# COMPACT_ATOMS: atom_id res chain seq x y z
N ASP A 3 -6.39 38.82 -17.19
CA ASP A 3 -7.81 38.71 -16.87
C ASP A 3 -8.15 39.65 -15.71
N ARG A 4 -7.13 40.26 -15.13
CA ARG A 4 -7.34 41.16 -14.01
C ARG A 4 -8.03 42.44 -14.48
N PRO A 5 -9.12 42.85 -13.85
CA PRO A 5 -9.71 44.16 -14.17
C PRO A 5 -8.73 45.28 -13.90
N ASP A 6 -8.78 46.31 -14.75
CA ASP A 6 -7.87 47.44 -14.60
C ASP A 6 -8.12 48.23 -13.33
N HIS A 7 -9.32 48.13 -12.75
CA HIS A 7 -9.66 48.86 -11.54
C HIS A 7 -9.20 48.15 -10.27
N ILE A 8 -8.62 46.96 -10.38
CA ILE A 8 -8.15 46.19 -9.23
C ILE A 8 -6.64 46.19 -9.24
N ASP A 9 -6.04 46.43 -8.08
CA ASP A 9 -4.59 46.47 -7.96
C ASP A 9 -3.99 45.11 -8.31
N SER A 10 -2.80 45.13 -8.90
CA SER A 10 -2.13 43.89 -9.26
C SER A 10 -1.77 43.07 -8.03
N ARG A 11 -1.28 43.74 -6.98
CA ARG A 11 -0.84 43.03 -5.78
C ARG A 11 -1.98 42.24 -5.16
N VAL A 12 -3.14 42.88 -4.98
CA VAL A 12 -4.27 42.19 -4.37
C VAL A 12 -4.78 41.09 -5.28
N TRP A 13 -4.64 41.25 -6.59
CA TRP A 13 -5.06 40.20 -7.52
C TRP A 13 -4.19 38.95 -7.37
N GLU A 14 -2.86 39.13 -7.40
CA GLU A 14 -1.98 37.99 -7.22
C GLU A 14 -2.09 37.40 -5.83
N LEU A 15 -2.48 38.21 -4.85
CA LEU A 15 -2.67 37.69 -3.50
C LEU A 15 -3.97 36.90 -3.37
N SER A 16 -5.01 37.30 -4.11
CA SER A 16 -6.29 36.60 -4.09
C SER A 16 -6.34 35.44 -5.08
N GLU A 17 -5.31 35.28 -5.91
CA GLU A 17 -5.30 34.19 -6.88
C GLU A 17 -5.57 32.83 -6.25
N THR A 18 -5.03 32.58 -5.06
CA THR A 18 -5.06 31.24 -4.48
C THR A 18 -5.74 31.20 -3.11
N GLN A 19 -6.45 32.25 -2.71
CA GLN A 19 -7.16 32.21 -1.43
C GLN A 19 -8.28 31.19 -1.45
N GLU A 20 -9.07 31.17 -2.52
CA GLU A 20 -10.10 30.16 -2.70
C GLU A 20 -10.06 29.68 -4.15
N ASP A 21 -10.53 28.46 -4.36
CA ASP A 21 -10.53 27.86 -5.70
C ASP A 21 -11.63 28.52 -6.53
N TRP A 22 -11.23 29.42 -7.43
CA TRP A 22 -12.17 30.19 -8.22
C TRP A 22 -12.58 29.50 -9.51
N ILE A 23 -11.94 28.40 -9.87
CA ILE A 23 -12.23 27.74 -11.14
C ILE A 23 -13.35 26.71 -11.02
N THR A 24 -13.56 26.15 -9.83
CA THR A 24 -14.63 25.18 -9.60
C THR A 24 -15.77 25.79 -8.79
N GLN A 25 -16.05 27.06 -9.02
CA GLN A 25 -17.15 27.76 -8.38
C GLN A 25 -18.04 28.39 -9.43
N VAL A 26 -19.35 28.39 -9.18
CA VAL A 26 -20.29 29.00 -10.10
C VAL A 26 -20.03 30.51 -10.13
N HIS A 27 -19.72 31.04 -11.32
CA HIS A 27 -19.33 32.43 -11.50
C HIS A 27 -18.15 32.77 -10.59
N GLY A 28 -17.11 31.93 -10.67
CA GLY A 28 -15.96 32.10 -9.78
C GLY A 28 -15.21 33.39 -10.03
N HIS A 29 -15.15 33.83 -11.29
CA HIS A 29 -14.47 35.09 -11.60
C HIS A 29 -15.16 36.26 -10.90
N VAL A 30 -16.49 36.30 -10.92
CA VAL A 30 -17.21 37.39 -10.28
C VAL A 30 -17.00 37.36 -8.77
N ARG A 31 -16.98 36.16 -8.17
CA ARG A 31 -16.71 36.07 -6.74
C ARG A 31 -15.30 36.55 -6.42
N ARG A 32 -14.32 36.21 -7.26
CA ARG A 32 -12.96 36.69 -7.04
C ARG A 32 -12.91 38.20 -7.13
N VAL A 33 -13.61 38.80 -8.09
CA VAL A 33 -13.64 40.25 -8.22
C VAL A 33 -14.29 40.88 -6.99
N VAL A 34 -15.36 40.26 -6.47
CA VAL A 34 -16.02 40.80 -5.28
C VAL A 34 -15.09 40.73 -4.07
N GLU A 35 -14.39 39.61 -3.91
CA GLU A 35 -13.46 39.49 -2.78
C GLU A 35 -12.31 40.49 -2.92
N CYS A 36 -11.84 40.72 -4.14
CA CYS A 36 -10.83 41.77 -4.36
C CYS A 36 -11.40 43.14 -4.01
N TRP A 37 -12.68 43.37 -4.31
CA TRP A 37 -13.34 44.61 -3.88
C TRP A 37 -13.25 44.76 -2.37
N LYS A 38 -13.64 43.71 -1.63
CA LYS A 38 -13.64 43.82 -0.17
C LYS A 38 -12.21 44.04 0.36
N TYR A 39 -11.24 43.34 -0.21
CA TYR A 39 -9.87 43.50 0.25
C TYR A 39 -9.34 44.89 -0.06
N THR A 40 -9.70 45.46 -1.21
CA THR A 40 -9.28 46.81 -1.52
C THR A 40 -9.99 47.82 -0.62
N ILE A 41 -11.23 47.54 -0.23
CA ILE A 41 -11.92 48.40 0.73
C ILE A 41 -11.18 48.39 2.06
N CYS A 42 -10.79 47.21 2.55
CA CYS A 42 -10.17 47.15 3.86
C CYS A 42 -8.75 47.70 3.85
N CYS A 43 -7.97 47.43 2.81
CA CYS A 43 -6.63 47.99 2.72
C CYS A 43 -6.67 49.50 2.45
N LEU A 44 -7.68 49.95 1.71
CA LEU A 44 -7.88 51.38 1.49
C LEU A 44 -8.21 52.09 2.78
N ILE A 45 -9.02 51.44 3.64
CA ILE A 45 -9.16 51.89 5.01
C ILE A 45 -7.83 51.70 5.72
N SER A 46 -7.53 52.60 6.67
CA SER A 46 -6.25 52.62 7.39
C SER A 46 -5.07 52.92 6.47
N ASN A 47 -5.31 53.70 5.42
CA ASN A 47 -4.22 54.14 4.55
C ASN A 47 -3.42 55.21 5.30
N MET A 48 -2.29 54.79 5.88
CA MET A 48 -1.41 55.62 6.71
C MET A 48 -2.08 56.10 7.98
N HIS A 49 -3.29 55.64 8.29
CA HIS A 49 -3.95 56.01 9.54
C HIS A 49 -3.29 55.29 10.70
N THR A 50 -3.05 56.03 11.79
CA THR A 50 -2.37 55.46 12.95
C THR A 50 -2.72 56.24 14.20
N HIS A 51 -2.66 55.55 15.35
CA HIS A 51 -2.75 56.15 16.66
C HIS A 51 -1.69 55.50 17.54
N ARG A 52 -1.47 56.10 18.72
CA ARG A 52 -0.47 55.61 19.65
C ARG A 52 0.87 55.50 18.92
N GLY A 53 1.28 54.27 18.59
CA GLY A 53 2.47 54.06 17.80
C GLY A 53 2.31 52.92 16.81
N ALA A 54 1.08 52.57 16.51
CA ALA A 54 0.75 51.44 15.65
C ALA A 54 -0.36 51.86 14.70
N PRO A 55 -0.50 51.17 13.56
CA PRO A 55 -1.60 51.49 12.65
C PRO A 55 -2.96 51.31 13.32
N GLN A 56 -3.90 52.18 12.95
CA GLN A 56 -5.19 52.21 13.63
C GLN A 56 -6.00 50.95 13.36
N TYR A 57 -5.93 50.40 12.16
CA TYR A 57 -6.71 49.23 11.79
C TYR A 57 -5.78 48.10 11.36
N ASP A 58 -6.11 46.89 11.79
CA ASP A 58 -5.36 45.69 11.42
C ASP A 58 -6.23 44.83 10.51
N VAL A 59 -5.68 44.44 9.36
CA VAL A 59 -6.42 43.68 8.37
C VAL A 59 -6.20 42.19 8.63
N PHE A 60 -7.31 41.44 8.67
CA PHE A 60 -7.25 40.00 8.91
C PHE A 60 -7.57 39.16 7.68
N LYS A 61 -8.24 39.72 6.68
CA LYS A 61 -8.54 38.95 5.48
C LYS A 61 -7.27 38.59 4.73
N TRP A 62 -7.17 37.32 4.35
CA TRP A 62 -6.10 36.83 3.45
C TRP A 62 -4.72 37.02 4.05
N GLN A 63 -4.62 36.96 5.38
CA GLN A 63 -3.34 36.93 6.07
C GLN A 63 -3.11 35.53 6.61
N ASP A 64 -1.84 35.18 6.83
CA ASP A 64 -1.52 33.90 7.41
C ASP A 64 -2.19 33.77 8.77
N ARG A 65 -2.85 32.64 9.01
CA ARG A 65 -3.68 32.51 10.19
C ARG A 65 -2.80 32.50 11.45
N SER A 66 -1.56 32.01 11.35
CA SER A 66 -0.67 32.00 12.50
C SER A 66 -0.41 33.40 13.02
N THR A 67 -0.08 34.34 12.13
CA THR A 67 0.15 35.71 12.59
C THR A 67 -1.15 36.39 13.00
N ILE A 68 -2.28 35.97 12.42
CA ILE A 68 -3.57 36.49 12.89
C ILE A 68 -3.81 36.10 14.34
N GLU A 69 -3.57 34.83 14.66
CA GLU A 69 -3.68 34.38 16.05
C GLU A 69 -2.70 35.09 16.95
N TRP A 70 -1.48 35.34 16.45
CA TRP A 70 -0.51 36.07 17.26
C TRP A 70 -0.99 37.47 17.59
N ILE A 71 -1.49 38.19 16.59
CA ILE A 71 -1.99 39.55 16.81
C ILE A 71 -3.19 39.53 17.76
N CYS A 72 -4.09 38.57 17.58
CA CYS A 72 -5.25 38.45 18.48
C CYS A 72 -4.81 38.14 19.90
N SER A 73 -3.76 37.33 20.06
CA SER A 73 -3.23 37.04 21.39
C SER A 73 -2.64 38.31 22.01
N LYS A 74 -1.97 39.13 21.21
CA LYS A 74 -1.51 40.42 21.72
C LYS A 74 -2.69 41.28 22.17
N LYS A 75 -3.85 41.09 21.55
CA LYS A 75 -5.06 41.85 21.89
C LYS A 75 -5.94 41.13 22.90
N LYS A 76 -5.56 39.93 23.34
CA LYS A 76 -6.30 39.17 24.35
C LYS A 76 -7.75 38.90 23.91
N VAL A 77 -7.90 38.40 22.69
CA VAL A 77 -9.20 38.07 22.12
C VAL A 77 -9.03 36.92 21.13
N GLN A 78 -10.05 36.06 21.05
CA GLN A 78 -10.00 34.85 20.25
C GLN A 78 -11.08 34.86 19.19
N TYR A 79 -10.69 34.62 17.92
CA TYR A 79 -11.61 34.61 16.79
C TYR A 79 -11.55 33.27 16.06
N PRO A 80 -12.68 32.65 15.76
CA PRO A 80 -12.67 31.38 15.03
C PRO A 80 -12.41 31.56 13.54
N GLU A 81 -12.02 30.46 12.90
CA GLU A 81 -11.70 30.48 11.47
C GLU A 81 -12.95 30.57 10.60
N ARG A 82 -13.99 29.80 10.94
CA ARG A 82 -15.20 29.77 10.11
C ARG A 82 -15.92 31.11 10.10
N ASP A 83 -15.72 31.94 11.12
CA ASP A 83 -16.32 33.27 11.17
C ASP A 83 -15.29 34.21 11.79
N THR A 84 -14.48 34.85 10.95
CA THR A 84 -13.47 35.78 11.40
C THR A 84 -13.73 37.15 10.79
N PRO A 85 -13.60 38.23 11.55
CA PRO A 85 -13.87 39.56 11.02
C PRO A 85 -12.87 39.96 9.95
N ASP A 86 -13.31 40.84 9.05
CA ASP A 86 -12.45 41.36 8.01
C ASP A 86 -11.26 42.12 8.60
N LEU A 87 -11.52 43.22 9.30
CA LEU A 87 -10.48 44.01 9.91
C LEU A 87 -10.90 44.42 11.32
N TYR A 88 -9.92 44.58 12.20
CA TYR A 88 -10.15 44.87 13.60
C TYR A 88 -9.60 46.25 13.92
N ASP A 89 -10.40 47.05 14.64
CA ASP A 89 -9.99 48.38 15.07
C ASP A 89 -9.54 48.30 16.52
N ASN A 90 -8.28 48.69 16.78
CA ASN A 90 -7.77 48.70 18.14
C ASN A 90 -7.97 50.03 18.85
N GLU A 91 -8.25 51.10 18.11
CA GLU A 91 -8.54 52.38 18.75
C GLU A 91 -9.85 52.31 19.52
N ARG A 92 -10.88 51.76 18.90
CA ARG A 92 -12.17 51.56 19.56
C ARG A 92 -12.31 50.16 20.14
N ALA A 93 -11.33 49.28 19.91
CA ALA A 93 -11.33 47.92 20.43
C ALA A 93 -12.55 47.14 19.96
N VAL A 94 -12.94 47.35 18.70
CA VAL A 94 -14.04 46.63 18.08
C VAL A 94 -13.59 46.12 16.72
N ALA A 95 -14.25 45.07 16.24
CA ALA A 95 -13.95 44.48 14.95
C ALA A 95 -14.98 44.90 13.91
N TYR A 96 -14.65 44.65 12.64
CA TYR A 96 -15.51 45.02 11.54
C TYR A 96 -15.38 43.99 10.42
N LYS A 97 -16.40 43.96 9.56
CA LYS A 97 -16.40 43.11 8.37
C LYS A 97 -17.03 43.87 7.22
N VAL A 98 -16.31 43.96 6.10
CA VAL A 98 -16.85 44.59 4.91
C VAL A 98 -17.85 43.65 4.26
N LEU A 99 -19.11 44.08 4.20
CA LEU A 99 -20.21 43.24 3.71
C LEU A 99 -20.99 44.02 2.65
N LEU A 100 -20.63 43.84 1.38
CA LEU A 100 -21.34 44.50 0.30
C LEU A 100 -22.74 43.91 0.16
N VAL A 101 -23.76 44.77 0.24
CA VAL A 101 -25.15 44.34 0.12
C VAL A 101 -25.88 45.34 -0.78
N SER A 102 -26.64 44.82 -1.75
CA SER A 102 -27.26 45.68 -2.73
C SER A 102 -28.41 46.49 -2.15
N ASP A 103 -29.22 45.87 -1.28
CA ASP A 103 -30.43 46.53 -0.80
C ASP A 103 -30.10 47.72 0.10
N LEU A 104 -29.08 47.60 0.95
CA LEU A 104 -28.64 48.60 1.92
C LEU A 104 -29.65 48.76 3.07
N SER A 105 -30.80 48.10 3.01
CA SER A 105 -31.79 48.17 4.07
C SER A 105 -31.65 47.04 5.10
N ASP A 106 -30.67 46.16 4.92
CA ASP A 106 -30.46 45.03 5.83
C ASP A 106 -29.58 45.48 7.00
N HIS A 107 -30.18 46.31 7.87
CA HIS A 107 -29.47 46.79 9.04
C HIS A 107 -29.22 45.68 10.06
N SER A 108 -29.96 44.57 9.96
CA SER A 108 -29.83 43.47 10.89
C SER A 108 -28.39 42.93 10.90
N PRO A 109 -27.73 42.86 12.06
CA PRO A 109 -26.35 42.38 12.09
C PRO A 109 -26.26 40.91 11.70
N THR A 110 -25.25 40.57 10.90
CA THR A 110 -25.03 39.17 10.53
C THR A 110 -24.42 38.38 11.68
N SER A 111 -23.66 39.04 12.55
CA SER A 111 -23.05 38.37 13.69
C SER A 111 -22.90 39.37 14.83
N GLY A 112 -22.84 38.84 16.05
CA GLY A 112 -22.70 39.67 17.22
C GLY A 112 -21.27 39.78 17.72
N ILE A 113 -20.40 38.88 17.25
CA ILE A 113 -19.00 38.93 17.65
C ILE A 113 -18.33 40.20 17.13
N TYR A 114 -18.58 40.55 15.88
CA TYR A 114 -17.98 41.71 15.24
C TYR A 114 -19.08 42.64 14.72
N HIS A 115 -18.86 43.94 14.88
CA HIS A 115 -19.80 44.93 14.39
C HIS A 115 -19.63 45.08 12.89
N ASP A 116 -20.66 44.69 12.13
CA ASP A 116 -20.55 44.65 10.68
C ASP A 116 -20.73 46.04 10.06
N LEU A 117 -20.17 46.20 8.86
CA LEU A 117 -20.29 47.41 8.07
C LEU A 117 -20.60 47.05 6.63
N ALA A 118 -21.41 47.87 5.97
CA ALA A 118 -21.94 47.52 4.67
C ALA A 118 -21.93 48.72 3.74
N PHE A 119 -21.95 48.42 2.43
CA PHE A 119 -22.11 49.42 1.39
C PHE A 119 -23.14 48.90 0.39
N ASN A 120 -23.64 49.81 -0.46
CA ASN A 120 -24.78 49.52 -1.31
C ASN A 120 -24.39 49.22 -2.76
N LEU A 121 -23.12 48.94 -3.01
CA LEU A 121 -22.52 48.59 -4.30
C LEU A 121 -22.31 49.83 -5.20
N GLU A 122 -22.87 50.99 -4.86
CA GLU A 122 -22.50 52.22 -5.55
C GLU A 122 -21.94 53.27 -4.61
N GLY A 123 -21.63 52.90 -3.37
CA GLY A 123 -20.88 53.79 -2.49
C GLY A 123 -21.51 54.11 -1.15
N GLU A 124 -22.83 54.34 -1.12
CA GLU A 124 -23.47 54.74 0.12
C GLU A 124 -23.39 53.64 1.17
N ALA A 125 -23.08 54.04 2.40
CA ALA A 125 -22.89 53.11 3.50
C ALA A 125 -24.05 53.19 4.47
N GLU A 126 -24.16 52.17 5.31
CA GLU A 126 -25.15 52.18 6.38
C GLU A 126 -24.76 53.23 7.42
N GLU A 127 -25.77 53.74 8.14
CA GLU A 127 -25.58 54.92 8.98
C GLU A 127 -24.50 54.70 10.04
N SER A 128 -24.53 53.54 10.72
CA SER A 128 -23.48 53.25 11.69
C SER A 128 -22.13 53.08 11.01
N CYS A 129 -22.12 52.50 9.81
CA CYS A 129 -20.88 52.42 9.04
C CYS A 129 -20.34 53.82 8.74
N ALA A 130 -21.23 54.76 8.42
CA ALA A 130 -20.80 56.14 8.20
C ALA A 130 -20.22 56.73 9.48
N LEU A 131 -20.85 56.46 10.63
CA LEU A 131 -20.34 57.00 11.88
C LEU A 131 -18.96 56.45 12.21
N VAL A 132 -18.76 55.12 12.05
CA VAL A 132 -17.52 54.50 12.50
C VAL A 132 -16.35 54.71 11.56
N LEU A 133 -16.53 55.48 10.48
CA LEU A 133 -15.47 55.70 9.51
C LEU A 133 -15.35 57.18 9.21
N ARG A 134 -14.12 57.60 8.89
CA ARG A 134 -13.85 59.00 8.59
C ARG A 134 -14.36 59.36 7.21
N GLY A 135 -14.62 60.66 7.02
CA GLY A 135 -15.19 61.12 5.76
C GLY A 135 -14.32 60.84 4.55
N SER A 136 -13.00 60.95 4.73
CA SER A 136 -12.08 60.63 3.63
C SER A 136 -12.20 59.16 3.24
N GLN A 137 -12.35 58.29 4.23
CA GLN A 137 -12.58 56.87 3.94
C GLN A 137 -13.86 56.67 3.17
N LEU A 138 -14.93 57.37 3.55
CA LEU A 138 -16.19 57.26 2.80
C LEU A 138 -16.02 57.73 1.36
N GLN A 139 -15.29 58.82 1.15
CA GLN A 139 -15.06 59.30 -0.22
C GLN A 139 -14.27 58.29 -1.03
N ASP A 140 -13.25 57.67 -0.41
CA ASP A 140 -12.46 56.66 -1.10
C ASP A 140 -13.31 55.44 -1.46
N ILE A 141 -14.19 55.03 -0.56
CA ILE A 141 -15.10 53.92 -0.85
C ILE A 141 -16.06 54.29 -1.98
N LYS A 142 -16.56 55.52 -1.97
CA LYS A 142 -17.39 56.00 -3.09
C LYS A 142 -16.64 55.86 -4.40
N GLY A 143 -15.39 56.30 -4.42
CA GLY A 143 -14.61 56.22 -5.65
C GLY A 143 -14.41 54.79 -6.12
N PHE A 144 -14.02 53.90 -5.20
CA PHE A 144 -13.79 52.51 -5.60
C PHE A 144 -15.07 51.85 -6.08
N LEU A 145 -16.19 52.04 -5.36
CA LEU A 145 -17.44 51.43 -5.79
C LEU A 145 -17.92 51.97 -7.13
N CYS A 146 -17.82 53.28 -7.38
CA CYS A 146 -18.24 53.78 -8.68
C CYS A 146 -17.35 53.24 -9.79
N ARG A 147 -16.03 53.22 -9.55
CA ARG A 147 -15.09 52.79 -10.59
C ARG A 147 -15.26 51.30 -10.88
N ALA A 148 -15.61 50.50 -9.88
CA ALA A 148 -15.96 49.10 -10.13
C ALA A 148 -17.34 48.97 -10.77
N LEU A 149 -18.22 49.95 -10.53
CA LEU A 149 -19.54 49.92 -11.15
C LEU A 149 -19.44 50.09 -12.66
N GLU A 150 -18.57 50.98 -13.13
CA GLU A 150 -18.40 51.08 -14.58
C GLU A 150 -17.87 49.77 -15.16
N TRP A 151 -16.95 49.11 -14.45
CA TRP A 151 -16.44 47.81 -14.91
C TRP A 151 -17.56 46.78 -14.98
N VAL A 152 -18.43 46.75 -13.96
CA VAL A 152 -19.53 45.80 -13.95
C VAL A 152 -20.49 46.07 -15.11
N VAL A 153 -20.83 47.35 -15.33
CA VAL A 153 -21.78 47.70 -16.38
C VAL A 153 -21.20 47.39 -17.76
N SER A 154 -19.92 47.70 -17.97
CA SER A 154 -19.31 47.49 -19.29
C SER A 154 -19.29 46.02 -19.66
N ASN A 155 -18.96 45.15 -18.70
CA ASN A 155 -18.91 43.71 -18.93
C ASN A 155 -20.21 43.01 -18.58
N ASN A 156 -21.33 43.74 -18.55
CA ASN A 156 -22.70 43.28 -18.32
C ASN A 156 -22.77 42.11 -17.34
N LEU A 157 -22.15 42.26 -16.18
CA LEU A 157 -22.19 41.26 -15.12
C LEU A 157 -23.09 41.68 -13.95
N THR A 158 -24.08 42.53 -14.21
CA THR A 158 -24.91 43.06 -13.13
C THR A 158 -25.75 41.98 -12.44
N GLN A 159 -25.98 40.84 -13.09
CA GLN A 159 -26.72 39.76 -12.45
C GLN A 159 -25.79 38.87 -11.62
N GLU A 160 -24.62 38.56 -12.17
CA GLU A 160 -23.68 37.69 -11.45
C GLU A 160 -23.18 38.34 -10.17
N VAL A 161 -22.95 39.65 -10.18
CA VAL A 161 -22.45 40.31 -8.99
C VAL A 161 -23.47 40.24 -7.86
N VAL A 162 -24.74 40.50 -8.16
CA VAL A 162 -25.76 40.43 -7.11
C VAL A 162 -25.98 38.99 -6.68
N GLU A 163 -25.87 38.03 -7.61
CA GLU A 163 -26.00 36.63 -7.23
C GLU A 163 -24.89 36.23 -6.26
N THR A 164 -23.65 36.68 -6.51
CA THR A 164 -22.54 36.29 -5.66
C THR A 164 -22.58 37.01 -4.32
N ILE A 165 -22.95 38.28 -4.29
CA ILE A 165 -23.06 38.98 -3.01
C ILE A 165 -24.29 38.55 -2.23
N SER A 166 -25.25 37.87 -2.87
CA SER A 166 -26.41 37.37 -2.15
C SER A 166 -26.13 36.04 -1.47
N GLY A 167 -25.69 35.05 -2.23
CA GLY A 167 -25.48 33.71 -1.72
C GLY A 167 -24.01 33.34 -1.58
N GLU A 168 -23.79 32.07 -1.25
CA GLU A 168 -22.46 31.53 -1.05
C GLU A 168 -21.99 30.83 -2.32
N ALA A 169 -20.84 30.16 -2.25
CA ALA A 169 -20.26 29.52 -3.42
C ALA A 169 -20.96 28.19 -3.71
N LYS A 170 -21.05 27.86 -5.00
CA LYS A 170 -21.61 26.61 -5.46
C LYS A 170 -20.60 25.91 -6.35
N LEU A 171 -20.38 24.62 -6.08
CA LEU A 171 -19.41 23.85 -6.85
C LEU A 171 -19.93 23.59 -8.26
N GLN A 172 -18.99 23.52 -9.21
CA GLN A 172 -19.33 23.17 -10.59
C GLN A 172 -18.14 22.50 -11.25
N PHE A 173 -18.43 21.72 -12.28
CA PHE A 173 -17.41 21.11 -13.13
C PHE A 173 -17.94 21.08 -14.54
N SER A 174 -17.33 21.85 -15.43
CA SER A 174 -17.83 22.06 -16.78
C SER A 174 -16.92 21.39 -17.79
N VAL A 175 -17.50 20.61 -18.68
CA VAL A 175 -16.76 20.02 -19.81
C VAL A 175 -17.09 20.85 -21.04
N GLY A 176 -16.05 21.34 -21.72
CA GLY A 176 -16.23 22.22 -22.85
C GLY A 176 -16.72 21.48 -24.08
N THR A 177 -17.02 22.26 -25.12
CA THR A 177 -17.56 21.68 -26.34
C THR A 177 -16.49 20.91 -27.11
N THR A 178 -15.24 21.36 -27.05
CA THR A 178 -14.18 20.68 -27.81
C THR A 178 -13.82 19.35 -27.17
N PHE A 179 -13.71 19.31 -25.84
CA PHE A 179 -13.39 18.05 -25.16
C PHE A 179 -14.53 17.06 -25.30
N ARG A 180 -15.77 17.54 -25.35
CA ARG A 180 -16.93 16.65 -25.40
C ARG A 180 -16.96 15.83 -26.68
N THR A 181 -16.64 16.45 -27.83
CA THR A 181 -16.63 15.71 -29.08
C THR A 181 -15.55 14.63 -29.07
N LEU A 182 -14.35 14.98 -28.58
CA LEU A 182 -13.27 14.00 -28.49
C LEU A 182 -13.67 12.85 -27.58
N LEU A 183 -14.38 13.16 -26.49
CA LEU A 183 -14.86 12.11 -25.59
C LEU A 183 -15.88 11.21 -26.29
N LYS A 184 -16.77 11.81 -27.09
CA LYS A 184 -17.85 11.09 -27.73
C LYS A 184 -17.47 10.49 -29.08
N ARG A 185 -16.19 10.59 -29.48
CA ARG A 185 -15.78 10.02 -30.75
C ARG A 185 -16.06 8.52 -30.83
N ASP A 186 -15.75 7.77 -29.77
CA ASP A 186 -15.77 6.31 -29.84
C ASP A 186 -16.89 5.68 -29.02
N THR A 187 -17.96 6.41 -28.75
CA THR A 187 -19.12 5.85 -28.06
C THR A 187 -20.40 6.36 -28.70
N ASP A 188 -21.40 5.48 -28.81
CA ASP A 188 -22.69 5.87 -29.35
C ASP A 188 -23.43 6.81 -28.40
N TRP A 189 -23.33 6.55 -27.11
CA TRP A 189 -24.03 7.37 -26.12
C TRP A 189 -23.31 8.72 -25.96
N ASP A 190 -23.94 9.61 -25.21
CA ASP A 190 -23.38 10.90 -24.89
C ASP A 190 -22.78 10.88 -23.48
N VAL A 191 -22.40 12.05 -22.98
CA VAL A 191 -21.70 12.13 -21.70
C VAL A 191 -22.58 11.60 -20.57
N ILE A 192 -23.85 11.96 -20.57
CA ILE A 192 -24.80 11.44 -19.59
C ILE A 192 -25.66 10.38 -20.28
N PRO A 193 -25.30 9.08 -20.17
CA PRO A 193 -26.00 8.06 -20.95
C PRO A 193 -27.50 8.05 -20.73
N THR A 194 -28.26 8.22 -21.82
CA THR A 194 -29.72 8.22 -21.76
C THR A 194 -30.25 7.27 -22.83
N PRO A 195 -30.10 5.96 -22.62
CA PRO A 195 -30.66 5.00 -23.57
C PRO A 195 -32.18 4.99 -23.51
N ARG A 196 -32.80 4.94 -24.68
CA ARG A 196 -34.26 4.96 -24.78
C ARG A 196 -34.81 3.54 -24.89
N VAL A 197 -34.54 2.75 -23.86
CA VAL A 197 -34.98 1.36 -23.78
C VAL A 197 -35.67 1.16 -22.44
N GLU A 198 -36.70 0.34 -22.42
CA GLU A 198 -37.46 0.09 -21.19
C GLU A 198 -36.70 -0.87 -20.30
N PRO A 199 -36.41 -0.51 -19.05
CA PRO A 199 -35.65 -1.41 -18.16
C PRO A 199 -36.39 -2.73 -17.93
N ASN A 200 -35.74 -3.83 -18.29
CA ASN A 200 -36.27 -5.17 -18.01
C ASN A 200 -35.13 -6.16 -18.08
N VAL A 201 -35.35 -7.33 -17.48
CA VAL A 201 -34.39 -8.42 -17.50
C VAL A 201 -34.86 -9.48 -18.49
N PRO A 202 -34.13 -9.72 -19.57
CA PRO A 202 -34.54 -10.76 -20.52
C PRO A 202 -34.51 -12.13 -19.89
N ARG A 203 -35.39 -13.01 -20.36
CA ARG A 203 -35.43 -14.41 -19.95
C ARG A 203 -34.67 -15.21 -20.99
N ILE A 204 -33.48 -15.67 -20.64
CA ILE A 204 -32.58 -16.36 -21.56
C ILE A 204 -32.54 -17.84 -21.21
N GLU A 205 -32.59 -18.68 -22.24
CA GLU A 205 -32.46 -20.12 -22.06
C GLU A 205 -30.98 -20.51 -22.09
N GLY A 206 -30.59 -21.38 -21.18
CA GLY A 206 -29.21 -21.79 -21.05
C GLY A 206 -29.06 -23.29 -21.25
N ARG A 207 -28.19 -23.89 -20.44
CA ARG A 207 -27.89 -25.31 -20.51
C ARG A 207 -28.01 -25.92 -19.14
N ARG A 208 -28.21 -27.23 -19.10
CA ARG A 208 -28.33 -27.94 -17.84
C ARG A 208 -26.97 -28.07 -17.16
N TRP A 209 -26.99 -28.37 -15.87
CA TRP A 209 -25.78 -28.56 -15.08
C TRP A 209 -25.55 -30.05 -14.87
N THR A 210 -24.35 -30.50 -15.21
CA THR A 210 -24.03 -31.92 -15.16
C THR A 210 -23.28 -32.26 -13.87
N GLN A 211 -23.47 -33.50 -13.42
CA GLN A 211 -22.81 -34.00 -12.23
C GLN A 211 -21.54 -34.74 -12.63
N MET A 212 -20.42 -34.37 -12.03
CA MET A 212 -19.15 -35.04 -12.30
C MET A 212 -19.13 -36.36 -11.52
N LYS A 213 -19.57 -37.44 -12.16
CA LYS A 213 -19.71 -38.72 -11.50
C LYS A 213 -18.36 -39.32 -11.10
N LYS A 214 -17.34 -39.14 -11.93
CA LYS A 214 -16.03 -39.72 -11.70
C LYS A 214 -14.97 -38.64 -11.83
N LEU A 215 -13.90 -38.76 -11.06
CA LEU A 215 -12.85 -37.76 -11.08
C LEU A 215 -12.11 -37.78 -12.41
N PRO A 216 -11.68 -36.62 -12.90
CA PRO A 216 -10.97 -36.58 -14.18
C PRO A 216 -9.65 -37.34 -14.11
N LEU A 217 -9.24 -37.87 -15.25
CA LEU A 217 -7.99 -38.61 -15.38
C LEU A 217 -7.02 -37.75 -16.19
N LEU A 218 -5.91 -37.37 -15.56
CA LEU A 218 -4.91 -36.55 -16.23
C LEU A 218 -4.18 -37.35 -17.30
N LYS A 219 -3.87 -36.69 -18.41
CA LYS A 219 -3.14 -37.33 -19.49
C LYS A 219 -1.68 -37.53 -19.10
N GLU A 220 -1.05 -38.53 -19.71
CA GLU A 220 0.36 -38.82 -19.52
C GLU A 220 1.06 -38.73 -20.87
N LYS A 221 1.93 -37.73 -21.02
CA LYS A 221 2.64 -37.53 -22.26
C LYS A 221 3.62 -38.68 -22.51
N GLU A 222 3.87 -38.94 -23.80
CA GLU A 222 4.76 -40.01 -24.22
C GLU A 222 5.95 -39.40 -24.95
N GLY A 223 7.16 -39.81 -24.57
CA GLY A 223 8.37 -39.31 -25.18
C GLY A 223 9.60 -39.81 -24.47
N PRO A 224 10.75 -39.23 -24.78
CA PRO A 224 11.98 -39.62 -24.09
C PRO A 224 11.90 -39.27 -22.62
N PRO A 225 12.58 -40.02 -21.77
CA PRO A 225 12.58 -39.69 -20.33
C PRO A 225 13.16 -38.32 -20.08
N SER A 226 12.57 -37.61 -19.13
CA SER A 226 13.06 -36.27 -18.79
C SER A 226 14.38 -36.36 -18.04
N PRO A 227 15.33 -35.47 -18.31
CA PRO A 227 16.59 -35.50 -17.57
C PRO A 227 16.53 -34.69 -16.29
N TRP A 228 17.64 -34.62 -15.57
CA TRP A 228 17.73 -33.84 -14.33
C TRP A 228 18.10 -32.42 -14.71
N ARG A 229 17.10 -31.53 -14.73
CA ARG A 229 17.28 -30.15 -15.15
C ARG A 229 17.57 -29.20 -14.00
N ALA A 230 17.66 -29.70 -12.76
CA ALA A 230 17.94 -28.83 -11.63
C ALA A 230 19.40 -28.37 -11.67
N LEU A 231 19.68 -27.32 -10.90
CA LEU A 231 21.02 -26.75 -10.88
C LEU A 231 22.01 -27.68 -10.19
N LEU A 232 21.72 -28.08 -8.97
CA LEU A 232 22.61 -28.98 -8.23
C LEU A 232 22.27 -30.43 -8.59
N LEU A 233 22.84 -31.38 -7.85
CA LEU A 233 22.67 -32.79 -8.19
C LEU A 233 21.52 -33.46 -7.44
N GLY A 234 21.18 -33.01 -6.24
CA GLY A 234 20.07 -33.58 -5.52
C GLY A 234 20.49 -34.80 -4.72
N ALA A 235 19.74 -35.89 -4.86
CA ALA A 235 20.00 -37.09 -4.08
C ALA A 235 21.37 -37.69 -4.41
N ASP A 236 21.72 -37.70 -5.70
CA ASP A 236 23.00 -38.28 -6.13
C ASP A 236 24.15 -37.29 -5.90
N SER A 237 24.27 -36.85 -4.65
CA SER A 237 25.30 -35.92 -4.24
C SER A 237 25.92 -36.42 -2.95
N GLU A 238 27.25 -36.48 -2.92
CA GLU A 238 28.00 -36.95 -1.76
C GLU A 238 29.06 -35.92 -1.40
N TYR A 239 29.70 -36.14 -0.25
CA TYR A 239 30.72 -35.23 0.25
C TYR A 239 31.98 -36.02 0.57
N ILE A 240 33.11 -35.30 0.58
CA ILE A 240 34.41 -35.88 0.91
C ILE A 240 34.79 -35.37 2.29
N VAL A 241 35.05 -36.29 3.22
CA VAL A 241 35.50 -35.92 4.55
C VAL A 241 36.92 -35.40 4.47
N CYS A 242 37.18 -34.31 5.17
CA CYS A 242 38.47 -33.64 5.15
C CYS A 242 38.96 -33.37 6.58
N PRO A 243 40.27 -33.22 6.77
CA PRO A 243 40.77 -32.89 8.09
C PRO A 243 40.21 -31.57 8.56
N PRO A 244 39.94 -31.42 9.86
CA PRO A 244 39.33 -30.19 10.36
C PRO A 244 40.21 -28.97 10.06
N GLY A 245 39.56 -27.86 9.72
CA GLY A 245 40.27 -26.64 9.41
C GLY A 245 39.36 -25.68 8.68
N THR A 246 39.99 -24.65 8.10
CA THR A 246 39.27 -23.64 7.35
C THR A 246 38.93 -24.17 5.96
N ASP A 247 38.18 -23.37 5.21
CA ASP A 247 37.81 -23.77 3.85
C ASP A 247 39.04 -23.90 2.96
N GLN A 248 39.96 -22.94 3.06
CA GLN A 248 41.19 -23.01 2.27
C GLN A 248 42.05 -24.19 2.67
N GLU A 249 42.10 -24.49 3.97
CA GLU A 249 42.90 -25.62 4.44
C GLU A 249 42.36 -26.96 3.95
N ALA A 250 41.11 -27.01 3.53
CA ALA A 250 40.52 -28.21 2.94
C ALA A 250 40.64 -28.21 1.42
N ILE A 251 40.45 -27.06 0.78
CA ILE A 251 40.60 -26.99 -0.68
C ILE A 251 42.03 -27.29 -1.08
N SER A 252 43.01 -26.80 -0.30
CA SER A 252 44.41 -27.12 -0.57
C SER A 252 44.66 -28.62 -0.43
N TRP A 253 44.08 -29.25 0.59
CA TRP A 253 44.23 -30.69 0.77
C TRP A 253 43.66 -31.46 -0.41
N ILE A 254 42.47 -31.06 -0.87
CA ILE A 254 41.87 -31.72 -2.03
C ILE A 254 42.74 -31.53 -3.27
N HIS A 255 43.20 -30.29 -3.51
CA HIS A 255 44.00 -30.01 -4.69
C HIS A 255 45.33 -30.74 -4.67
N SER A 256 45.89 -30.97 -3.47
CA SER A 256 47.17 -31.67 -3.38
C SER A 256 47.00 -33.17 -3.54
N GLN A 257 46.12 -33.78 -2.75
CA GLN A 257 45.95 -35.23 -2.75
C GLN A 257 44.72 -35.59 -3.60
N SER A 258 44.89 -35.54 -4.92
CA SER A 258 43.82 -35.94 -5.82
C SER A 258 44.39 -36.22 -7.20
N GLU A 259 43.69 -37.06 -7.95
CA GLU A 259 43.96 -37.30 -9.36
C GLU A 259 42.65 -37.20 -10.12
N ILE A 260 42.68 -36.50 -11.26
CA ILE A 260 41.49 -36.23 -12.05
C ILE A 260 41.64 -36.91 -13.40
N GLU A 261 40.71 -37.81 -13.72
CA GLU A 261 40.62 -38.43 -15.03
C GLU A 261 39.16 -38.48 -15.45
N CYS A 262 38.95 -38.42 -16.76
CA CYS A 262 37.60 -38.34 -17.31
C CYS A 262 37.05 -39.73 -17.56
N ILE A 263 35.91 -40.03 -16.95
CA ILE A 263 35.16 -41.25 -17.25
C ILE A 263 34.14 -41.01 -18.35
N ARG A 264 33.38 -39.92 -18.24
CA ARG A 264 32.35 -39.57 -19.20
C ARG A 264 32.58 -38.14 -19.69
N GLU A 265 32.37 -37.93 -20.98
CA GLU A 265 32.54 -36.61 -21.59
C GLU A 265 31.30 -36.30 -22.41
N SER A 266 30.41 -35.49 -21.84
CA SER A 266 29.22 -35.04 -22.55
C SER A 266 29.57 -33.96 -23.56
N LYS A 267 28.79 -33.91 -24.65
CA LYS A 267 29.04 -32.89 -25.66
C LYS A 267 28.64 -31.50 -25.19
N SER A 268 27.68 -31.41 -24.26
CA SER A 268 27.27 -30.11 -23.74
C SER A 268 28.40 -29.44 -22.98
N THR A 269 29.09 -30.19 -22.13
CA THR A 269 30.21 -29.66 -21.35
C THR A 269 31.48 -30.36 -21.77
N PRO A 270 32.34 -29.71 -22.57
CA PRO A 270 33.58 -30.36 -23.02
C PRO A 270 34.47 -30.72 -21.84
N ALA A 271 35.22 -31.81 -22.00
CA ALA A 271 36.14 -32.26 -20.95
C ALA A 271 37.31 -31.32 -20.74
N SER A 272 37.52 -30.35 -21.63
CA SER A 272 38.62 -29.41 -21.51
C SER A 272 38.37 -28.32 -20.48
N VAL A 273 37.16 -28.23 -19.91
CA VAL A 273 36.87 -27.23 -18.91
C VAL A 273 37.39 -27.62 -17.53
N ILE A 274 37.96 -28.81 -17.39
CA ILE A 274 38.53 -29.22 -16.11
C ILE A 274 39.74 -28.36 -15.73
N THR A 275 40.41 -27.77 -16.72
CA THR A 275 41.54 -26.89 -16.42
C THR A 275 41.08 -25.67 -15.64
N CYS A 276 39.91 -25.13 -15.97
CA CYS A 276 39.37 -24.00 -15.21
C CYS A 276 39.12 -24.40 -13.75
N LEU A 277 38.57 -25.59 -13.54
CA LEU A 277 38.32 -26.05 -12.17
C LEU A 277 39.63 -26.21 -11.41
N THR A 278 40.63 -26.83 -12.05
CA THR A 278 41.92 -27.01 -11.37
C THR A 278 42.56 -25.69 -11.03
N SER A 279 42.50 -24.72 -11.96
CA SER A 279 43.04 -23.40 -11.68
C SER A 279 42.30 -22.72 -10.54
N SER A 280 40.97 -22.87 -10.50
CA SER A 280 40.19 -22.26 -9.43
C SER A 280 40.53 -22.86 -8.07
N LEU A 281 40.64 -24.19 -7.99
CA LEU A 281 41.05 -24.82 -6.74
C LEU A 281 42.45 -24.39 -6.34
N GLN A 282 43.38 -24.31 -7.29
CA GLN A 282 44.73 -23.88 -6.96
C GLN A 282 44.73 -22.45 -6.42
N SER A 283 44.02 -21.54 -7.08
CA SER A 283 43.98 -20.16 -6.64
C SER A 283 43.33 -20.03 -5.26
N PHE A 284 42.24 -20.75 -5.03
CA PHE A 284 41.60 -20.70 -3.72
C PHE A 284 42.51 -21.28 -2.64
N ALA A 285 43.30 -22.30 -2.98
CA ALA A 285 44.26 -22.85 -2.04
C ALA A 285 45.35 -21.84 -1.69
N GLU A 286 45.85 -21.10 -2.68
CA GLU A 286 46.89 -20.12 -2.41
C GLU A 286 46.39 -19.02 -1.49
N GLY A 287 45.16 -18.55 -1.70
CA GLY A 287 44.60 -17.55 -0.82
C GLY A 287 43.74 -16.49 -1.49
N ASN A 288 43.72 -16.47 -2.82
CA ASN A 288 42.89 -15.51 -3.55
C ASN A 288 41.71 -16.21 -4.22
N PRO A 289 40.49 -16.08 -3.67
CA PRO A 289 39.34 -16.75 -4.29
C PRO A 289 39.06 -16.31 -5.71
N VAL A 290 39.32 -15.06 -6.05
CA VAL A 290 39.05 -14.54 -7.38
C VAL A 290 40.30 -14.72 -8.25
N ARG A 291 40.12 -15.29 -9.42
CA ARG A 291 41.21 -15.55 -10.35
C ARG A 291 40.90 -14.94 -11.71
N SER A 292 41.95 -14.72 -12.49
CA SER A 292 41.81 -14.11 -13.80
C SER A 292 41.32 -15.13 -14.82
N ARG A 293 41.24 -14.71 -16.08
CA ARG A 293 40.71 -15.55 -17.14
C ARG A 293 41.79 -16.43 -17.75
N ILE A 294 41.35 -17.55 -18.33
CA ILE A 294 42.23 -18.47 -19.03
C ILE A 294 41.58 -18.76 -20.38
N HIS A 295 42.35 -19.36 -21.29
CA HIS A 295 41.86 -19.62 -22.63
C HIS A 295 40.64 -20.52 -22.64
N GLU A 296 40.55 -21.46 -21.69
CA GLU A 296 39.41 -22.36 -21.62
C GLU A 296 38.19 -21.71 -20.98
N ASP A 297 38.34 -20.55 -20.34
CA ASP A 297 37.20 -19.89 -19.70
C ASP A 297 36.16 -19.44 -20.71
N ILE A 298 36.58 -19.12 -21.94
CA ILE A 298 35.63 -18.71 -22.97
C ILE A 298 34.65 -19.83 -23.26
N ILE A 299 35.15 -21.06 -23.40
CA ILE A 299 34.27 -22.21 -23.61
C ILE A 299 33.50 -22.51 -22.33
N ALA A 300 34.16 -22.40 -21.17
CA ALA A 300 33.52 -22.79 -19.92
C ALA A 300 32.32 -21.92 -19.60
N PHE A 301 32.43 -20.61 -19.79
CA PHE A 301 31.37 -19.68 -19.40
C PHE A 301 30.70 -19.00 -20.60
N GLY A 302 30.98 -19.45 -21.81
CA GLY A 302 30.34 -18.89 -22.98
C GLY A 302 30.64 -17.42 -23.19
N ILE A 303 31.91 -17.04 -23.03
CA ILE A 303 32.31 -15.65 -23.22
C ILE A 303 32.27 -15.31 -24.70
N ASN A 304 31.67 -14.18 -25.03
CA ASN A 304 31.52 -13.72 -26.42
C ASN A 304 30.77 -14.76 -27.27
N LYS A 305 29.77 -15.39 -26.66
CA LYS A 305 28.95 -16.37 -27.36
C LYS A 305 27.81 -15.71 -28.13
N LYS A 306 27.26 -14.60 -27.62
CA LYS A 306 26.19 -13.90 -28.31
C LYS A 306 26.64 -13.41 -29.68
N GLN A 307 27.84 -12.81 -29.74
CA GLN A 307 28.35 -12.31 -31.01
C GLN A 307 28.56 -13.45 -32.01
N GLU A 308 29.13 -14.57 -31.55
CA GLU A 308 29.37 -15.70 -32.43
C GLU A 308 28.06 -16.27 -32.95
N LYS A 309 27.07 -16.44 -32.08
CA LYS A 309 25.79 -16.97 -32.51
C LYS A 309 25.09 -16.01 -33.47
N LYS A 310 25.17 -14.70 -33.21
CA LYS A 310 24.56 -13.74 -34.11
C LYS A 310 25.23 -13.74 -35.48
N GLN A 311 26.57 -13.86 -35.50
CA GLN A 311 27.27 -13.93 -36.77
C GLN A 311 26.89 -15.19 -37.55
N SER A 312 26.80 -16.33 -36.85
CA SER A 312 26.40 -17.57 -37.51
C SER A 312 24.98 -17.46 -38.06
N ALA A 313 24.07 -16.87 -37.28
CA ALA A 313 22.69 -16.72 -37.73
C ALA A 313 22.61 -15.79 -38.93
N SER A 314 23.41 -14.72 -38.93
CA SER A 314 23.44 -13.84 -40.10
C SER A 314 23.99 -14.57 -41.32
N SER A 315 25.00 -15.42 -41.12
CA SER A 315 25.55 -16.19 -42.22
C SER A 315 24.53 -17.16 -42.80
N SER A 316 23.75 -17.81 -41.94
CA SER A 316 22.78 -18.82 -42.36
C SER A 316 21.40 -18.17 -42.42
N ALA A 317 20.94 -17.84 -43.62
CA ALA A 317 19.66 -17.20 -43.84
C ALA A 317 18.85 -18.00 -44.85
N SER A 318 17.52 -17.87 -44.76
CA SER A 318 16.61 -18.60 -45.61
C SER A 318 15.85 -17.69 -46.58
N GLY A 319 15.13 -16.69 -46.07
CA GLY A 319 14.48 -15.72 -46.93
C GLY A 319 12.97 -15.68 -46.91
N GLU A 320 12.36 -15.97 -45.76
CA GLU A 320 10.90 -15.95 -45.66
C GLU A 320 10.38 -14.94 -44.65
N TRP A 321 11.05 -14.77 -43.51
CA TRP A 321 10.59 -13.89 -42.43
C TRP A 321 9.19 -14.29 -41.95
N LYS A 322 9.09 -15.52 -41.45
CA LYS A 322 7.83 -16.03 -40.94
C LYS A 322 7.71 -15.77 -39.44
N ARG A 323 6.48 -15.84 -38.95
CA ARG A 323 6.23 -15.67 -37.52
C ARG A 323 6.92 -16.79 -36.75
N ALA A 324 7.58 -16.42 -35.65
CA ALA A 324 8.32 -17.40 -34.87
C ALA A 324 7.36 -18.34 -34.16
N GLU A 325 7.61 -19.65 -34.29
CA GLU A 325 6.82 -20.67 -33.62
C GLU A 325 7.76 -21.47 -32.73
N TYR A 326 7.73 -21.19 -31.44
CA TYR A 326 8.55 -21.91 -30.47
C TYR A 326 7.81 -23.16 -30.01
N GLN A 327 8.46 -24.31 -30.13
CA GLN A 327 7.88 -25.58 -29.74
C GLN A 327 8.57 -26.07 -28.47
N VAL A 328 7.79 -26.59 -27.53
CA VAL A 328 8.31 -27.13 -26.28
C VAL A 328 8.17 -28.65 -26.34
N GLU A 329 9.30 -29.34 -26.30
CA GLU A 329 9.30 -30.80 -26.43
C GLU A 329 8.59 -31.45 -25.27
N GLU A 330 7.79 -32.47 -25.57
CA GLU A 330 7.06 -33.24 -24.57
C GLU A 330 7.86 -34.48 -24.20
N MET A 331 8.20 -34.61 -22.91
CA MET A 331 8.91 -35.77 -22.41
C MET A 331 8.11 -36.41 -21.30
N SER A 332 8.15 -37.75 -21.26
CA SER A 332 7.35 -38.53 -20.32
C SER A 332 7.98 -38.50 -18.93
N LEU A 333 7.40 -39.28 -18.02
CA LEU A 333 7.88 -39.35 -16.66
C LEU A 333 9.16 -40.20 -16.61
N PRO A 334 10.29 -39.65 -16.18
CA PRO A 334 11.50 -40.45 -16.08
C PRO A 334 11.38 -41.46 -14.94
N PRO A 335 12.11 -42.57 -15.02
CA PRO A 335 12.05 -43.57 -13.95
C PRO A 335 12.87 -43.23 -12.72
N TRP A 336 13.62 -42.13 -12.72
CA TRP A 336 14.46 -41.79 -11.58
C TRP A 336 13.74 -40.96 -10.52
N VAL A 337 12.49 -40.57 -10.75
CA VAL A 337 11.77 -39.80 -9.74
C VAL A 337 11.51 -40.65 -8.51
N GLU A 338 11.11 -41.91 -8.70
CA GLU A 338 10.86 -42.79 -7.56
C GLU A 338 12.13 -43.06 -6.76
N GLU A 339 13.24 -43.31 -7.46
CA GLU A 339 14.49 -43.56 -6.75
C GLU A 339 15.01 -42.30 -6.07
N GLU A 340 14.77 -41.13 -6.66
CA GLU A 340 15.11 -39.89 -5.99
C GLU A 340 14.29 -39.70 -4.72
N MET A 341 12.99 -40.01 -4.79
CA MET A 341 12.14 -39.84 -3.62
C MET A 341 12.46 -40.85 -2.53
N VAL A 342 12.89 -42.06 -2.90
CA VAL A 342 13.23 -43.05 -1.89
C VAL A 342 14.64 -42.85 -1.33
N LEU A 343 15.56 -42.28 -2.12
CA LEU A 343 16.89 -41.96 -1.60
C LEU A 343 16.86 -40.72 -0.73
N LEU A 344 16.05 -39.72 -1.11
CA LEU A 344 15.98 -38.49 -0.32
C LEU A 344 15.37 -38.71 1.05
N ARG A 345 14.68 -39.82 1.25
CA ARG A 345 14.07 -40.15 2.53
C ARG A 345 14.97 -41.00 3.41
N SER A 346 16.16 -41.37 2.91
CA SER A 346 17.06 -42.22 3.67
C SER A 346 17.55 -41.52 4.93
N ASP A 347 17.93 -42.33 5.91
CA ASP A 347 18.33 -41.84 7.23
C ASP A 347 19.84 -41.67 7.29
N GLN A 348 20.28 -40.48 7.65
CA GLN A 348 21.70 -40.19 7.85
C GLN A 348 22.05 -40.39 9.32
N GLU A 349 23.26 -39.96 9.71
CA GLU A 349 23.71 -40.11 11.08
C GLU A 349 23.81 -38.80 11.85
N ASP A 350 23.83 -37.66 11.17
CA ASP A 350 23.95 -36.36 11.82
C ASP A 350 22.71 -35.52 11.56
N ASN A 351 22.52 -34.52 12.41
CA ASN A 351 21.42 -33.57 12.24
C ASN A 351 21.87 -32.47 11.28
N TRP A 352 21.18 -32.35 10.15
CA TRP A 352 21.56 -31.39 9.12
C TRP A 352 20.72 -30.12 9.15
N ILE A 353 19.93 -29.91 10.20
CA ILE A 353 19.18 -28.66 10.37
C ILE A 353 19.66 -28.04 11.68
N GLU A 354 20.54 -27.05 11.57
CA GLU A 354 21.09 -26.34 12.72
C GLU A 354 20.55 -24.91 12.70
N LEU A 355 19.46 -24.69 13.42
CA LEU A 355 18.83 -23.39 13.54
C LEU A 355 18.99 -22.89 14.97
N GLU A 356 19.43 -21.65 15.13
CA GLU A 356 19.64 -21.09 16.45
C GLU A 356 18.32 -21.00 17.21
N LYS A 357 18.33 -21.47 18.45
CA LYS A 357 17.12 -21.48 19.25
C LYS A 357 16.65 -20.08 19.59
N ASN A 358 15.35 -19.87 19.56
CA ASN A 358 14.77 -18.61 19.99
C ASN A 358 14.76 -18.53 21.51
N ALA A 359 14.54 -17.32 22.03
CA ALA A 359 14.43 -17.14 23.46
C ALA A 359 13.14 -17.78 23.97
N ILE A 360 13.12 -18.06 25.27
CA ILE A 360 11.98 -18.69 25.93
C ILE A 360 11.69 -17.90 27.20
N TYR A 361 10.71 -17.01 27.15
CA TYR A 361 10.28 -16.24 28.32
C TYR A 361 8.96 -16.72 28.89
N THR A 362 8.11 -17.32 28.07
CA THR A 362 6.79 -17.76 28.47
C THR A 362 6.62 -19.23 28.11
N GLU A 363 5.83 -19.95 28.91
CA GLU A 363 5.62 -21.38 28.68
C GLU A 363 5.01 -21.65 27.30
N VAL A 364 4.32 -20.66 26.72
CA VAL A 364 3.82 -20.81 25.37
C VAL A 364 4.97 -21.00 24.39
N ASP A 365 6.08 -20.30 24.61
CA ASP A 365 7.25 -20.48 23.77
C ASP A 365 7.94 -21.81 24.05
N GLY A 366 7.99 -22.25 25.30
CA GLY A 366 8.55 -23.56 25.59
C GLY A 366 7.80 -24.68 24.89
N VAL A 367 6.48 -24.58 24.83
CA VAL A 367 5.69 -25.50 24.02
C VAL A 367 6.02 -25.32 22.54
N ALA A 368 6.13 -24.06 22.09
CA ALA A 368 6.41 -23.80 20.69
C ALA A 368 7.79 -24.33 20.28
N GLU A 369 8.81 -24.11 21.11
CA GLU A 369 10.15 -24.57 20.77
C GLU A 369 10.28 -26.08 20.87
N GLY A 370 9.48 -26.72 21.75
CA GLY A 370 9.51 -28.16 21.82
C GLY A 370 9.04 -28.83 20.54
N LEU A 371 7.95 -28.31 19.97
CA LEU A 371 7.44 -28.85 18.71
C LEU A 371 8.44 -28.64 17.58
N VAL A 372 9.06 -27.47 17.53
CA VAL A 372 10.06 -27.21 16.50
C VAL A 372 11.26 -28.12 16.67
N ASP A 373 11.70 -28.33 17.91
CA ASP A 373 12.83 -29.22 18.16
C ASP A 373 12.49 -30.65 17.72
N LYS A 374 11.28 -31.11 18.02
CA LYS A 374 10.88 -32.45 17.60
C LYS A 374 10.81 -32.54 16.08
N TYR A 375 10.29 -31.51 15.42
CA TYR A 375 10.25 -31.51 13.96
C TYR A 375 11.65 -31.57 13.36
N ILE A 376 12.58 -30.80 13.93
CA ILE A 376 13.97 -30.84 13.45
C ILE A 376 14.58 -32.21 13.70
N GLU A 377 14.23 -32.84 14.82
CA GLU A 377 14.71 -34.20 15.08
C GLU A 377 14.17 -35.17 14.02
N ILE A 378 12.90 -35.02 13.65
CA ILE A 378 12.30 -35.92 12.68
C ILE A 378 12.94 -35.75 11.30
N VAL A 379 13.06 -34.51 10.83
CA VAL A 379 13.42 -34.24 9.45
C VAL A 379 14.85 -33.73 9.29
N GLY A 380 15.69 -33.91 10.31
CA GLY A 380 17.06 -33.45 10.23
C GLY A 380 18.02 -34.52 9.80
N ARG A 381 17.92 -35.69 10.43
CA ARG A 381 18.78 -36.83 10.07
C ARG A 381 18.16 -37.55 8.87
N THR A 382 18.26 -36.88 7.72
CA THR A 382 17.66 -37.38 6.49
C THR A 382 18.44 -36.81 5.32
N LYS A 383 18.54 -37.59 4.25
CA LYS A 383 19.29 -37.15 3.07
C LYS A 383 18.75 -35.83 2.53
N VAL A 384 17.43 -35.64 2.56
CA VAL A 384 16.85 -34.43 2.00
C VAL A 384 17.30 -33.21 2.78
N ALA A 385 17.48 -33.33 4.09
CA ALA A 385 17.99 -32.21 4.88
C ALA A 385 19.40 -31.84 4.46
N SER A 386 20.26 -32.84 4.22
CA SER A 386 21.61 -32.56 3.75
C SER A 386 21.59 -31.91 2.38
N VAL A 387 20.68 -32.34 1.52
CA VAL A 387 20.60 -31.75 0.18
C VAL A 387 20.11 -30.29 0.28
N ILE A 388 19.16 -30.03 1.16
CA ILE A 388 18.73 -28.64 1.39
C ILE A 388 19.90 -27.81 1.90
N GLU A 389 20.69 -28.36 2.81
CA GLU A 389 21.87 -27.65 3.31
C GLU A 389 22.83 -27.32 2.18
N LYS A 390 23.21 -28.33 1.39
CA LYS A 390 24.18 -28.09 0.32
C LYS A 390 23.63 -27.09 -0.70
N TRP A 391 22.33 -27.17 -0.99
CA TRP A 391 21.72 -26.17 -1.87
C TRP A 391 21.84 -24.78 -1.27
N GLN A 392 21.63 -24.65 0.03
CA GLN A 392 21.69 -23.32 0.65
C GLN A 392 23.09 -22.74 0.60
N ILE A 393 24.10 -23.54 0.97
CA ILE A 393 25.48 -23.01 0.85
C ILE A 393 25.83 -22.70 -0.60
N ALA A 394 25.46 -23.58 -1.53
CA ALA A 394 25.78 -23.33 -2.93
C ALA A 394 25.14 -22.04 -3.41
N ALA A 395 23.90 -21.77 -2.99
CA ALA A 395 23.22 -20.55 -3.42
C ALA A 395 23.78 -19.32 -2.73
N THR A 396 23.99 -19.38 -1.42
CA THR A 396 24.38 -18.18 -0.67
C THR A 396 25.82 -17.79 -0.91
N ARG A 397 26.74 -18.76 -0.93
CA ARG A 397 28.14 -18.41 -1.16
C ARG A 397 28.39 -17.89 -2.57
N THR A 398 27.44 -18.07 -3.48
CA THR A 398 27.49 -17.47 -4.81
C THR A 398 26.78 -16.13 -4.87
N PHE A 399 25.57 -16.05 -4.30
CA PHE A 399 24.81 -14.80 -4.32
C PHE A 399 25.51 -13.70 -3.54
N SER A 400 26.02 -14.03 -2.34
CA SER A 400 26.66 -13.03 -1.51
C SER A 400 27.92 -12.48 -2.17
N GLN A 401 28.74 -13.36 -2.72
CA GLN A 401 29.97 -12.97 -3.39
C GLN A 401 29.73 -12.65 -4.86
N LEU A 402 28.49 -12.77 -5.32
CA LEU A 402 28.08 -12.19 -6.60
C LEU A 402 28.11 -10.68 -6.45
N HIS A 403 29.22 -10.06 -6.87
CA HIS A 403 29.27 -8.61 -6.89
C HIS A 403 28.23 -8.03 -7.83
N THR A 404 27.68 -8.85 -8.71
CA THR A 404 26.64 -8.54 -9.68
C THR A 404 27.21 -7.62 -10.77
N ASP A 405 28.47 -7.20 -10.64
CA ASP A 405 29.20 -6.46 -11.67
C ASP A 405 30.68 -6.86 -11.57
N ARG A 406 31.06 -7.87 -12.36
CA ARG A 406 32.40 -8.41 -12.26
C ARG A 406 32.79 -9.01 -13.61
N SER A 407 34.10 -9.10 -13.84
CA SER A 407 34.64 -9.61 -15.10
C SER A 407 35.77 -10.60 -14.87
N ARG A 408 35.77 -11.27 -13.71
CA ARG A 408 36.76 -12.28 -13.42
C ARG A 408 36.08 -13.48 -12.78
N ILE A 409 36.72 -14.65 -12.93
CA ILE A 409 36.14 -15.91 -12.47
C ILE A 409 36.24 -15.99 -10.95
N THR A 410 35.14 -16.40 -10.32
CA THR A 410 35.04 -16.47 -8.86
C THR A 410 34.74 -17.90 -8.43
N ALA A 411 35.39 -18.34 -7.35
CA ALA A 411 35.24 -19.68 -6.82
C ALA A 411 34.50 -19.63 -5.49
N CYS A 412 33.45 -20.45 -5.36
CA CYS A 412 32.62 -20.51 -4.16
C CYS A 412 32.48 -21.96 -3.73
N PRO A 413 33.41 -22.47 -2.92
CA PRO A 413 33.35 -23.87 -2.50
C PRO A 413 32.10 -24.16 -1.69
N ILE A 414 31.59 -25.38 -1.83
CA ILE A 414 30.45 -25.87 -1.05
C ILE A 414 31.05 -26.75 0.05
N ILE A 415 31.32 -26.16 1.20
CA ILE A 415 31.94 -26.84 2.32
C ILE A 415 31.06 -26.68 3.55
N THR A 416 30.74 -27.79 4.20
CA THR A 416 30.02 -27.82 5.46
C THR A 416 30.91 -28.42 6.55
N ARG A 417 30.35 -28.55 7.74
CA ARG A 417 31.10 -29.09 8.87
C ARG A 417 30.22 -30.04 9.67
N ASP A 418 30.76 -31.21 9.99
CA ASP A 418 30.08 -32.17 10.85
C ASP A 418 30.30 -31.80 12.31
N PRO A 419 29.53 -32.39 13.24
CA PRO A 419 29.77 -32.11 14.65
C PRO A 419 31.17 -32.46 15.12
N SER A 420 31.84 -33.42 14.47
CA SER A 420 33.20 -33.76 14.81
C SER A 420 34.22 -32.75 14.30
N GLY A 421 33.79 -31.78 13.49
CA GLY A 421 34.68 -30.75 12.97
C GLY A 421 35.29 -31.05 11.61
N ASN A 422 35.10 -32.26 11.09
CA ASN A 422 35.65 -32.60 9.78
C ASN A 422 34.95 -31.80 8.69
N CYS A 423 35.73 -31.29 7.74
CA CYS A 423 35.17 -30.57 6.61
C CYS A 423 34.51 -31.54 5.63
N GLN A 424 33.51 -31.05 4.91
CA GLN A 424 32.74 -31.84 3.95
C GLN A 424 32.68 -31.07 2.64
N PHE A 425 33.48 -31.49 1.67
CA PHE A 425 33.55 -30.83 0.36
C PHE A 425 32.48 -31.44 -0.54
N TRP A 426 31.31 -30.80 -0.56
CA TRP A 426 30.24 -31.26 -1.45
C TRP A 426 30.60 -30.98 -2.90
N GLY A 427 31.18 -29.83 -3.18
CA GLY A 427 31.52 -29.46 -4.55
C GLY A 427 31.96 -28.01 -4.60
N MET A 428 32.07 -27.49 -5.82
CA MET A 428 32.49 -26.12 -6.04
C MET A 428 31.60 -25.47 -7.09
N VAL A 429 31.34 -24.18 -6.89
CA VAL A 429 30.59 -23.36 -7.85
C VAL A 429 31.53 -22.27 -8.35
N LEU A 430 31.68 -22.18 -9.66
CA LEU A 430 32.59 -21.23 -10.28
C LEU A 430 31.79 -20.11 -10.93
N LEU A 431 31.71 -18.97 -10.25
CA LEU A 431 31.07 -17.80 -10.81
C LEU A 431 31.94 -17.20 -11.91
N GLY A 432 31.31 -16.87 -13.05
CA GLY A 432 32.02 -16.34 -14.17
C GLY A 432 31.73 -14.88 -14.41
N PRO A 433 32.24 -14.34 -15.53
CA PRO A 433 31.95 -12.94 -15.87
C PRO A 433 30.46 -12.67 -15.99
N HIS A 434 29.93 -11.84 -15.10
CA HIS A 434 28.50 -11.58 -15.01
C HIS A 434 28.25 -10.07 -14.94
N HIS A 435 27.24 -9.62 -15.67
CA HIS A 435 26.84 -8.22 -15.68
C HIS A 435 25.32 -8.13 -15.67
N VAL A 436 24.69 -8.93 -14.81
CA VAL A 436 23.24 -9.06 -14.82
C VAL A 436 22.60 -7.79 -14.25
N LYS A 437 21.66 -7.22 -15.00
CA LYS A 437 20.85 -6.11 -14.54
C LYS A 437 19.37 -6.46 -14.49
N ARG A 438 18.81 -6.96 -15.58
CA ARG A 438 17.40 -7.34 -15.60
C ARG A 438 17.17 -8.59 -14.76
N ASP A 439 15.91 -8.79 -14.37
CA ASP A 439 15.54 -9.95 -13.58
C ASP A 439 15.56 -11.26 -14.38
N THR A 440 15.73 -11.19 -15.69
CA THR A 440 15.81 -12.39 -16.54
C THR A 440 17.23 -12.71 -16.97
N ASP A 441 18.20 -11.87 -16.63
CA ASP A 441 19.58 -12.10 -17.04
C ASP A 441 20.18 -13.27 -16.27
N ASN A 442 21.00 -14.06 -16.95
CA ASN A 442 21.58 -15.28 -16.40
C ASN A 442 23.07 -15.07 -16.15
N ALA A 443 23.53 -15.46 -14.95
CA ALA A 443 24.94 -15.39 -14.61
C ALA A 443 25.62 -16.70 -14.96
N PRO A 444 26.68 -16.70 -15.77
CA PRO A 444 27.34 -17.95 -16.13
C PRO A 444 27.92 -18.67 -14.91
N LEU A 445 27.70 -19.98 -14.85
CA LEU A 445 28.18 -20.82 -13.77
C LEU A 445 28.83 -22.07 -14.35
N LEU A 446 29.75 -22.64 -13.59
CA LEU A 446 30.40 -23.92 -13.90
C LEU A 446 30.48 -24.69 -12.58
N ILE A 447 29.49 -25.54 -12.34
CA ILE A 447 29.36 -26.22 -11.05
C ILE A 447 30.01 -27.60 -11.15
N ALA A 448 30.97 -27.85 -10.26
CA ALA A 448 31.59 -29.16 -10.11
C ALA A 448 31.07 -29.78 -8.83
N GLU A 449 30.61 -31.03 -8.91
CA GLU A 449 29.90 -31.64 -7.82
C GLU A 449 30.32 -33.10 -7.69
N ILE A 450 30.32 -33.59 -6.45
CA ILE A 450 30.69 -34.98 -6.17
C ILE A 450 29.46 -35.87 -6.36
N MET A 451 29.61 -36.90 -7.19
CA MET A 451 28.50 -37.79 -7.51
C MET A 451 28.52 -39.03 -6.61
N GLY A 452 27.45 -39.81 -6.67
CA GLY A 452 27.40 -41.09 -6.02
C GLY A 452 27.23 -42.22 -7.01
N GLU A 453 26.56 -41.92 -8.12
CA GLU A 453 26.35 -42.89 -9.20
C GLU A 453 25.88 -42.20 -10.48
N ASP A 454 26.57 -42.45 -11.58
CA ASP A 454 26.25 -41.86 -12.88
C ASP A 454 25.11 -42.65 -13.53
N THR A 455 24.35 -41.97 -14.41
CA THR A 455 23.20 -42.64 -15.01
C THR A 455 23.16 -42.58 -16.53
N GLU A 456 23.43 -41.42 -17.14
CA GLU A 456 23.45 -41.21 -18.59
C GLU A 456 22.06 -41.22 -19.24
N GLU A 457 21.01 -41.52 -18.47
CA GLU A 457 19.67 -41.11 -18.87
C GLU A 457 19.05 -40.12 -17.90
N LYS A 458 19.74 -39.82 -16.80
CA LYS A 458 19.34 -38.79 -15.87
C LYS A 458 20.24 -37.57 -15.89
N TYR A 459 21.50 -37.73 -16.28
CA TYR A 459 22.47 -36.65 -16.34
C TYR A 459 23.15 -36.64 -17.71
N PRO A 460 22.42 -36.24 -18.76
CA PRO A 460 23.01 -36.29 -20.10
C PRO A 460 24.00 -35.18 -20.37
N LYS A 461 23.85 -34.02 -19.74
CA LYS A 461 24.73 -32.87 -19.98
C LYS A 461 25.86 -32.76 -18.97
N HIS A 462 26.00 -33.73 -18.07
CA HIS A 462 27.02 -33.70 -17.04
C HIS A 462 28.22 -34.53 -17.48
N SER A 463 29.41 -33.94 -17.38
CA SER A 463 30.65 -34.65 -17.64
C SER A 463 31.17 -35.23 -16.33
N VAL A 464 31.34 -36.55 -16.28
CA VAL A 464 31.74 -37.25 -15.07
C VAL A 464 33.23 -37.50 -15.10
N PHE A 465 33.91 -37.14 -14.01
CA PHE A 465 35.34 -37.36 -13.84
C PHE A 465 35.58 -38.31 -12.67
N SER A 466 36.72 -38.98 -12.70
CA SER A 466 37.11 -39.91 -11.65
C SER A 466 38.05 -39.19 -10.68
N LEU A 467 37.67 -39.16 -9.41
CA LEU A 467 38.43 -38.48 -8.38
C LEU A 467 38.95 -39.50 -7.37
N LYS A 468 40.26 -39.50 -7.15
CA LYS A 468 40.90 -40.42 -6.22
C LYS A 468 41.53 -39.62 -5.10
N VAL A 469 41.05 -39.80 -3.88
CA VAL A 469 41.54 -39.07 -2.72
C VAL A 469 41.81 -40.09 -1.61
N GLU A 470 43.08 -40.29 -1.28
CA GLU A 470 43.51 -41.20 -0.22
C GLU A 470 42.86 -42.57 -0.35
N GLU A 471 43.13 -43.24 -1.48
CA GLU A 471 42.66 -44.58 -1.82
C GLU A 471 41.14 -44.66 -1.97
N LYS A 472 40.43 -43.53 -1.90
CA LYS A 472 38.98 -43.50 -2.06
C LYS A 472 38.64 -42.94 -3.43
N GLN A 473 37.72 -43.61 -4.13
CA GLN A 473 37.34 -43.24 -5.49
C GLN A 473 35.97 -42.59 -5.46
N PHE A 474 35.93 -41.29 -5.77
CA PHE A 474 34.68 -40.55 -5.93
C PHE A 474 34.49 -40.19 -7.40
N LEU A 475 33.30 -39.69 -7.71
CA LEU A 475 32.95 -39.24 -9.05
C LEU A 475 32.66 -37.75 -9.01
N LEU A 476 33.28 -37.01 -9.93
CA LEU A 476 33.14 -35.57 -10.02
C LEU A 476 32.40 -35.21 -11.29
N SER A 477 31.33 -34.44 -11.17
CA SER A 477 30.50 -34.03 -12.30
C SER A 477 30.62 -32.53 -12.52
N LEU A 478 30.92 -32.14 -13.75
CA LEU A 478 31.00 -30.73 -14.12
C LEU A 478 29.90 -30.42 -15.13
N LYS A 479 29.16 -29.34 -14.87
CA LYS A 479 28.11 -28.88 -15.77
C LYS A 479 28.25 -27.39 -15.98
N ILE A 480 27.83 -26.93 -17.16
CA ILE A 480 27.83 -25.53 -17.51
C ILE A 480 26.39 -25.02 -17.41
N THR A 481 26.14 -24.13 -16.46
CA THR A 481 24.81 -23.61 -16.21
C THR A 481 24.82 -22.09 -16.20
N SER A 482 23.66 -21.52 -16.46
CA SER A 482 23.46 -20.07 -16.40
C SER A 482 22.27 -19.82 -15.50
N PHE A 483 22.52 -19.23 -14.33
CA PHE A 483 21.53 -19.13 -13.27
C PHE A 483 21.25 -17.66 -12.98
N SER A 484 19.98 -17.28 -13.03
CA SER A 484 19.59 -15.89 -12.89
C SER A 484 19.70 -15.43 -11.44
N ARG A 485 19.66 -14.10 -11.26
CA ARG A 485 19.77 -13.53 -9.93
C ARG A 485 18.56 -13.88 -9.07
N ASN A 486 17.37 -13.88 -9.68
CA ASN A 486 16.15 -14.20 -8.92
C ASN A 486 16.19 -15.63 -8.40
N LYS A 487 16.66 -16.57 -9.21
CA LYS A 487 16.71 -17.96 -8.77
C LYS A 487 17.78 -18.17 -7.71
N LEU A 488 18.92 -17.48 -7.83
CA LEU A 488 19.92 -17.52 -6.77
C LEU A 488 19.36 -16.96 -5.47
N TYR A 489 18.58 -15.88 -5.58
CA TYR A 489 17.95 -15.30 -4.39
C TYR A 489 16.97 -16.27 -3.75
N THR A 490 16.09 -16.87 -4.55
CA THR A 490 15.06 -17.73 -3.98
C THR A 490 15.61 -19.06 -3.49
N PHE A 491 16.76 -19.49 -4.00
CA PHE A 491 17.40 -20.68 -3.47
C PHE A 491 18.36 -20.37 -2.32
N SER A 492 18.63 -19.08 -2.07
CA SER A 492 19.35 -18.72 -0.86
C SER A 492 18.48 -18.86 0.39
N ASN A 493 17.16 -18.89 0.21
CA ASN A 493 16.21 -19.11 1.29
C ASN A 493 15.53 -20.46 1.15
N ILE A 494 16.27 -21.46 0.65
CA ILE A 494 15.70 -22.77 0.39
C ILE A 494 15.24 -23.47 1.68
N ARG A 495 15.76 -23.06 2.84
CA ARG A 495 15.32 -23.67 4.08
C ARG A 495 13.86 -23.40 4.38
N ARG A 496 13.24 -22.43 3.69
CA ARG A 496 11.83 -22.14 3.90
C ARG A 496 10.93 -23.32 3.55
N VAL A 497 11.41 -24.28 2.77
CA VAL A 497 10.60 -25.41 2.37
C VAL A 497 10.24 -26.29 3.56
N LEU A 498 10.99 -26.20 4.66
CA LEU A 498 10.70 -26.99 5.85
C LEU A 498 9.35 -26.63 6.47
N ILE A 499 8.81 -25.45 6.15
CA ILE A 499 7.66 -24.93 6.88
C ILE A 499 6.40 -25.73 6.58
N GLN A 500 6.16 -26.07 5.31
CA GLN A 500 4.91 -26.74 4.94
C GLN A 500 4.76 -28.11 5.60
N PRO A 501 5.72 -29.04 5.50
CA PRO A 501 5.60 -30.28 6.28
C PRO A 501 5.57 -30.02 7.78
N ALA A 502 6.29 -29.00 8.25
CA ALA A 502 6.20 -28.62 9.65
C ALA A 502 4.79 -28.16 9.99
N SER A 503 4.15 -27.41 9.09
CA SER A 503 2.78 -26.98 9.33
C SER A 503 1.84 -28.18 9.42
N ILE A 504 1.99 -29.15 8.53
CA ILE A 504 1.13 -30.34 8.56
C ILE A 504 1.34 -31.10 9.86
N TYR A 505 2.60 -31.34 10.22
CA TYR A 505 2.91 -32.06 11.44
C TYR A 505 2.36 -31.33 12.66
N SER A 506 2.50 -30.00 12.68
CA SER A 506 2.00 -29.19 13.78
C SER A 506 0.49 -29.29 13.89
N GLN A 507 -0.22 -29.25 12.76
CA GLN A 507 -1.67 -29.41 12.81
C GLN A 507 -2.06 -30.76 13.38
N VAL A 508 -1.38 -31.83 12.96
CA VAL A 508 -1.72 -33.16 13.48
C VAL A 508 -1.51 -33.21 14.99
N VAL A 509 -0.32 -32.78 15.44
CA VAL A 509 0.00 -32.88 16.87
C VAL A 509 -0.91 -32.00 17.70
N LEU A 510 -1.18 -30.77 17.24
CA LEU A 510 -2.03 -29.87 18.01
C LEU A 510 -3.48 -30.33 18.02
N SER A 511 -3.95 -30.96 16.94
CA SER A 511 -5.30 -31.53 16.97
C SER A 511 -5.39 -32.69 17.95
N ARG A 512 -4.35 -33.54 18.00
CA ARG A 512 -4.35 -34.63 18.96
C ARG A 512 -4.32 -34.10 20.39
N ALA A 513 -3.52 -33.05 20.62
CA ALA A 513 -3.48 -32.42 21.94
C ALA A 513 -4.83 -31.82 22.29
N ALA A 514 -5.50 -31.21 21.31
CA ALA A 514 -6.82 -30.62 21.55
C ALA A 514 -7.84 -31.69 21.94
N GLU A 515 -7.84 -32.83 21.23
CA GLU A 515 -8.82 -33.86 21.59
C GLU A 515 -8.50 -34.45 22.95
N ASN A 516 -7.21 -34.65 23.25
CA ASN A 516 -6.81 -35.18 24.54
C ASN A 516 -6.68 -34.12 25.63
N ASN A 517 -6.86 -32.84 25.29
CA ASN A 517 -6.76 -31.75 26.25
C ASN A 517 -5.40 -31.69 26.93
N SER A 518 -4.37 -32.21 26.25
CA SER A 518 -3.02 -32.24 26.80
C SER A 518 -2.04 -32.52 25.68
N LEU A 519 -0.94 -31.76 25.66
CA LEU A 519 0.10 -31.96 24.65
C LEU A 519 0.97 -33.15 25.02
N ASN A 520 1.30 -33.96 24.01
CA ASN A 520 2.19 -35.10 24.18
C ASN A 520 3.52 -34.93 23.48
N LEU A 521 3.52 -34.45 22.23
CA LEU A 521 4.71 -34.15 21.45
C LEU A 521 5.45 -35.43 21.07
N GLU A 522 4.99 -36.57 21.58
CA GLU A 522 5.55 -37.87 21.25
C GLU A 522 4.57 -38.75 20.49
N VAL A 523 3.44 -38.19 20.04
CA VAL A 523 2.44 -38.97 19.34
C VAL A 523 2.98 -39.41 17.99
N ASN A 524 2.64 -40.63 17.59
CA ASN A 524 3.04 -41.19 16.29
C ASN A 524 1.79 -41.74 15.61
N PRO A 525 0.93 -40.86 15.11
CA PRO A 525 -0.35 -41.29 14.56
C PRO A 525 -0.19 -42.16 13.31
N GLU A 526 -1.17 -43.03 13.11
CA GLU A 526 -1.24 -43.89 11.94
C GLU A 526 -2.15 -43.21 10.92
N ILE A 527 -1.60 -42.86 9.76
CA ILE A 527 -2.31 -42.11 8.73
C ILE A 527 -2.48 -43.02 7.51
N GLN A 528 -3.72 -43.19 7.07
CA GLN A 528 -4.01 -44.03 5.92
C GLN A 528 -3.85 -43.25 4.63
N LEU A 529 -3.24 -43.88 3.62
CA LEU A 529 -2.99 -43.25 2.34
C LEU A 529 -3.17 -44.27 1.22
N TYR A 530 -3.39 -43.75 0.02
CA TYR A 530 -3.53 -44.58 -1.18
C TYR A 530 -2.13 -44.88 -1.75
N LEU A 531 -1.42 -45.77 -1.08
CA LEU A 531 -0.09 -46.18 -1.48
C LEU A 531 -0.17 -47.44 -2.33
N GLU A 532 0.40 -47.37 -3.53
CA GLU A 532 0.40 -48.49 -4.48
C GLU A 532 -1.02 -48.93 -4.83
N GLY A 533 -1.95 -47.99 -4.88
CA GLY A 533 -3.34 -48.29 -5.18
C GLY A 533 -4.21 -48.60 -3.98
N ALA A 534 -3.79 -49.56 -3.17
CA ALA A 534 -4.52 -49.95 -1.98
C ALA A 534 -4.31 -48.93 -0.87
N GLN A 535 -5.23 -48.92 0.10
CA GLN A 535 -5.16 -48.00 1.22
C GLN A 535 -4.26 -48.59 2.29
N ARG A 536 -3.03 -48.10 2.37
CA ARG A 536 -2.07 -48.51 3.39
C ARG A 536 -1.88 -47.38 4.39
N GLY A 537 -0.97 -47.56 5.34
CA GLY A 537 -0.78 -46.57 6.39
C GLY A 537 0.66 -46.25 6.71
N MET A 538 0.91 -45.01 7.09
CA MET A 538 2.21 -44.54 7.55
C MET A 538 2.10 -44.04 8.99
N THR A 539 3.20 -43.51 9.52
CA THR A 539 3.27 -43.14 10.93
C THR A 539 3.54 -41.66 11.14
N LEU A 540 3.36 -40.82 10.11
CA LEU A 540 3.52 -39.37 10.19
C LEU A 540 4.98 -38.98 10.35
N TYR A 541 5.86 -39.95 10.56
CA TYR A 541 7.28 -39.64 10.66
C TYR A 541 7.97 -39.77 9.30
N GLN A 542 7.80 -40.91 8.63
CA GLN A 542 8.25 -41.03 7.27
C GLN A 542 7.35 -40.29 6.28
N TRP A 543 6.07 -40.12 6.62
CA TRP A 543 5.18 -39.34 5.77
C TRP A 543 5.64 -37.88 5.70
N VAL A 544 5.85 -37.26 6.85
CA VAL A 544 6.33 -35.88 6.87
C VAL A 544 7.70 -35.79 6.19
N ARG A 545 8.54 -36.81 6.38
CA ARG A 545 9.84 -36.83 5.73
C ARG A 545 9.71 -36.83 4.22
N MET A 546 8.88 -37.72 3.67
CA MET A 546 8.72 -37.76 2.22
C MET A 546 7.87 -36.61 1.70
N ILE A 547 6.99 -36.05 2.53
CA ILE A 547 6.38 -34.76 2.17
C ILE A 547 7.47 -33.71 2.00
N LEU A 548 8.45 -33.70 2.90
CA LEU A 548 9.56 -32.76 2.77
C LEU A 548 10.36 -33.01 1.51
N CYS A 549 10.63 -34.28 1.18
CA CYS A 549 11.36 -34.58 -0.05
C CYS A 549 10.58 -34.14 -1.29
N LEU A 550 9.27 -34.42 -1.32
CA LEU A 550 8.46 -34.02 -2.46
C LEU A 550 8.39 -32.50 -2.58
N GLU A 551 8.25 -31.80 -1.46
CA GLU A 551 8.22 -30.34 -1.50
C GLU A 551 9.55 -29.78 -1.98
N PHE A 552 10.66 -30.38 -1.55
CA PHE A 552 11.97 -29.95 -2.02
C PHE A 552 12.10 -30.15 -3.52
N LEU A 553 11.65 -31.30 -4.03
CA LEU A 553 11.71 -31.55 -5.46
C LEU A 553 10.84 -30.57 -6.23
N MET A 554 9.66 -30.26 -5.68
CA MET A 554 8.77 -29.30 -6.32
C MET A 554 9.38 -27.91 -6.34
N ALA A 555 10.05 -27.51 -5.26
CA ALA A 555 10.64 -26.18 -5.19
C ALA A 555 11.77 -26.01 -6.20
N ILE A 556 12.66 -27.00 -6.30
CA ILE A 556 13.77 -26.92 -7.24
C ILE A 556 13.35 -27.16 -8.67
N TYR A 557 12.11 -27.57 -8.90
CA TYR A 557 11.58 -27.78 -10.24
C TYR A 557 10.38 -26.88 -10.51
N ASN A 558 10.39 -25.68 -9.93
CA ASN A 558 9.26 -24.76 -10.00
C ASN A 558 9.36 -23.93 -11.27
N ASN A 559 8.75 -24.42 -12.33
CA ASN A 559 8.57 -23.74 -13.59
C ASN A 559 7.12 -23.29 -13.75
N PRO A 560 6.81 -22.47 -14.76
CA PRO A 560 5.41 -22.06 -14.94
C PRO A 560 4.46 -23.24 -15.13
N GLN A 561 4.95 -24.34 -15.71
CA GLN A 561 4.13 -25.54 -15.83
C GLN A 561 3.69 -26.05 -14.47
N MET A 562 4.63 -26.12 -13.52
CA MET A 562 4.29 -26.59 -12.18
C MET A 562 3.32 -25.65 -11.49
N GLU A 563 3.54 -24.34 -11.63
CA GLU A 563 2.65 -23.37 -11.00
C GLU A 563 1.23 -23.49 -11.54
N GLY A 564 1.08 -23.53 -12.86
CA GLY A 564 -0.24 -23.68 -13.44
C GLY A 564 -0.88 -25.01 -13.09
N PHE A 565 -0.09 -26.08 -13.09
CA PHE A 565 -0.62 -27.40 -12.74
C PHE A 565 -1.16 -27.41 -11.32
N LEU A 566 -0.42 -26.83 -10.38
CA LEU A 566 -0.88 -26.80 -8.99
C LEU A 566 -2.12 -25.92 -8.84
N ALA A 567 -2.12 -24.77 -9.53
CA ALA A 567 -3.27 -23.88 -9.43
C ALA A 567 -4.53 -24.53 -9.97
N ASN A 568 -4.43 -25.29 -11.06
CA ASN A 568 -5.58 -25.97 -11.62
C ASN A 568 -5.84 -27.33 -10.98
N MET A 569 -4.93 -27.83 -10.16
CA MET A 569 -5.08 -29.09 -9.46
C MET A 569 -5.67 -28.94 -8.07
N ARG A 570 -5.55 -27.75 -7.47
CA ARG A 570 -6.20 -27.52 -6.19
C ARG A 570 -7.71 -27.72 -6.28
N ARG A 571 -8.30 -27.32 -7.40
CA ARG A 571 -9.74 -27.54 -7.60
C ARG A 571 -10.08 -29.02 -7.64
N LEU A 572 -9.28 -29.82 -8.37
CA LEU A 572 -9.54 -31.24 -8.46
C LEU A 572 -9.34 -31.92 -7.11
N HIS A 573 -8.35 -31.48 -6.34
CA HIS A 573 -8.13 -32.04 -5.01
C HIS A 573 -9.29 -31.70 -4.08
N MET A 574 -9.82 -30.48 -4.19
CA MET A 574 -11.00 -30.12 -3.41
C MET A 574 -12.20 -30.96 -3.81
N SER A 575 -12.35 -31.24 -5.11
CA SER A 575 -13.46 -32.09 -5.56
C SER A 575 -13.30 -33.52 -5.04
N ARG A 576 -12.06 -34.03 -5.02
CA ARG A 576 -11.81 -35.33 -4.42
C ARG A 576 -12.19 -35.36 -2.96
N HIS A 577 -11.83 -34.30 -2.22
CA HIS A 577 -12.25 -34.20 -0.82
C HIS A 577 -13.77 -34.18 -0.71
N ALA A 578 -14.43 -33.47 -1.62
CA ALA A 578 -15.89 -33.39 -1.58
C ALA A 578 -16.52 -34.76 -1.76
N MET A 579 -16.04 -35.53 -2.75
CA MET A 579 -16.61 -36.85 -2.98
C MET A 579 -16.24 -37.83 -1.87
N MET A 580 -15.08 -37.65 -1.24
CA MET A 580 -14.71 -38.54 -0.14
C MET A 580 -15.66 -38.40 1.04
N GLU A 581 -16.40 -37.30 1.12
CA GLU A 581 -17.38 -37.08 2.18
C GLU A 581 -18.80 -37.42 1.74
N ARG A 582 -18.95 -38.31 0.76
CA ARG A 582 -20.26 -38.72 0.24
C ARG A 582 -21.07 -37.52 -0.23
N ARG A 583 -20.39 -36.58 -0.89
CA ARG A 583 -21.04 -35.40 -1.44
C ARG A 583 -20.89 -35.38 -2.95
N GLN A 584 -21.89 -34.81 -3.62
CA GLN A 584 -21.97 -34.83 -5.08
C GLN A 584 -21.54 -33.48 -5.65
N VAL A 585 -20.84 -33.53 -6.78
CA VAL A 585 -20.23 -32.36 -7.40
C VAL A 585 -20.91 -32.12 -8.74
N PHE A 586 -21.33 -30.87 -8.97
CA PHE A 586 -21.98 -30.49 -10.22
C PHE A 586 -21.15 -29.44 -10.94
N LEU A 587 -21.27 -29.42 -12.26
CA LEU A 587 -20.48 -28.57 -13.12
C LEU A 587 -21.35 -27.87 -14.14
N PRO A 588 -20.93 -26.71 -14.64
CA PRO A 588 -21.67 -26.05 -15.72
C PRO A 588 -21.58 -26.81 -17.04
N PHE A 589 -22.15 -26.24 -18.10
CA PHE A 589 -22.27 -26.93 -19.38
C PHE A 589 -20.93 -27.37 -19.94
N GLY A 590 -20.07 -26.41 -20.29
CA GLY A 590 -18.79 -26.74 -20.91
C GLY A 590 -17.67 -26.86 -19.91
N SER A 591 -17.92 -27.55 -18.81
CA SER A 591 -16.96 -27.64 -17.70
C SER A 591 -16.14 -28.91 -17.85
N ARG A 592 -14.87 -28.75 -18.21
CA ARG A 592 -13.89 -29.83 -18.25
C ARG A 592 -12.68 -29.37 -17.46
N PRO A 593 -12.68 -29.52 -16.13
CA PRO A 593 -11.59 -28.99 -15.32
C PRO A 593 -10.26 -29.69 -15.52
N GLU A 594 -10.22 -30.81 -16.24
CA GLU A 594 -8.97 -31.49 -16.51
C GLU A 594 -8.21 -30.91 -17.70
N ASP A 595 -8.87 -30.13 -18.55
CA ASP A 595 -8.19 -29.52 -19.69
C ASP A 595 -7.28 -28.38 -19.28
N LYS A 596 -7.61 -27.66 -18.22
CA LYS A 596 -6.73 -26.63 -17.68
C LYS A 596 -5.55 -27.22 -16.93
N VAL A 597 -5.56 -28.52 -16.65
CA VAL A 597 -4.48 -29.19 -15.94
C VAL A 597 -3.59 -29.89 -16.97
N ASN A 598 -4.20 -30.47 -17.99
CA ASN A 598 -3.45 -31.21 -18.99
C ASN A 598 -2.56 -30.31 -19.85
N GLU A 599 -2.85 -29.01 -19.90
CA GLU A 599 -2.00 -28.08 -20.65
C GLU A 599 -0.68 -27.80 -19.94
N CYS A 600 -0.62 -28.02 -18.62
CA CYS A 600 0.59 -27.77 -17.85
C CYS A 600 1.48 -29.00 -17.73
N ILE A 601 1.04 -30.15 -18.24
CA ILE A 601 1.85 -31.37 -18.20
C ILE A 601 2.54 -31.47 -19.55
N ILE A 602 3.77 -30.98 -19.62
CA ILE A 602 4.51 -30.99 -20.89
C ILE A 602 5.82 -31.75 -20.75
N ASN A 603 6.76 -31.21 -19.96
CA ASN A 603 8.06 -31.83 -19.86
C ASN A 603 8.60 -31.95 -18.44
N ASN A 604 8.03 -31.27 -17.46
CA ASN A 604 8.56 -31.31 -16.11
C ASN A 604 8.42 -32.73 -15.54
N PRO A 605 9.44 -33.27 -14.89
CA PRO A 605 9.31 -34.63 -14.34
C PRO A 605 8.44 -34.69 -13.10
N ILE A 606 8.52 -33.69 -12.23
CA ILE A 606 7.73 -33.71 -10.99
C ILE A 606 6.23 -33.58 -11.28
N VAL A 607 5.85 -32.79 -12.28
CA VAL A 607 4.44 -32.69 -12.63
C VAL A 607 3.93 -34.03 -13.16
N ALA A 608 4.78 -34.75 -13.91
CA ALA A 608 4.41 -36.08 -14.38
C ALA A 608 4.27 -37.05 -13.23
N TYR A 609 5.18 -36.97 -12.25
CA TYR A 609 5.08 -37.82 -11.07
C TYR A 609 3.80 -37.55 -10.29
N LEU A 610 3.45 -36.26 -10.14
CA LEU A 610 2.23 -35.89 -9.44
C LEU A 610 1.00 -36.36 -10.20
N ALA A 611 1.01 -36.24 -11.53
CA ALA A 611 -0.11 -36.72 -12.33
C ALA A 611 -0.28 -38.23 -12.22
N LYS A 612 0.84 -38.96 -12.25
CA LYS A 612 0.78 -40.41 -12.07
C LYS A 612 0.27 -40.79 -10.69
N GLY A 613 0.68 -40.08 -9.65
CA GLY A 613 0.10 -40.29 -8.34
C GLY A 613 -1.38 -40.00 -8.28
N TRP A 614 -1.83 -38.96 -8.98
CA TRP A 614 -3.25 -38.64 -9.02
C TRP A 614 -4.06 -39.73 -9.72
N ASN A 615 -3.61 -40.17 -10.88
CA ASN A 615 -4.39 -41.09 -11.70
C ASN A 615 -4.29 -42.54 -11.23
N SER A 616 -3.40 -42.85 -10.29
CA SER A 616 -3.36 -44.17 -9.68
C SER A 616 -4.39 -44.33 -8.58
N MET A 617 -4.95 -43.23 -8.09
CA MET A 617 -5.96 -43.28 -7.06
C MET A 617 -7.31 -43.71 -7.65
N PRO A 618 -8.23 -44.18 -6.81
CA PRO A 618 -9.59 -44.42 -7.29
C PRO A 618 -10.21 -43.14 -7.84
N ASN A 619 -10.91 -43.28 -8.97
CA ASN A 619 -11.50 -42.12 -9.64
C ASN A 619 -12.97 -41.89 -9.29
N VAL A 620 -13.62 -42.88 -8.67
CA VAL A 620 -15.01 -42.74 -8.22
C VAL A 620 -15.10 -43.24 -6.79
N TYR A 621 -15.85 -42.52 -5.97
CA TYR A 621 -16.05 -42.88 -4.56
C TYR A 621 -17.51 -43.26 -4.39
N TYR A 622 -17.78 -44.56 -4.34
CA TYR A 622 -19.14 -45.06 -4.23
C TYR A 622 -19.74 -44.74 -2.86
N MET B 1 0.58 -37.17 -6.00
CA MET B 1 -0.53 -36.51 -5.32
C MET B 1 -1.16 -37.43 -4.27
N ASN B 2 -0.78 -38.71 -4.30
CA ASN B 2 -1.33 -39.67 -3.35
C ASN B 2 -0.81 -39.46 -1.93
N LEU B 3 0.27 -38.71 -1.76
CA LEU B 3 0.77 -38.39 -0.42
C LEU B 3 0.15 -37.12 0.16
N PHE B 4 -0.55 -36.34 -0.66
CA PHE B 4 -1.15 -35.09 -0.23
C PHE B 4 -2.62 -35.24 0.16
N THR B 5 -3.13 -36.48 0.21
CA THR B 5 -4.56 -36.74 0.43
C THR B 5 -4.73 -37.75 1.56
N PRO B 6 -4.62 -37.31 2.81
CA PRO B 6 -4.82 -38.22 3.94
C PRO B 6 -6.24 -38.78 3.96
N LEU B 7 -6.33 -40.06 4.30
CA LEU B 7 -7.62 -40.72 4.48
C LEU B 7 -7.99 -40.85 5.95
N SER B 8 -7.18 -40.30 6.85
CA SER B 8 -7.42 -40.36 8.28
C SER B 8 -6.74 -39.18 8.93
N GLU B 9 -7.09 -38.94 10.19
CA GLU B 9 -6.56 -37.82 10.99
C GLU B 9 -6.93 -36.53 10.27
N ILE B 10 -5.98 -35.73 9.80
CA ILE B 10 -6.31 -34.46 9.16
C ILE B 10 -6.92 -34.71 7.79
N ASN B 11 -7.72 -33.76 7.32
CA ASN B 11 -8.44 -33.87 6.07
C ASN B 11 -7.59 -33.38 4.90
N PRO B 12 -7.92 -33.82 3.68
CA PRO B 12 -7.21 -33.30 2.50
C PRO B 12 -7.32 -31.79 2.33
N THR B 13 -8.41 -31.17 2.76
CA THR B 13 -8.52 -29.72 2.69
C THR B 13 -7.44 -29.03 3.52
N THR B 14 -7.08 -29.60 4.66
CA THR B 14 -5.98 -29.06 5.45
C THR B 14 -4.63 -29.24 4.77
N THR B 15 -4.56 -30.05 3.70
CA THR B 15 -3.33 -30.27 2.97
C THR B 15 -3.25 -29.47 1.68
N GLN B 16 -4.15 -28.50 1.48
CA GLN B 16 -4.00 -27.58 0.36
C GLN B 16 -2.76 -26.73 0.49
N GLU B 17 -2.20 -26.63 1.70
CA GLU B 17 -0.91 -25.95 1.88
C GLU B 17 0.18 -26.60 1.05
N LEU B 18 0.13 -27.93 0.90
CA LEU B 18 1.15 -28.67 0.17
C LEU B 18 1.01 -28.55 -1.34
N LEU B 19 -0.08 -27.94 -1.83
CA LEU B 19 -0.31 -27.79 -3.26
C LEU B 19 0.27 -26.50 -3.82
N TYR B 20 1.30 -25.94 -3.18
CA TYR B 20 1.95 -24.72 -3.64
C TYR B 20 3.42 -25.00 -3.82
N ALA B 21 3.96 -24.60 -4.98
CA ALA B 21 5.38 -24.74 -5.26
C ALA B 21 6.17 -23.51 -4.86
N TYR B 22 5.70 -22.76 -3.87
CA TYR B 22 6.39 -21.55 -3.44
C TYR B 22 7.72 -21.91 -2.80
N THR B 23 8.46 -20.88 -2.38
CA THR B 23 9.86 -21.01 -1.97
C THR B 23 10.74 -21.52 -3.10
N GLY B 24 10.23 -21.50 -4.32
CA GLY B 24 10.99 -21.84 -5.50
C GLY B 24 11.01 -20.69 -6.47
N PRO B 25 11.71 -20.85 -7.60
CA PRO B 25 11.79 -19.76 -8.58
C PRO B 25 10.43 -19.34 -9.12
N ALA B 26 10.01 -18.12 -8.82
CA ALA B 26 8.78 -17.60 -9.38
C ALA B 26 8.95 -17.40 -10.88
N PRO B 27 7.95 -17.74 -11.69
CA PRO B 27 8.08 -17.57 -13.14
C PRO B 27 8.26 -16.11 -13.53
N VAL B 28 9.08 -15.88 -14.54
CA VAL B 28 9.41 -14.54 -14.99
C VAL B 28 9.14 -14.44 -16.49
N ALA B 29 8.89 -13.22 -16.96
CA ALA B 29 8.47 -13.00 -18.33
C ALA B 29 9.67 -12.66 -19.21
N TYR B 30 9.70 -13.24 -20.40
CA TYR B 30 10.82 -13.07 -21.33
C TYR B 30 10.32 -12.42 -22.62
N GLY B 31 11.06 -11.43 -23.09
CA GLY B 31 10.89 -10.94 -24.46
C GLY B 31 9.86 -9.83 -24.56
N THR B 32 9.00 -9.93 -25.57
CA THR B 32 8.09 -8.86 -25.95
C THR B 32 6.69 -9.16 -25.43
N ARG B 33 6.05 -8.13 -24.86
CA ARG B 33 4.67 -8.22 -24.43
C ARG B 33 3.68 -7.98 -25.56
N THR B 34 4.16 -7.69 -26.77
CA THR B 34 3.27 -7.28 -27.84
C THR B 34 2.30 -8.37 -28.23
N ARG B 35 2.75 -9.64 -28.24
CA ARG B 35 1.84 -10.72 -28.58
C ARG B 35 0.74 -10.87 -27.54
N ALA B 36 1.10 -10.78 -26.26
CA ALA B 36 0.09 -10.86 -25.20
C ALA B 36 -0.87 -9.67 -25.27
N VAL B 37 -0.34 -8.47 -25.56
CA VAL B 37 -1.20 -7.29 -25.66
C VAL B 37 -2.19 -7.46 -26.81
N LEU B 38 -1.71 -7.90 -27.97
CA LEU B 38 -2.60 -8.07 -29.11
C LEU B 38 -3.60 -9.19 -28.86
N GLU B 39 -3.21 -10.24 -28.14
CA GLU B 39 -4.15 -11.29 -27.79
C GLU B 39 -5.24 -10.75 -26.87
N ASN B 40 -4.86 -10.01 -25.84
CA ASN B 40 -5.84 -9.45 -24.90
C ASN B 40 -6.69 -8.38 -25.55
N ILE B 41 -6.24 -7.81 -26.67
CA ILE B 41 -7.04 -6.84 -27.40
C ILE B 41 -8.00 -7.52 -28.38
N ILE B 42 -7.56 -8.61 -29.02
CA ILE B 42 -8.41 -9.30 -29.98
C ILE B 42 -9.44 -10.21 -29.31
N ARG B 43 -9.21 -10.61 -28.06
CA ARG B 43 -10.18 -11.47 -27.38
C ARG B 43 -11.54 -10.82 -27.22
N PRO B 44 -11.67 -9.57 -26.76
CA PRO B 44 -13.02 -8.98 -26.67
C PRO B 44 -13.75 -8.91 -27.99
N TYR B 45 -13.02 -8.67 -29.09
CA TYR B 45 -13.66 -8.58 -30.40
C TYR B 45 -14.09 -9.95 -30.91
N GLN B 46 -13.34 -11.00 -30.58
CA GLN B 46 -13.71 -12.35 -30.99
C GLN B 46 -14.94 -12.85 -30.25
N TYR B 47 -15.15 -12.40 -29.02
CA TYR B 47 -16.21 -12.92 -28.17
C TYR B 47 -17.51 -12.15 -28.27
N PHE B 48 -17.54 -11.07 -29.06
CA PHE B 48 -18.75 -10.25 -29.15
C PHE B 48 -19.90 -11.04 -29.78
N TYR B 49 -19.63 -11.71 -30.90
CA TYR B 49 -20.65 -12.48 -31.59
C TYR B 49 -20.48 -13.97 -31.30
N LYS B 50 -21.61 -14.69 -31.34
CA LYS B 50 -21.57 -16.13 -31.09
C LYS B 50 -20.69 -16.84 -32.11
N GLU B 51 -20.85 -16.51 -33.39
CA GLU B 51 -19.95 -16.99 -34.42
C GLU B 51 -18.79 -16.02 -34.54
N PRO B 52 -17.55 -16.46 -34.33
CA PRO B 52 -16.41 -15.52 -34.32
C PRO B 52 -16.29 -14.76 -35.64
N ASN B 53 -16.41 -13.44 -35.55
CA ASN B 53 -16.28 -12.57 -36.72
C ASN B 53 -15.65 -11.26 -36.22
N VAL B 54 -14.33 -11.19 -36.33
CA VAL B 54 -13.58 -10.05 -35.78
C VAL B 54 -13.86 -8.79 -36.60
N GLN B 55 -13.91 -8.93 -37.93
CA GLN B 55 -13.99 -7.75 -38.79
C GLN B 55 -15.24 -6.93 -38.52
N ARG B 56 -16.38 -7.60 -38.36
CA ARG B 56 -17.62 -6.87 -38.06
C ARG B 56 -17.59 -6.28 -36.66
N ALA B 57 -16.99 -6.99 -35.70
CA ALA B 57 -16.95 -6.52 -34.32
C ALA B 57 -16.08 -5.28 -34.15
N LEU B 58 -15.11 -5.06 -35.05
CA LEU B 58 -14.25 -3.88 -34.96
C LEU B 58 -14.98 -2.58 -35.27
N ASP B 59 -16.19 -2.64 -35.80
CA ASP B 59 -16.98 -1.45 -36.10
C ASP B 59 -18.00 -1.14 -35.02
N ILE B 60 -17.94 -1.83 -33.89
CA ILE B 60 -18.88 -1.63 -32.78
C ILE B 60 -18.24 -0.69 -31.77
N LYS B 61 -18.94 0.39 -31.45
CA LYS B 61 -18.46 1.36 -30.46
C LYS B 61 -18.96 1.00 -29.06
N THR B 62 -20.28 0.87 -28.91
CA THR B 62 -20.88 0.47 -27.65
C THR B 62 -21.25 -1.01 -27.74
N GLY B 63 -20.78 -1.80 -26.78
CA GLY B 63 -21.02 -3.23 -26.80
C GLY B 63 -22.39 -3.65 -26.34
N CYS B 64 -23.43 -2.91 -26.77
CA CYS B 64 -24.80 -3.27 -26.46
C CYS B 64 -25.31 -4.25 -27.50
N LYS B 65 -25.87 -5.37 -27.04
CA LYS B 65 -26.35 -6.41 -27.92
C LYS B 65 -27.74 -6.85 -27.47
N GLU B 66 -28.49 -7.42 -28.42
CA GLU B 66 -29.78 -7.98 -28.12
C GLU B 66 -29.63 -9.23 -27.26
N PRO B 67 -30.66 -9.57 -26.47
CA PRO B 67 -30.54 -10.74 -25.58
C PRO B 67 -30.21 -12.03 -26.28
N GLU B 68 -30.69 -12.23 -27.51
CA GLU B 68 -30.45 -13.47 -28.24
C GLU B 68 -29.03 -13.59 -28.78
N ASP B 69 -28.24 -12.51 -28.74
CA ASP B 69 -26.88 -12.52 -29.25
C ASP B 69 -25.88 -13.07 -28.24
N ILE B 70 -26.27 -13.21 -26.98
CA ILE B 70 -25.33 -13.66 -25.95
C ILE B 70 -25.05 -15.15 -26.13
N ASN B 71 -23.77 -15.49 -26.19
CA ASN B 71 -23.33 -16.88 -26.36
C ASN B 71 -23.40 -17.57 -25.00
N VAL B 72 -24.49 -18.29 -24.75
CA VAL B 72 -24.67 -18.98 -23.47
C VAL B 72 -23.63 -20.07 -23.27
N GLU B 73 -22.98 -20.52 -24.34
CA GLU B 73 -21.96 -21.55 -24.28
C GLU B 73 -20.63 -20.94 -24.74
N GLY B 74 -19.90 -20.36 -23.80
CA GLY B 74 -18.64 -19.73 -24.09
C GLY B 74 -18.60 -18.27 -23.69
N PRO B 75 -17.42 -17.67 -23.69
CA PRO B 75 -17.30 -16.25 -23.34
C PRO B 75 -18.05 -15.37 -24.33
N SER B 76 -18.62 -14.28 -23.83
CA SER B 76 -19.37 -13.33 -24.64
C SER B 76 -19.14 -11.93 -24.10
N SER B 77 -18.45 -11.10 -24.88
CA SER B 77 -18.20 -9.73 -24.47
C SER B 77 -19.37 -8.83 -24.86
N GLY B 78 -19.68 -7.88 -23.99
CA GLY B 78 -20.78 -6.97 -24.19
C GLY B 78 -21.75 -7.00 -23.02
N PHE B 79 -22.88 -6.30 -23.20
CA PHE B 79 -23.89 -6.21 -22.16
C PHE B 79 -25.23 -5.92 -22.80
N HIS B 80 -26.29 -6.10 -22.02
CA HIS B 80 -27.65 -5.74 -22.42
C HIS B 80 -28.04 -4.47 -21.70
N THR B 81 -28.42 -3.45 -22.47
CA THR B 81 -28.66 -2.12 -21.90
C THR B 81 -29.83 -2.12 -20.93
N ALA B 82 -30.97 -2.69 -21.36
CA ALA B 82 -32.15 -2.70 -20.50
C ALA B 82 -31.89 -3.54 -19.25
N SER B 83 -31.19 -4.67 -19.39
CA SER B 83 -30.85 -5.47 -18.23
C SER B 83 -29.97 -4.69 -17.26
N VAL B 84 -28.98 -3.95 -17.79
CA VAL B 84 -28.12 -3.15 -16.92
C VAL B 84 -28.94 -2.10 -16.19
N LEU B 85 -29.85 -1.43 -16.90
CA LEU B 85 -30.69 -0.41 -16.27
C LEU B 85 -31.52 -1.00 -15.14
N LYS B 86 -32.23 -2.11 -15.42
CA LYS B 86 -33.11 -2.70 -14.42
C LYS B 86 -32.31 -3.24 -13.24
N LEU B 87 -31.17 -3.86 -13.50
CA LEU B 87 -30.35 -4.42 -12.43
C LEU B 87 -29.76 -3.32 -11.56
N ALA B 88 -29.34 -2.21 -12.17
CA ALA B 88 -28.85 -1.08 -11.37
C ALA B 88 -29.97 -0.48 -10.53
N ASP B 89 -31.19 -0.40 -11.10
CA ASP B 89 -32.32 0.08 -10.31
C ASP B 89 -32.61 -0.84 -9.13
N ASN B 90 -32.56 -2.15 -9.35
CA ASN B 90 -32.80 -3.09 -8.26
C ASN B 90 -31.71 -2.98 -7.20
N PHE B 91 -30.46 -2.82 -7.61
CA PHE B 91 -29.37 -2.64 -6.66
C PHE B 91 -29.57 -1.36 -5.84
N PHE B 92 -30.00 -0.28 -6.49
CA PHE B 92 -30.23 0.97 -5.78
C PHE B 92 -31.38 0.85 -4.80
N ARG B 93 -32.43 0.11 -5.18
CA ARG B 93 -33.59 -0.02 -4.31
C ARG B 93 -33.23 -0.70 -3.00
N LYS B 94 -32.40 -1.74 -3.05
CA LYS B 94 -31.83 -2.29 -1.84
C LYS B 94 -30.57 -1.53 -1.46
N TYR B 95 -30.00 -1.88 -0.30
CA TYR B 95 -28.75 -1.29 0.17
C TYR B 95 -28.83 0.24 0.20
N ARG B 96 -29.98 0.75 0.63
CA ARG B 96 -30.16 2.20 0.70
C ARG B 96 -29.14 2.89 1.60
N PRO B 97 -28.75 2.35 2.76
CA PRO B 97 -27.66 2.98 3.52
C PRO B 97 -26.38 3.17 2.72
N ALA B 98 -26.04 2.21 1.85
CA ALA B 98 -24.85 2.36 1.02
C ALA B 98 -24.99 3.56 0.07
N MET B 99 -26.17 3.73 -0.53
CA MET B 99 -26.38 4.87 -1.41
C MET B 99 -26.36 6.18 -0.64
N GLU B 100 -26.90 6.19 0.59
CA GLU B 100 -26.83 7.40 1.40
C GLU B 100 -25.40 7.75 1.77
N LYS B 101 -24.59 6.74 2.08
CA LYS B 101 -23.18 6.99 2.38
C LYS B 101 -22.44 7.46 1.13
N LEU B 102 -22.82 6.95 -0.05
CA LEU B 102 -22.28 7.48 -1.30
C LEU B 102 -22.63 8.96 -1.46
N LYS B 103 -23.88 9.32 -1.18
CA LYS B 103 -24.29 10.72 -1.29
C LYS B 103 -23.51 11.59 -0.32
N TYR B 104 -23.33 11.11 0.92
CA TYR B 104 -22.52 11.82 1.90
C TYR B 104 -21.09 12.02 1.38
N TRP B 105 -20.50 10.97 0.82
CA TRP B 105 -19.15 11.09 0.29
C TRP B 105 -19.09 12.10 -0.85
N ILE B 106 -20.14 12.13 -1.68
CA ILE B 106 -20.15 13.04 -2.82
C ILE B 106 -20.22 14.49 -2.37
N LEU B 107 -21.12 14.79 -1.44
CA LEU B 107 -21.36 16.18 -1.05
C LEU B 107 -20.63 16.61 0.22
N VAL B 108 -19.90 15.71 0.88
CA VAL B 108 -19.17 16.13 2.08
C VAL B 108 -17.68 15.76 1.97
N LYS B 109 -17.37 14.71 1.22
CA LYS B 109 -16.00 14.20 1.13
C LYS B 109 -15.33 14.49 -0.21
N LEU B 110 -16.06 14.38 -1.31
CA LEU B 110 -15.49 14.71 -2.61
C LEU B 110 -14.99 16.15 -2.72
N PRO B 111 -15.71 17.18 -2.25
CA PRO B 111 -15.23 18.56 -2.46
C PRO B 111 -13.87 18.85 -1.85
N LYS B 112 -13.46 18.15 -0.81
CA LYS B 112 -12.15 18.37 -0.19
C LYS B 112 -11.23 17.16 -0.36
N LEU B 113 -11.21 16.58 -1.56
CA LEU B 113 -10.23 15.57 -1.93
C LEU B 113 -9.09 16.26 -2.65
N LYS B 114 -7.88 16.13 -2.11
CA LYS B 114 -6.71 16.81 -2.66
C LYS B 114 -6.05 15.95 -3.72
N TYR B 115 -5.51 16.60 -4.75
CA TYR B 115 -4.79 15.88 -5.79
C TYR B 115 -3.44 15.38 -5.32
N ALA B 116 -3.00 15.76 -4.12
CA ALA B 116 -1.78 15.22 -3.55
C ALA B 116 -1.87 13.72 -3.29
N GLU B 117 -3.09 13.17 -3.24
CA GLU B 117 -3.25 11.73 -3.09
C GLU B 117 -2.71 10.97 -4.30
N LEU B 118 -2.60 11.63 -5.45
CA LEU B 118 -2.02 10.99 -6.63
C LEU B 118 -0.54 10.70 -6.44
N SER B 119 0.13 11.40 -5.53
CA SER B 119 1.55 11.19 -5.29
C SER B 119 1.84 9.99 -4.40
N LYS B 120 0.82 9.41 -3.78
CA LYS B 120 0.99 8.21 -2.96
C LYS B 120 0.91 6.93 -3.78
N GLY B 121 0.75 7.04 -5.09
CA GLY B 121 0.73 5.89 -5.97
C GLY B 121 2.14 5.45 -6.34
N ARG B 122 2.21 4.66 -7.40
CA ARG B 122 3.48 4.13 -7.87
C ARG B 122 3.66 4.46 -9.35
N GLN B 123 4.64 3.84 -10.01
CA GLN B 123 5.04 4.19 -11.37
C GLN B 123 3.86 4.44 -12.30
N THR B 124 3.84 5.63 -12.90
CA THR B 124 2.82 6.01 -13.88
C THR B 124 3.50 6.33 -15.21
N TYR B 125 2.74 6.16 -16.29
CA TYR B 125 3.23 6.58 -17.60
C TYR B 125 3.30 8.09 -17.67
N SER B 126 4.39 8.59 -18.24
CA SER B 126 4.62 10.03 -18.37
C SER B 126 4.48 10.42 -19.83
N PHE B 127 3.55 11.34 -20.10
CA PHE B 127 3.33 11.80 -21.47
C PHE B 127 4.39 12.78 -21.94
N ILE B 128 5.26 13.24 -21.05
CA ILE B 128 6.33 14.17 -21.42
C ILE B 128 7.63 13.43 -21.71
N HIS B 129 8.02 12.53 -20.81
CA HIS B 129 9.25 11.76 -20.99
C HIS B 129 9.05 10.47 -21.76
N LYS B 130 7.81 10.11 -22.09
CA LYS B 130 7.48 8.89 -22.82
C LYS B 130 7.97 7.63 -22.10
N ARG B 131 8.04 7.67 -20.77
CA ARG B 131 8.51 6.54 -19.97
C ARG B 131 7.72 6.50 -18.67
N ASN B 132 7.90 5.42 -17.93
CA ASN B 132 7.28 5.28 -16.61
C ASN B 132 8.17 5.93 -15.56
N LEU B 133 7.60 6.82 -14.77
CA LEU B 133 8.30 7.60 -13.76
C LEU B 133 7.55 7.49 -12.43
N PRO B 134 8.24 7.75 -11.32
CA PRO B 134 7.55 7.73 -10.02
C PRO B 134 6.40 8.71 -9.99
N ALA B 135 5.34 8.33 -9.26
CA ALA B 135 4.13 9.13 -9.24
C ALA B 135 4.34 10.59 -8.83
N PRO B 136 5.14 10.91 -7.79
CA PRO B 136 5.38 12.33 -7.50
C PRO B 136 5.99 13.10 -8.65
N ILE B 137 6.93 12.48 -9.39
CA ILE B 137 7.58 13.18 -10.49
C ILE B 137 6.57 13.46 -11.61
N ALA B 138 5.77 12.45 -11.97
CA ALA B 138 4.77 12.65 -13.01
C ALA B 138 3.73 13.68 -12.58
N LEU B 139 3.31 13.64 -11.32
CA LEU B 139 2.35 14.63 -10.84
C LEU B 139 2.93 16.04 -10.90
N GLU B 140 4.19 16.20 -10.49
CA GLU B 140 4.83 17.51 -10.54
C GLU B 140 4.93 18.02 -11.97
N GLU B 141 5.36 17.16 -12.90
CA GLU B 141 5.53 17.61 -14.28
C GLU B 141 4.19 17.94 -14.92
N THR B 142 3.15 17.16 -14.64
CA THR B 142 1.85 17.46 -15.25
C THR B 142 1.22 18.70 -14.62
N VAL B 143 1.44 18.93 -13.32
CA VAL B 143 0.95 20.16 -12.70
C VAL B 143 1.66 21.37 -13.31
N GLU B 144 2.97 21.27 -13.51
CA GLU B 144 3.70 22.36 -14.15
C GLU B 144 3.21 22.58 -15.58
N PHE B 145 2.93 21.50 -16.31
CA PHE B 145 2.41 21.61 -17.66
C PHE B 145 1.07 22.35 -17.68
N LEU B 146 0.15 21.96 -16.79
CA LEU B 146 -1.16 22.61 -16.74
C LEU B 146 -1.02 24.07 -16.34
N GLU B 147 -0.17 24.37 -15.36
CA GLU B 147 0.02 25.75 -14.93
C GLU B 147 0.60 26.60 -16.05
N GLN B 148 1.56 26.05 -16.79
CA GLN B 148 2.18 26.82 -17.87
C GLN B 148 1.20 27.06 -19.02
N ASN B 149 0.41 26.04 -19.38
CA ASN B 149 -0.48 26.20 -20.53
C ASN B 149 -1.75 26.95 -20.18
N LEU B 150 -2.32 26.70 -18.99
CA LEU B 150 -3.54 27.39 -18.59
C LEU B 150 -3.28 28.75 -17.98
N ARG B 151 -2.03 29.07 -17.66
CA ARG B 151 -1.65 30.39 -17.13
C ARG B 151 -2.42 30.72 -15.85
N ARG B 152 -2.62 29.72 -15.00
CA ARG B 152 -3.24 29.93 -13.70
C ARG B 152 -2.62 28.95 -12.70
N LYS B 153 -3.05 29.03 -11.45
CA LYS B 153 -2.53 28.19 -10.39
C LYS B 153 -3.52 27.07 -10.09
N ILE B 154 -3.01 25.84 -10.03
CA ILE B 154 -3.86 24.68 -9.79
C ILE B 154 -4.25 24.64 -8.32
N GLY B 155 -5.55 24.48 -8.06
CA GLY B 155 -6.04 24.39 -6.71
C GLY B 155 -5.60 23.12 -6.02
N PRO B 156 -5.51 23.15 -4.69
CA PRO B 156 -5.09 21.95 -3.95
C PRO B 156 -6.05 20.78 -4.10
N THR B 157 -7.33 21.03 -4.35
CA THR B 157 -8.31 19.95 -4.44
C THR B 157 -8.16 19.19 -5.75
N LEU B 158 -8.56 17.91 -5.71
CA LEU B 158 -8.52 17.10 -6.92
C LEU B 158 -9.55 17.55 -7.95
N LEU B 159 -10.64 18.18 -7.49
CA LEU B 159 -11.61 18.72 -8.42
C LEU B 159 -11.00 19.81 -9.29
N SER B 160 -10.15 20.66 -8.70
CA SER B 160 -9.45 21.66 -9.48
C SER B 160 -8.52 21.03 -10.50
N TYR B 161 -7.83 19.95 -10.12
CA TYR B 161 -6.96 19.24 -11.05
C TYR B 161 -7.76 18.67 -12.21
N CYS B 162 -8.90 18.05 -11.92
CA CYS B 162 -9.73 17.50 -12.99
C CYS B 162 -10.29 18.59 -13.89
N GLN B 163 -10.67 19.72 -13.31
CA GLN B 163 -11.16 20.84 -14.11
C GLN B 163 -10.05 21.39 -15.01
N ALA B 164 -8.82 21.45 -14.49
CA ALA B 164 -7.70 21.88 -15.30
C ALA B 164 -7.43 20.92 -16.45
N ILE B 165 -7.54 19.61 -16.19
CA ILE B 165 -7.37 18.63 -17.26
C ILE B 165 -8.46 18.79 -18.31
N ALA B 166 -9.69 19.03 -17.86
CA ALA B 166 -10.80 19.25 -18.79
C ALA B 166 -10.64 20.53 -19.61
N ASP B 167 -10.05 21.58 -19.03
CA ASP B 167 -9.89 22.85 -19.72
C ASP B 167 -8.66 22.91 -20.61
N VAL B 168 -7.61 22.15 -20.31
CA VAL B 168 -6.40 22.23 -21.12
C VAL B 168 -6.65 21.64 -22.50
N MET B 169 -7.55 20.65 -22.62
CA MET B 169 -7.85 20.07 -23.91
C MET B 169 -8.66 21.02 -24.79
N GLU B 170 -9.22 22.08 -24.22
CA GLU B 170 -9.93 23.06 -25.03
C GLU B 170 -8.97 23.87 -25.89
N LEU B 171 -7.71 23.97 -25.48
CA LEU B 171 -6.72 24.70 -26.24
C LEU B 171 -6.35 23.95 -27.50
N ASP B 172 -5.77 24.67 -28.47
CA ASP B 172 -5.37 24.09 -29.73
C ASP B 172 -3.97 23.49 -29.65
N GLU B 173 -3.00 24.30 -29.20
CA GLU B 173 -1.61 23.87 -29.10
C GLU B 173 -1.09 24.12 -27.69
N THR B 174 -0.22 23.23 -27.22
CA THR B 174 0.31 23.31 -25.87
C THR B 174 1.82 23.07 -25.90
N THR B 175 2.52 23.65 -24.93
CA THR B 175 3.97 23.52 -24.79
C THR B 175 4.31 23.24 -23.34
N TYR B 176 5.49 22.63 -23.14
CA TYR B 176 5.95 22.26 -21.81
C TYR B 176 7.14 23.07 -21.34
N GLU B 177 8.19 23.19 -22.15
CA GLU B 177 9.42 23.91 -21.80
C GLU B 177 10.06 23.31 -20.54
N GLY B 178 10.52 22.07 -20.71
CA GLY B 178 11.18 21.34 -19.64
C GLY B 178 12.66 21.65 -19.55
N ALA B 179 13.39 20.75 -18.88
CA ALA B 179 14.82 20.90 -18.68
C ALA B 179 15.53 19.59 -18.98
N ARG B 180 16.70 19.68 -19.62
CA ARG B 180 17.52 18.54 -19.93
C ARG B 180 18.98 18.84 -19.59
N ASP B 181 19.76 17.78 -19.42
CA ASP B 181 21.20 17.91 -19.24
C ASP B 181 21.87 17.75 -20.59
N PRO B 182 22.55 18.78 -21.10
CA PRO B 182 23.17 18.69 -22.43
C PRO B 182 24.07 17.47 -22.60
N ARG B 183 25.08 17.34 -21.73
CA ARG B 183 26.07 16.28 -21.84
C ARG B 183 26.15 15.53 -20.51
N PRO B 184 25.41 14.42 -20.38
CA PRO B 184 25.49 13.62 -19.15
C PRO B 184 26.79 12.85 -19.00
N TRP B 185 27.67 12.91 -19.99
CA TRP B 185 28.96 12.21 -19.96
C TRP B 185 30.10 13.09 -19.47
N ASP B 186 29.78 14.28 -18.93
CA ASP B 186 30.80 15.26 -18.57
C ASP B 186 30.68 15.59 -17.10
N ILE B 187 30.64 14.56 -16.26
CA ILE B 187 30.57 14.71 -14.81
C ILE B 187 31.69 15.62 -14.33
N GLN B 188 31.32 16.75 -13.73
CA GLN B 188 32.27 17.72 -13.23
C GLN B 188 32.06 17.90 -11.73
N LEU B 189 33.16 17.99 -11.00
CA LEU B 189 33.14 18.03 -9.53
C LEU B 189 33.49 19.42 -9.04
N GLU B 190 32.79 19.86 -8.00
CA GLU B 190 33.06 21.12 -7.33
C GLU B 190 33.25 20.86 -5.83
N GLU B 191 34.12 21.65 -5.22
CA GLU B 191 34.44 21.53 -3.80
C GLU B 191 33.52 22.46 -3.02
N ILE B 192 32.54 21.89 -2.32
CA ILE B 192 31.50 22.67 -1.67
C ILE B 192 31.16 22.04 -0.33
N ASP B 193 30.62 22.86 0.57
CA ASP B 193 30.05 22.45 1.85
C ASP B 193 31.09 22.05 2.88
N SER B 194 32.37 21.98 2.49
CA SER B 194 33.41 21.60 3.43
C SER B 194 34.78 21.87 2.81
N ASP B 195 35.66 22.47 3.60
CA ASP B 195 37.05 22.67 3.18
C ASP B 195 38.05 22.45 4.31
N GLU B 196 37.62 21.93 5.46
CA GLU B 196 38.47 21.85 6.65
C GLU B 196 39.02 20.43 6.77
N GLU B 197 40.11 20.18 6.05
CA GLU B 197 40.90 18.94 6.15
C GLU B 197 40.09 17.70 5.81
N ASP B 198 38.84 17.87 5.38
CA ASP B 198 37.97 16.78 4.98
C ASP B 198 37.10 17.30 3.85
N PRO B 199 37.63 17.36 2.63
CA PRO B 199 36.91 18.03 1.54
C PRO B 199 35.73 17.21 1.07
N LEU B 200 34.61 17.90 0.83
CA LEU B 200 33.38 17.28 0.34
C LEU B 200 33.11 17.82 -1.05
N PHE B 201 32.81 16.92 -1.99
CA PHE B 201 32.57 17.30 -3.38
C PHE B 201 31.17 16.87 -3.79
N ARG B 202 30.49 17.73 -4.54
CA ARG B 202 29.16 17.45 -5.06
C ARG B 202 29.16 17.70 -6.56
N GLN B 203 28.53 16.78 -7.30
CA GLN B 203 28.47 16.91 -8.75
C GLN B 203 27.62 18.12 -9.15
N VAL B 204 28.00 18.75 -10.25
CA VAL B 204 27.28 19.90 -10.79
C VAL B 204 26.49 19.43 -12.02
N GLY B 205 25.38 20.13 -12.27
CA GLY B 205 24.52 19.77 -13.38
C GLY B 205 24.17 20.93 -14.29
N ARG B 206 24.40 20.75 -15.59
CA ARG B 206 24.04 21.75 -16.58
C ARG B 206 22.62 21.48 -17.10
N GLU B 207 21.93 22.56 -17.46
CA GLU B 207 20.53 22.48 -17.83
C GLU B 207 20.27 23.19 -19.16
N GLU B 208 19.36 22.62 -19.94
CA GLU B 208 18.83 23.22 -21.16
C GLU B 208 17.31 23.20 -21.09
N THR B 209 16.66 23.46 -22.22
CA THR B 209 15.20 23.56 -22.29
C THR B 209 14.67 22.58 -23.35
N TYR B 210 13.64 21.81 -22.98
CA TYR B 210 12.96 20.97 -23.95
C TYR B 210 12.30 21.82 -25.04
N THR B 211 11.32 22.63 -24.64
CA THR B 211 10.46 23.36 -25.56
C THR B 211 9.82 22.41 -26.58
N ILE B 212 9.02 21.49 -26.05
CA ILE B 212 8.28 20.52 -26.85
C ILE B 212 6.85 21.01 -27.01
N LYS B 213 6.25 20.73 -28.16
CA LYS B 213 4.94 21.23 -28.51
C LYS B 213 3.97 20.06 -28.70
N PHE B 214 2.79 20.18 -28.10
CA PHE B 214 1.73 19.20 -28.24
C PHE B 214 0.51 19.86 -28.85
N SER B 215 -0.06 19.22 -29.87
CA SER B 215 -1.34 19.64 -30.41
C SER B 215 -2.48 19.01 -29.60
N ARG B 216 -3.71 19.41 -29.93
CA ARG B 216 -4.86 18.84 -29.23
C ARG B 216 -4.97 17.35 -29.46
N GLU B 217 -4.77 16.90 -30.71
CA GLU B 217 -4.88 15.48 -31.01
C GLU B 217 -3.76 14.69 -30.35
N GLU B 218 -2.53 15.20 -30.37
CA GLU B 218 -1.42 14.51 -29.75
C GLU B 218 -1.60 14.41 -28.24
N LEU B 219 -2.03 15.51 -27.60
CA LEU B 219 -2.26 15.48 -26.16
C LEU B 219 -3.40 14.53 -25.82
N TRP B 220 -4.44 14.50 -26.65
CA TRP B 220 -5.55 13.57 -26.43
C TRP B 220 -5.07 12.13 -26.56
N ASP B 221 -4.19 11.86 -27.53
CA ASP B 221 -3.63 10.52 -27.68
C ASP B 221 -2.80 10.13 -26.46
N GLN B 222 -1.98 11.06 -25.95
CA GLN B 222 -1.20 10.76 -24.76
C GLN B 222 -2.08 10.53 -23.54
N MET B 223 -3.18 11.28 -23.41
CA MET B 223 -4.13 11.01 -22.34
C MET B 223 -4.77 9.64 -22.52
N ARG B 224 -5.11 9.27 -23.75
CA ARG B 224 -5.68 7.95 -24.02
C ARG B 224 -4.65 6.85 -23.79
N THR B 225 -3.40 7.10 -24.17
CA THR B 225 -2.38 6.06 -24.16
C THR B 225 -2.14 5.55 -22.74
N LEU B 226 -2.11 4.22 -22.61
CA LEU B 226 -1.80 3.56 -21.34
C LEU B 226 -0.66 2.59 -21.59
N ASN B 227 0.47 2.83 -20.93
CA ASN B 227 1.67 2.03 -21.17
C ASN B 227 1.50 0.63 -20.62
N THR B 228 2.04 -0.35 -21.34
CA THR B 228 1.91 -1.76 -21.01
C THR B 228 3.26 -2.34 -20.57
N MET B 229 3.20 -3.26 -19.61
CA MET B 229 4.40 -3.89 -19.07
C MET B 229 4.12 -5.35 -18.76
N TRP B 230 5.18 -6.13 -18.71
CA TRP B 230 5.07 -7.53 -18.29
C TRP B 230 4.72 -7.60 -16.81
N LYS B 231 3.98 -8.65 -16.44
CA LYS B 231 3.69 -8.94 -15.04
C LYS B 231 4.73 -9.94 -14.55
N HIS B 232 5.84 -9.42 -14.03
CA HIS B 232 6.91 -10.27 -13.55
C HIS B 232 6.53 -10.93 -12.23
N LEU B 233 7.09 -12.12 -11.99
CA LEU B 233 6.90 -12.85 -10.74
C LEU B 233 5.42 -13.12 -10.47
N GLU B 234 4.69 -13.54 -11.50
CA GLU B 234 3.28 -13.87 -11.38
C GLU B 234 3.14 -15.36 -11.04
N ARG B 235 2.83 -15.65 -9.78
CA ARG B 235 2.75 -17.02 -9.30
C ARG B 235 1.31 -17.53 -9.47
N GLY B 236 1.15 -18.59 -10.25
CA GLY B 236 -0.15 -19.24 -10.33
C GLY B 236 -0.67 -19.53 -11.72
N ARG B 237 0.03 -19.08 -12.76
CA ARG B 237 -0.42 -19.28 -14.12
C ARG B 237 0.74 -19.75 -15.00
N LEU B 238 0.41 -20.59 -15.98
CA LEU B 238 1.40 -21.06 -16.95
C LEU B 238 1.72 -20.00 -17.99
N ASN B 239 0.74 -19.19 -18.38
CA ASN B 239 0.92 -18.16 -19.39
C ASN B 239 1.05 -16.80 -18.73
N ARG B 240 2.08 -16.05 -19.13
CA ARG B 240 2.33 -14.74 -18.55
C ARG B 240 1.31 -13.72 -19.07
N ARG B 241 0.78 -12.91 -18.16
CA ARG B 241 -0.14 -11.84 -18.52
C ARG B 241 0.60 -10.51 -18.62
N THR B 242 -0.13 -9.47 -18.98
CA THR B 242 0.43 -8.14 -19.18
C THR B 242 -0.34 -7.12 -18.35
N ILE B 243 0.39 -6.31 -17.60
CA ILE B 243 -0.19 -5.22 -16.85
C ILE B 243 0.00 -3.93 -17.65
N ALA B 244 -0.76 -2.90 -17.28
CA ALA B 244 -0.66 -1.62 -17.98
C ALA B 244 -0.88 -0.49 -16.97
N THR B 245 -0.37 0.69 -17.33
CA THR B 245 -0.47 1.87 -16.49
C THR B 245 -1.01 3.04 -17.32
N PRO B 246 -2.08 3.69 -16.88
CA PRO B 246 -2.57 4.87 -17.60
C PRO B 246 -1.70 6.09 -17.34
N SER B 247 -1.98 7.15 -18.10
CA SER B 247 -1.25 8.39 -17.95
C SER B 247 -1.67 9.10 -16.67
N MET B 248 -1.06 10.26 -16.41
CA MET B 248 -1.38 11.06 -15.24
C MET B 248 -2.55 11.99 -15.47
N LEU B 249 -3.05 12.08 -16.70
CA LEU B 249 -4.15 12.98 -17.03
C LEU B 249 -5.52 12.34 -16.83
N ILE B 250 -5.57 11.09 -16.37
CA ILE B 250 -6.84 10.39 -16.19
C ILE B 250 -6.89 9.80 -14.80
N ARG B 251 -5.74 9.82 -14.11
CA ARG B 251 -5.63 9.16 -12.83
C ARG B 251 -6.46 9.83 -11.73
N GLY B 252 -6.60 11.14 -11.76
CA GLY B 252 -7.45 11.81 -10.80
C GLY B 252 -8.91 11.45 -10.95
N PHE B 253 -9.40 11.43 -12.19
CA PHE B 253 -10.76 11.00 -12.47
C PHE B 253 -10.95 9.56 -12.02
N VAL B 254 -9.98 8.71 -12.32
CA VAL B 254 -10.06 7.30 -11.94
C VAL B 254 -10.11 7.17 -10.43
N LYS B 255 -9.30 7.96 -9.72
CA LYS B 255 -9.31 7.91 -8.26
C LYS B 255 -10.65 8.36 -7.69
N ILE B 256 -11.26 9.39 -8.29
CA ILE B 256 -12.59 9.80 -7.85
C ILE B 256 -13.58 8.65 -7.97
N VAL B 257 -13.60 8.01 -9.15
CA VAL B 257 -14.54 6.92 -9.37
C VAL B 257 -14.27 5.76 -8.42
N GLU B 258 -12.99 5.42 -8.24
CA GLU B 258 -12.65 4.29 -7.37
C GLU B 258 -12.96 4.58 -5.91
N ASP B 259 -12.80 5.82 -5.47
CA ASP B 259 -13.18 6.16 -4.11
C ASP B 259 -14.69 6.09 -3.93
N ALA B 260 -15.45 6.55 -4.92
CA ALA B 260 -16.89 6.39 -4.84
C ALA B 260 -17.27 4.92 -4.74
N ALA B 261 -16.62 4.07 -5.54
CA ALA B 261 -16.86 2.63 -5.46
C ALA B 261 -16.43 2.07 -4.10
N LYS B 262 -15.38 2.62 -3.49
CA LYS B 262 -14.92 2.15 -2.19
C LYS B 262 -15.96 2.40 -1.11
N GLU B 263 -16.44 3.63 -1.01
CA GLU B 263 -17.51 3.93 -0.06
C GLU B 263 -18.88 3.41 -0.47
N ILE B 264 -19.04 2.84 -1.66
CA ILE B 264 -20.23 2.02 -1.90
C ILE B 264 -20.01 0.60 -1.40
N LEU B 265 -18.88 0.00 -1.76
CA LEU B 265 -18.63 -1.42 -1.51
C LEU B 265 -18.33 -1.73 -0.05
N GLU B 266 -17.83 -0.76 0.71
CA GLU B 266 -17.54 -1.01 2.11
C GLU B 266 -18.79 -1.14 2.96
N ASN B 267 -19.97 -0.88 2.39
CA ASN B 267 -21.22 -0.92 3.13
C ASN B 267 -22.21 -1.95 2.62
N VAL B 268 -21.90 -2.65 1.53
CA VAL B 268 -22.78 -3.71 1.02
C VAL B 268 -22.27 -5.05 1.54
N PRO B 269 -23.16 -5.99 1.87
CA PRO B 269 -22.72 -7.26 2.44
C PRO B 269 -22.29 -8.31 1.43
N THR B 270 -22.42 -8.03 0.13
CA THR B 270 -22.10 -9.00 -0.90
C THR B 270 -20.73 -8.78 -1.53
N SER B 271 -19.92 -7.89 -0.98
CA SER B 271 -18.63 -7.55 -1.55
C SER B 271 -17.51 -8.08 -0.66
N GLY B 272 -16.45 -8.58 -1.30
CA GLY B 272 -15.29 -9.05 -0.57
C GLY B 272 -14.05 -8.21 -0.83
N VAL B 273 -14.14 -7.31 -1.81
CA VAL B 273 -13.03 -6.43 -2.16
C VAL B 273 -12.67 -5.46 -1.03
N PRO B 274 -13.55 -5.13 -0.07
CA PRO B 274 -13.05 -4.44 1.13
C PRO B 274 -12.02 -5.29 1.86
N VAL B 275 -11.01 -4.62 2.41
CA VAL B 275 -9.96 -5.34 3.15
C VAL B 275 -10.58 -6.07 4.35
N GLY B 276 -11.48 -5.39 5.06
CA GLY B 276 -12.19 -6.02 6.15
C GLY B 276 -13.41 -6.78 5.67
N GLY B 277 -13.61 -6.83 4.35
CA GLY B 277 -14.72 -7.52 3.74
C GLY B 277 -14.47 -8.98 3.43
N GLU B 278 -13.25 -9.47 3.59
CA GLU B 278 -12.97 -10.89 3.43
C GLU B 278 -13.24 -11.68 4.69
N GLU B 279 -13.42 -11.00 5.83
CA GLU B 279 -13.71 -11.65 7.10
C GLU B 279 -15.20 -11.84 7.33
N LYS B 280 -16.05 -11.24 6.52
CA LYS B 280 -17.48 -11.53 6.57
C LYS B 280 -17.81 -12.89 5.97
N LEU B 281 -16.96 -13.41 5.08
CA LEU B 281 -17.19 -14.73 4.51
C LEU B 281 -17.13 -15.81 5.57
N ALA B 282 -16.33 -15.61 6.62
CA ALA B 282 -16.35 -16.52 7.75
C ALA B 282 -17.71 -16.51 8.42
N LYS B 283 -18.32 -15.33 8.55
CA LYS B 283 -19.66 -15.25 9.12
C LYS B 283 -20.69 -15.95 8.23
N LEU B 284 -20.59 -15.77 6.92
CA LEU B 284 -21.50 -16.46 6.01
C LEU B 284 -21.34 -17.97 6.10
N ALA B 285 -20.09 -18.45 6.15
CA ALA B 285 -19.85 -19.88 6.24
C ALA B 285 -20.37 -20.45 7.56
N SER B 286 -20.11 -19.75 8.66
CA SER B 286 -20.63 -20.18 9.96
C SER B 286 -22.15 -20.12 10.02
N LYS B 287 -22.78 -19.34 9.14
CA LYS B 287 -24.23 -19.32 9.01
C LYS B 287 -24.61 -20.61 8.27
N GLN B 288 -24.68 -21.69 9.04
CA GLN B 288 -25.00 -23.02 8.52
C GLN B 288 -26.23 -23.61 9.20
N THR B 289 -27.07 -22.77 9.81
CA THR B 289 -28.25 -23.25 10.51
C THR B 289 -29.39 -23.54 9.55
N PHE B 290 -29.10 -24.30 8.49
CA PHE B 290 -30.13 -24.71 7.55
C PHE B 290 -31.06 -25.73 8.19
N HIS B 291 -32.36 -25.60 7.89
CA HIS B 291 -33.37 -26.48 8.48
C HIS B 291 -33.66 -27.64 7.53
N THR B 292 -32.64 -28.47 7.35
CA THR B 292 -32.71 -29.66 6.50
C THR B 292 -33.22 -29.32 5.10
N ALA B 293 -32.46 -28.47 4.41
CA ALA B 293 -32.79 -28.03 3.08
C ALA B 293 -31.57 -28.14 2.17
N VAL B 294 -31.83 -28.24 0.87
CA VAL B 294 -30.75 -28.37 -0.11
C VAL B 294 -30.00 -27.04 -0.15
N THR B 295 -28.77 -27.05 0.37
CA THR B 295 -27.94 -25.85 0.43
C THR B 295 -26.60 -26.15 -0.21
N GLY B 296 -26.38 -25.62 -1.42
CA GLY B 296 -25.14 -25.82 -2.14
C GLY B 296 -24.13 -24.71 -1.87
N GLU B 297 -23.01 -24.82 -2.57
CA GLU B 297 -21.93 -23.83 -2.45
C GLU B 297 -21.16 -23.83 -3.75
N LEU B 298 -21.18 -22.70 -4.46
CA LEU B 298 -20.59 -22.59 -5.79
C LEU B 298 -19.39 -21.65 -5.71
N SER B 299 -18.20 -22.23 -5.67
CA SER B 299 -16.97 -21.46 -5.72
C SER B 299 -16.40 -21.49 -7.14
N GLY B 300 -16.10 -20.32 -7.68
CA GLY B 300 -15.66 -20.26 -9.06
C GLY B 300 -14.83 -19.03 -9.36
N ASP B 301 -14.61 -18.81 -10.65
CA ASP B 301 -13.79 -17.71 -11.14
C ASP B 301 -14.32 -17.29 -12.50
N GLN B 302 -13.99 -16.07 -12.91
CA GLN B 302 -14.48 -15.49 -14.14
C GLN B 302 -13.36 -15.42 -15.17
N GLU B 303 -13.65 -15.86 -16.39
CA GLU B 303 -12.68 -15.85 -17.47
C GLU B 303 -12.79 -14.55 -18.26
N LYS B 304 -11.64 -14.05 -18.72
CA LYS B 304 -11.58 -12.86 -19.57
C LYS B 304 -12.32 -11.69 -18.91
N PHE B 305 -12.09 -11.53 -17.61
CA PHE B 305 -12.83 -10.53 -16.84
C PHE B 305 -12.54 -9.12 -17.35
N ASN B 306 -11.27 -8.83 -17.64
CA ASN B 306 -10.90 -7.54 -18.19
C ASN B 306 -11.15 -7.44 -19.69
N GLU B 307 -11.54 -8.54 -20.33
CA GLU B 307 -11.78 -8.53 -21.77
C GLU B 307 -13.25 -8.46 -22.13
N CYS B 308 -14.12 -9.15 -21.40
CA CYS B 308 -15.53 -9.20 -21.70
C CYS B 308 -16.34 -8.12 -20.98
N LEU B 309 -15.67 -7.07 -20.52
CA LEU B 309 -16.32 -5.99 -19.77
C LEU B 309 -16.28 -4.71 -20.59
N ASP B 310 -17.45 -4.25 -21.00
CA ASP B 310 -17.55 -2.99 -21.72
C ASP B 310 -17.61 -1.83 -20.74
N PRO B 311 -16.77 -0.81 -20.88
CA PRO B 311 -16.85 0.35 -19.97
C PRO B 311 -18.20 1.04 -19.99
N ASP B 312 -18.94 0.97 -21.09
CA ASP B 312 -20.24 1.63 -21.16
C ASP B 312 -21.25 1.03 -20.19
N ALA B 313 -21.16 -0.28 -19.89
CA ALA B 313 -22.09 -0.89 -18.95
C ALA B 313 -21.93 -0.28 -17.56
N MET B 314 -20.70 -0.22 -17.07
CA MET B 314 -20.46 0.36 -15.75
C MET B 314 -20.63 1.88 -15.75
N ARG B 315 -20.39 2.53 -16.90
CA ARG B 315 -20.74 3.94 -17.03
C ARG B 315 -22.25 4.15 -16.84
N LEU B 316 -23.05 3.30 -17.48
CA LEU B 316 -24.51 3.38 -17.34
C LEU B 316 -24.94 3.09 -15.92
N MET B 317 -24.31 2.11 -15.26
CA MET B 317 -24.64 1.82 -13.88
C MET B 317 -24.33 3.02 -12.98
N TRP B 318 -23.18 3.65 -13.20
CA TRP B 318 -22.81 4.82 -12.41
C TRP B 318 -23.79 5.96 -12.62
N THR B 319 -24.16 6.23 -13.88
CA THR B 319 -25.09 7.33 -14.13
C THR B 319 -26.48 7.02 -13.59
N VAL B 320 -26.88 5.75 -13.57
CA VAL B 320 -28.15 5.38 -12.97
C VAL B 320 -28.13 5.66 -11.46
N PHE B 321 -27.05 5.25 -10.79
CA PHE B 321 -26.95 5.54 -9.36
C PHE B 321 -26.97 7.04 -9.09
N LEU B 322 -26.21 7.81 -9.87
CA LEU B 322 -26.14 9.25 -9.64
C LEU B 322 -27.44 9.96 -9.97
N ARG B 323 -28.19 9.48 -10.97
CA ARG B 323 -29.47 10.08 -11.31
C ARG B 323 -30.56 9.73 -10.32
N LYS B 324 -30.57 8.51 -9.80
CA LYS B 324 -31.55 8.16 -8.77
C LYS B 324 -31.21 8.75 -7.41
N LEU B 325 -29.93 9.02 -7.15
CA LEU B 325 -29.55 9.65 -5.89
C LEU B 325 -30.03 11.09 -5.82
N GLY B 326 -30.02 11.79 -6.96
CA GLY B 326 -30.35 13.20 -7.00
C GLY B 326 -29.19 14.13 -7.24
N CYS B 327 -28.03 13.61 -7.63
CA CYS B 327 -26.86 14.44 -7.84
C CYS B 327 -27.05 15.37 -9.04
N PRO B 328 -26.38 16.53 -9.04
CA PRO B 328 -26.52 17.45 -10.17
C PRO B 328 -25.92 16.91 -11.46
N ASP B 329 -26.06 17.67 -12.55
CA ASP B 329 -25.58 17.22 -13.85
C ASP B 329 -24.06 17.07 -13.87
N TRP B 330 -23.34 18.00 -13.22
CA TRP B 330 -21.89 17.96 -13.28
C TRP B 330 -21.31 16.76 -12.53
N ILE B 331 -22.04 16.21 -11.56
CA ILE B 331 -21.58 14.99 -10.90
C ILE B 331 -21.54 13.83 -11.89
N MET B 332 -22.60 13.65 -12.66
CA MET B 332 -22.61 12.61 -13.67
C MET B 332 -21.72 12.95 -14.85
N GLU B 333 -21.42 14.24 -15.06
CA GLU B 333 -20.44 14.63 -16.06
C GLU B 333 -19.02 14.51 -15.55
N LEU B 334 -18.83 14.21 -14.27
CA LEU B 334 -17.51 13.94 -13.70
C LEU B 334 -17.23 12.45 -13.54
N PHE B 335 -18.26 11.65 -13.27
CA PHE B 335 -18.11 10.22 -13.10
C PHE B 335 -18.09 9.46 -14.41
N ASN B 336 -18.42 10.11 -15.53
CA ASN B 336 -18.49 9.46 -16.82
C ASN B 336 -17.27 9.72 -17.69
N ILE B 337 -16.44 10.70 -17.34
CA ILE B 337 -15.24 10.97 -18.13
C ILE B 337 -14.29 9.77 -18.18
N PRO B 338 -13.94 9.13 -17.05
CA PRO B 338 -12.97 8.04 -17.11
C PRO B 338 -13.35 6.92 -18.07
N PHE B 339 -14.62 6.53 -18.05
CA PHE B 339 -15.08 5.41 -18.84
C PHE B 339 -15.16 5.76 -20.32
N MET B 340 -15.44 7.02 -20.65
CA MET B 340 -15.42 7.43 -22.04
C MET B 340 -14.00 7.59 -22.56
N VAL B 341 -13.06 7.96 -21.69
CA VAL B 341 -11.66 8.00 -22.11
C VAL B 341 -11.14 6.58 -22.36
N PHE B 342 -11.42 5.66 -21.43
CA PHE B 342 -10.97 4.28 -21.63
C PHE B 342 -11.78 3.56 -22.70
N LYS B 343 -12.92 4.11 -23.11
CA LYS B 343 -13.60 3.62 -24.31
C LYS B 343 -12.74 3.85 -25.54
N SER B 344 -12.01 4.97 -25.57
CA SER B 344 -11.09 5.29 -26.65
C SER B 344 -9.65 4.92 -26.31
N LYS B 345 -9.45 3.89 -25.49
CA LYS B 345 -8.12 3.57 -25.00
C LYS B 345 -7.17 3.26 -26.15
N LEU B 346 -5.91 3.65 -25.96
CA LEU B 346 -4.83 3.37 -26.90
C LEU B 346 -3.81 2.51 -26.18
N ALA B 347 -3.99 1.19 -26.23
CA ALA B 347 -3.03 0.29 -25.62
C ALA B 347 -1.68 0.42 -26.33
N ASP B 348 -0.62 0.55 -25.53
CA ASP B 348 0.72 0.69 -26.08
C ASP B 348 1.25 -0.67 -26.51
N MET B 349 1.48 -0.84 -27.80
CA MET B 349 2.09 -2.06 -28.30
C MET B 349 3.51 -2.18 -27.80
N GLY B 350 4.03 -3.39 -27.79
CA GLY B 350 5.39 -3.63 -27.36
C GLY B 350 6.41 -3.19 -28.39
N GLU B 351 7.53 -3.88 -28.45
CA GLU B 351 8.58 -3.56 -29.40
C GLU B 351 8.46 -4.32 -30.72
N GLY B 352 7.40 -5.10 -30.90
CA GLY B 352 7.14 -5.74 -32.17
C GLY B 352 7.07 -7.25 -32.11
N LEU B 353 6.26 -7.85 -32.99
CA LEU B 353 6.14 -9.29 -33.05
C LEU B 353 7.45 -9.91 -33.54
N VAL B 354 7.72 -11.12 -33.07
CA VAL B 354 8.97 -11.81 -33.36
C VAL B 354 8.81 -12.53 -34.70
N TYR B 355 9.50 -12.02 -35.72
CA TYR B 355 9.56 -12.66 -37.03
C TYR B 355 10.95 -13.27 -37.21
N THR B 356 10.99 -14.54 -37.62
CA THR B 356 12.24 -15.27 -37.75
C THR B 356 12.48 -15.66 -39.20
N LYS B 357 13.75 -15.72 -39.58
CA LYS B 357 14.19 -16.19 -40.89
C LYS B 357 15.26 -17.25 -40.65
N GLY B 358 14.82 -18.49 -40.44
CA GLY B 358 15.78 -19.54 -40.12
C GLY B 358 16.08 -19.59 -38.65
N LYS B 359 17.19 -18.97 -38.25
CA LYS B 359 17.59 -18.94 -36.85
C LYS B 359 17.63 -17.54 -36.24
N LEU B 360 17.92 -16.50 -37.01
CA LEU B 360 17.95 -15.14 -36.51
C LEU B 360 16.55 -14.54 -36.56
N THR B 361 16.23 -13.71 -35.57
CA THR B 361 14.91 -13.10 -35.44
C THR B 361 15.02 -11.59 -35.50
N ASP B 362 13.94 -10.95 -35.94
CA ASP B 362 13.85 -9.50 -36.00
C ASP B 362 12.53 -9.08 -35.37
N ARG B 363 12.54 -7.94 -34.70
CA ARG B 363 11.37 -7.42 -34.00
C ARG B 363 10.67 -6.41 -34.92
N LYS B 364 9.56 -6.83 -35.52
CA LYS B 364 8.89 -6.02 -36.52
C LYS B 364 7.53 -5.56 -36.02
N PRO B 365 7.07 -4.38 -36.43
CA PRO B 365 5.77 -3.88 -35.98
C PRO B 365 4.62 -4.75 -36.48
N LEU B 366 3.43 -4.47 -35.95
CA LEU B 366 2.25 -5.25 -36.32
C LEU B 366 1.91 -5.08 -37.79
N GLY B 367 2.01 -3.85 -38.31
CA GLY B 367 1.64 -3.60 -39.69
C GLY B 367 2.53 -4.32 -40.69
N GLU B 368 3.84 -4.35 -40.42
CA GLU B 368 4.76 -4.98 -41.34
C GLU B 368 4.62 -6.50 -41.29
N MET B 369 4.54 -7.11 -42.49
CA MET B 369 4.43 -8.55 -42.71
C MET B 369 3.14 -9.13 -42.14
N PRO B 370 2.64 -10.24 -42.70
CA PRO B 370 1.42 -10.83 -42.17
C PRO B 370 1.67 -11.64 -40.90
N SER B 371 0.67 -11.64 -40.03
CA SER B 371 0.72 -12.37 -38.76
C SER B 371 -0.67 -12.92 -38.49
N GLU B 372 -0.90 -13.38 -37.26
CA GLU B 372 -2.24 -13.80 -36.88
C GLU B 372 -3.16 -12.62 -36.62
N PHE B 373 -2.61 -11.48 -36.22
CA PHE B 373 -3.41 -10.29 -35.90
C PHE B 373 -3.45 -9.33 -37.08
N ASP B 374 -3.92 -9.84 -38.23
CA ASP B 374 -4.07 -8.99 -39.41
C ASP B 374 -5.33 -8.14 -39.38
N ASP B 375 -6.31 -8.49 -38.55
CA ASP B 375 -7.55 -7.73 -38.51
C ASP B 375 -7.38 -6.41 -37.77
N LEU B 376 -6.41 -6.31 -36.88
CA LEU B 376 -6.24 -5.13 -36.02
C LEU B 376 -5.28 -4.11 -36.62
N VAL B 377 -4.83 -4.30 -37.86
CA VAL B 377 -3.92 -3.33 -38.47
C VAL B 377 -4.59 -1.98 -38.64
N ARG B 378 -5.90 -1.96 -38.90
CA ARG B 378 -6.65 -0.72 -39.06
C ARG B 378 -6.76 0.09 -37.78
N ASN B 379 -6.42 -0.49 -36.63
CA ASN B 379 -6.51 0.20 -35.35
C ASN B 379 -5.16 0.70 -34.86
N VAL B 380 -4.12 0.65 -35.68
CA VAL B 380 -2.78 1.03 -35.24
C VAL B 380 -2.63 2.54 -35.35
N VAL B 381 -2.24 3.18 -34.25
CA VAL B 381 -1.97 4.60 -34.20
C VAL B 381 -0.53 4.75 -33.71
N GLY B 382 0.41 4.86 -34.64
CA GLY B 382 1.82 4.90 -34.29
C GLY B 382 2.28 3.58 -33.70
N ASN B 383 2.78 3.61 -32.47
CA ASN B 383 3.16 2.41 -31.75
C ASN B 383 2.09 1.98 -30.76
N SER B 384 0.88 2.53 -30.87
CA SER B 384 -0.23 2.20 -29.99
C SER B 384 -1.42 1.77 -30.83
N ILE B 385 -2.24 0.88 -30.25
CA ILE B 385 -3.38 0.31 -30.95
C ILE B 385 -4.63 0.50 -30.09
N SER B 386 -5.72 0.94 -30.72
CA SER B 386 -6.96 1.21 -30.00
C SER B 386 -7.78 -0.06 -29.83
N CYS B 387 -8.62 -0.07 -28.80
CA CYS B 387 -9.48 -1.22 -28.53
C CYS B 387 -10.67 -0.72 -27.71
N ARG B 388 -11.85 -0.67 -28.35
CA ARG B 388 -13.03 -0.10 -27.70
C ARG B 388 -13.63 -1.05 -26.68
N LEU B 389 -13.68 -2.34 -26.98
CA LEU B 389 -14.32 -3.33 -26.11
C LEU B 389 -13.29 -3.94 -25.16
N GLY B 390 -13.69 -4.11 -23.91
CA GLY B 390 -12.78 -4.70 -22.95
C GLY B 390 -12.02 -3.67 -22.14
N MET B 391 -11.49 -4.12 -21.00
CA MET B 391 -10.81 -3.24 -20.07
C MET B 391 -9.29 -3.29 -20.24
N PHE B 392 -8.76 -4.46 -20.59
CA PHE B 392 -7.36 -4.69 -20.95
C PHE B 392 -6.43 -4.63 -19.74
N MET B 393 -6.92 -4.13 -18.62
CA MET B 393 -6.13 -4.09 -17.39
C MET B 393 -7.05 -3.71 -16.25
N GLY B 394 -6.66 -4.09 -15.04
CA GLY B 394 -7.52 -3.92 -13.88
C GLY B 394 -7.35 -2.63 -13.10
N MET B 395 -7.57 -1.49 -13.73
CA MET B 395 -7.61 -0.24 -12.97
C MET B 395 -8.93 -0.08 -12.24
N TYR B 396 -9.99 -0.68 -12.78
CA TYR B 396 -11.33 -0.64 -12.20
C TYR B 396 -11.67 -2.05 -11.72
N ASN B 397 -11.28 -2.34 -10.49
CA ASN B 397 -11.71 -3.58 -9.86
C ASN B 397 -12.90 -3.36 -8.96
N LEU B 398 -12.95 -2.18 -8.32
CA LEU B 398 -14.04 -1.87 -7.40
C LEU B 398 -15.36 -1.68 -8.15
N THR B 399 -15.36 -0.88 -9.21
CA THR B 399 -16.61 -0.70 -9.95
C THR B 399 -16.95 -1.93 -10.79
N SER B 400 -15.95 -2.74 -11.17
CA SER B 400 -16.24 -4.02 -11.79
C SER B 400 -16.97 -4.94 -10.82
N THR B 401 -16.51 -4.98 -9.56
CA THR B 401 -17.23 -5.72 -8.54
C THR B 401 -18.62 -5.14 -8.33
N LEU B 402 -18.74 -3.82 -8.43
CA LEU B 402 -20.06 -3.18 -8.34
C LEU B 402 -21.00 -3.67 -9.43
N LEU B 403 -20.49 -3.76 -10.66
CA LEU B 403 -21.30 -4.28 -11.76
C LEU B 403 -21.70 -5.72 -11.51
N ALA B 404 -20.74 -6.54 -11.06
CA ALA B 404 -21.05 -7.93 -10.77
C ALA B 404 -22.07 -8.06 -9.63
N LEU B 405 -22.10 -7.10 -8.71
CA LEU B 405 -23.04 -7.15 -7.60
C LEU B 405 -24.42 -6.67 -8.00
N ILE B 406 -24.51 -5.63 -8.83
CA ILE B 406 -25.82 -5.23 -9.35
C ILE B 406 -26.40 -6.31 -10.24
N SER B 407 -25.54 -7.12 -10.87
CA SER B 407 -26.05 -8.28 -11.60
C SER B 407 -26.70 -9.28 -10.66
N ILE B 408 -26.20 -9.38 -9.43
CA ILE B 408 -26.70 -10.37 -8.48
C ILE B 408 -28.15 -10.09 -8.11
N GLU B 409 -28.51 -8.81 -7.97
CA GLU B 409 -29.80 -8.42 -7.38
C GLU B 409 -30.95 -8.69 -8.37
N ARG B 410 -31.50 -9.89 -8.25
CA ARG B 410 -32.72 -10.28 -8.95
C ARG B 410 -33.75 -10.79 -7.93
N GLU B 411 -34.86 -11.31 -8.45
CA GLU B 411 -35.87 -11.93 -7.60
C GLU B 411 -35.71 -13.44 -7.52
N GLU B 412 -35.17 -14.07 -8.58
CA GLU B 412 -34.96 -15.51 -8.55
C GLU B 412 -33.81 -15.89 -7.63
N LEU B 413 -32.73 -15.11 -7.63
CA LEU B 413 -31.56 -15.40 -6.82
C LEU B 413 -31.83 -15.02 -5.37
N THR B 414 -31.89 -16.03 -4.50
CA THR B 414 -32.18 -15.82 -3.09
C THR B 414 -31.08 -16.41 -2.20
N GLY B 415 -29.84 -16.37 -2.67
CA GLY B 415 -28.71 -16.88 -1.94
C GLY B 415 -27.78 -15.80 -1.44
N SER B 416 -26.60 -16.23 -0.98
CA SER B 416 -25.57 -15.33 -0.48
C SER B 416 -24.40 -15.33 -1.44
N HIS B 417 -23.99 -14.15 -1.88
CA HIS B 417 -22.94 -13.99 -2.87
C HIS B 417 -21.82 -13.12 -2.31
N VAL B 418 -20.59 -13.51 -2.58
CA VAL B 418 -19.40 -12.73 -2.25
C VAL B 418 -18.58 -12.56 -3.51
N GLU B 419 -18.24 -11.32 -3.85
CA GLU B 419 -17.60 -11.00 -5.11
C GLU B 419 -16.31 -10.24 -4.84
N SER B 420 -15.20 -10.75 -5.37
CA SER B 420 -13.90 -10.07 -5.30
C SER B 420 -13.24 -10.18 -6.67
N SER B 421 -13.54 -9.22 -7.55
CA SER B 421 -13.01 -9.21 -8.91
C SER B 421 -13.27 -10.54 -9.59
N ASP B 422 -12.20 -11.28 -9.90
CA ASP B 422 -12.33 -12.61 -10.48
C ASP B 422 -13.03 -13.58 -9.56
N ASP B 423 -12.39 -13.87 -8.42
CA ASP B 423 -12.84 -14.94 -7.55
C ASP B 423 -14.15 -14.56 -6.85
N PHE B 424 -15.00 -15.56 -6.65
CA PHE B 424 -16.31 -15.35 -6.04
C PHE B 424 -16.75 -16.66 -5.40
N ILE B 425 -17.82 -16.59 -4.62
CA ILE B 425 -18.41 -17.78 -4.01
C ILE B 425 -19.88 -17.49 -3.72
N HIS B 426 -20.74 -18.47 -3.98
CA HIS B 426 -22.17 -18.34 -3.77
C HIS B 426 -22.66 -19.45 -2.84
N PHE B 427 -23.63 -19.12 -2.01
CA PHE B 427 -24.20 -20.05 -1.03
C PHE B 427 -25.70 -20.18 -1.30
N PHE B 428 -26.07 -21.12 -2.15
CA PHE B 428 -27.49 -21.37 -2.41
C PHE B 428 -28.14 -22.00 -1.19
N ASN B 429 -29.39 -21.61 -0.94
CA ASN B 429 -30.21 -22.18 0.13
C ASN B 429 -31.60 -22.34 -0.45
N CYS B 430 -31.87 -23.51 -1.02
CA CYS B 430 -33.11 -23.80 -1.72
C CYS B 430 -33.87 -24.91 -1.03
N LYS B 431 -34.99 -25.31 -1.64
CA LYS B 431 -35.81 -26.39 -1.12
C LYS B 431 -35.61 -27.70 -1.86
N THR B 432 -35.37 -27.66 -3.17
CA THR B 432 -35.15 -28.85 -3.97
C THR B 432 -33.92 -28.64 -4.86
N HIS B 433 -33.34 -29.76 -5.30
CA HIS B 433 -32.15 -29.69 -6.13
C HIS B 433 -32.44 -29.01 -7.47
N GLU B 434 -33.66 -29.20 -8.00
CA GLU B 434 -34.03 -28.54 -9.24
C GLU B 434 -34.02 -27.02 -9.09
N GLU B 435 -34.52 -26.52 -7.96
CA GLU B 435 -34.48 -25.09 -7.70
C GLU B 435 -33.04 -24.60 -7.60
N MET B 436 -32.16 -25.38 -6.98
CA MET B 436 -30.76 -24.99 -6.89
C MET B 436 -30.12 -24.93 -8.27
N PHE B 437 -30.42 -25.90 -9.14
CA PHE B 437 -29.87 -25.86 -10.49
C PHE B 437 -30.41 -24.68 -11.27
N LYS B 438 -31.70 -24.38 -11.13
CA LYS B 438 -32.27 -23.22 -11.81
C LYS B 438 -31.63 -21.93 -11.32
N GLN B 439 -31.39 -21.81 -10.01
CA GLN B 439 -30.76 -20.60 -9.50
C GLN B 439 -29.31 -20.49 -9.97
N ALA B 440 -28.59 -21.61 -10.04
CA ALA B 440 -27.22 -21.57 -10.54
C ALA B 440 -27.17 -21.14 -12.00
N GLU B 441 -28.07 -21.69 -12.82
CA GLU B 441 -28.09 -21.29 -14.22
C GLU B 441 -28.54 -19.84 -14.39
N THR B 442 -29.47 -19.39 -13.54
CA THR B 442 -29.86 -17.98 -13.56
C THR B 442 -28.69 -17.09 -13.19
N LEU B 443 -27.89 -17.50 -12.21
CA LEU B 443 -26.68 -16.77 -11.86
C LEU B 443 -25.74 -16.67 -13.05
N ARG B 444 -25.47 -17.81 -13.70
CA ARG B 444 -24.58 -17.82 -14.85
C ARG B 444 -25.09 -16.88 -15.94
N LEU B 445 -26.37 -17.02 -16.30
CA LEU B 445 -26.92 -16.21 -17.37
C LEU B 445 -26.95 -14.73 -17.01
N THR B 446 -27.22 -14.39 -15.76
CA THR B 446 -27.26 -12.99 -15.36
C THR B 446 -25.87 -12.36 -15.40
N LEU B 447 -24.85 -13.10 -14.96
CA LEU B 447 -23.49 -12.57 -15.09
C LEU B 447 -23.08 -12.45 -16.55
N LYS B 448 -23.57 -13.34 -17.41
CA LYS B 448 -23.31 -13.19 -18.84
C LYS B 448 -24.10 -12.02 -19.43
N LEU B 449 -25.20 -11.63 -18.79
CA LEU B 449 -26.00 -10.50 -19.28
C LEU B 449 -25.19 -9.22 -19.29
N VAL B 450 -24.39 -8.98 -18.25
CA VAL B 450 -23.54 -7.79 -18.18
C VAL B 450 -22.11 -8.09 -18.60
N GLY B 451 -21.79 -9.32 -18.98
CA GLY B 451 -20.48 -9.66 -19.48
C GLY B 451 -19.48 -10.11 -18.45
N ILE B 452 -19.90 -10.84 -17.43
CA ILE B 452 -18.98 -11.29 -16.39
C ILE B 452 -18.37 -12.65 -16.73
N ASN B 453 -19.17 -13.57 -17.27
CA ASN B 453 -18.68 -14.74 -17.99
C ASN B 453 -17.79 -15.64 -17.12
N MET B 454 -18.43 -16.31 -16.15
CA MET B 454 -17.71 -17.25 -15.33
C MET B 454 -17.04 -18.32 -16.19
N SER B 455 -15.82 -18.69 -15.81
CA SER B 455 -15.10 -19.74 -16.53
C SER B 455 -15.74 -21.09 -16.24
N PRO B 456 -16.17 -21.84 -17.27
CA PRO B 456 -16.86 -23.10 -17.02
C PRO B 456 -16.02 -24.12 -16.26
N SER B 457 -14.72 -24.15 -16.54
CA SER B 457 -13.84 -25.15 -15.96
C SER B 457 -13.31 -24.76 -14.58
N LYS B 458 -13.66 -23.58 -14.07
CA LYS B 458 -13.14 -23.10 -12.81
C LYS B 458 -14.19 -22.96 -11.73
N CYS B 459 -15.47 -23.17 -12.04
CA CYS B 459 -16.54 -23.12 -11.08
C CYS B 459 -17.00 -24.53 -10.73
N ILE B 460 -17.03 -24.85 -9.44
CA ILE B 460 -17.42 -26.16 -8.94
C ILE B 460 -18.46 -25.97 -7.86
N LEU B 461 -19.56 -26.72 -7.95
CA LEU B 461 -20.67 -26.62 -7.01
C LEU B 461 -20.73 -27.90 -6.19
N ILE B 462 -20.75 -27.76 -4.87
CA ILE B 462 -20.92 -28.89 -3.97
C ILE B 462 -22.32 -28.84 -3.40
N SER B 463 -23.12 -29.87 -3.67
CA SER B 463 -24.54 -29.82 -3.32
C SER B 463 -24.73 -29.76 -1.81
N PRO B 464 -24.05 -30.57 -1.00
CA PRO B 464 -23.97 -30.26 0.43
C PRO B 464 -22.90 -29.19 0.67
N ALA B 465 -23.33 -28.03 1.15
CA ALA B 465 -22.38 -26.94 1.36
C ALA B 465 -21.40 -27.29 2.48
N GLY B 466 -20.24 -26.63 2.44
CA GLY B 466 -19.22 -26.85 3.43
C GLY B 466 -17.80 -26.86 2.89
N ILE B 467 -17.63 -27.26 1.63
CA ILE B 467 -16.32 -27.29 1.00
C ILE B 467 -16.30 -26.27 -0.14
N GLY B 468 -15.26 -25.43 -0.15
CA GLY B 468 -15.15 -24.42 -1.18
C GLY B 468 -13.85 -23.65 -1.01
N GLU B 469 -13.71 -22.59 -1.79
CA GLU B 469 -12.50 -21.79 -1.77
C GLU B 469 -12.83 -20.37 -2.17
N PHE B 470 -12.02 -19.42 -1.69
CA PHE B 470 -12.18 -18.01 -2.05
C PHE B 470 -10.87 -17.29 -1.73
N ASN B 471 -10.22 -16.77 -2.76
CA ASN B 471 -8.96 -16.03 -2.61
C ASN B 471 -7.92 -16.86 -1.84
N SER B 472 -7.75 -18.10 -2.28
CA SER B 472 -6.81 -19.06 -1.69
C SER B 472 -7.11 -19.35 -0.23
N LYS B 473 -8.35 -19.16 0.20
CA LYS B 473 -8.80 -19.49 1.55
C LYS B 473 -9.81 -20.62 1.44
N PHE B 474 -9.40 -21.83 1.84
CA PHE B 474 -10.22 -23.02 1.70
C PHE B 474 -11.11 -23.20 2.91
N HIS B 475 -12.28 -23.80 2.68
CA HIS B 475 -13.33 -23.91 3.69
C HIS B 475 -13.76 -25.36 3.83
N HIS B 476 -13.72 -25.87 5.06
CA HIS B 476 -14.26 -27.19 5.40
C HIS B 476 -14.84 -27.09 6.81
N ARG B 477 -16.12 -26.73 6.89
CA ARG B 477 -16.83 -26.49 8.14
C ARG B 477 -16.26 -25.25 8.86
N ASP B 478 -15.23 -24.68 8.27
CA ASP B 478 -14.50 -23.50 8.74
C ASP B 478 -13.38 -23.21 7.75
N PHE B 479 -12.81 -22.02 7.84
CA PHE B 479 -11.71 -21.66 6.95
C PHE B 479 -10.38 -22.03 7.56
N VAL B 480 -9.61 -22.84 6.84
CA VAL B 480 -8.33 -23.36 7.31
C VAL B 480 -7.22 -22.44 6.83
N GLY B 481 -6.32 -22.08 7.75
CA GLY B 481 -5.21 -21.24 7.37
C GLY B 481 -4.29 -21.92 6.37
N ASN B 482 -3.71 -21.11 5.48
CA ASN B 482 -2.82 -21.60 4.44
C ASN B 482 -1.48 -20.88 4.59
N VAL B 483 -0.50 -21.59 5.16
CA VAL B 483 0.81 -20.99 5.42
C VAL B 483 1.53 -20.68 4.11
N ALA B 484 1.21 -21.41 3.03
CA ALA B 484 1.95 -21.25 1.79
C ALA B 484 1.74 -19.87 1.17
N THR B 485 0.56 -19.27 1.34
CA THR B 485 0.23 -18.03 0.65
C THR B 485 1.16 -16.88 1.01
N GLU B 486 1.83 -16.96 2.16
CA GLU B 486 2.67 -15.86 2.63
C GLU B 486 4.13 -16.26 2.80
N LEU B 487 4.52 -17.44 2.34
CA LEU B 487 5.91 -17.85 2.44
C LEU B 487 6.89 -16.92 1.74
N PRO B 488 6.63 -16.43 0.53
CA PRO B 488 7.59 -15.49 -0.08
C PRO B 488 7.81 -14.21 0.71
N ALA B 489 7.04 -13.96 1.76
CA ALA B 489 7.17 -12.76 2.57
C ALA B 489 8.06 -12.95 3.79
N LEU B 490 8.59 -14.15 4.03
CA LEU B 490 9.47 -14.39 5.17
C LEU B 490 10.92 -14.08 4.87
N VAL B 491 11.24 -13.71 3.64
CA VAL B 491 12.59 -13.25 3.32
C VAL B 491 12.74 -11.86 3.91
N PRO B 492 13.87 -11.53 4.53
CA PRO B 492 14.05 -10.17 5.07
C PRO B 492 13.96 -9.13 3.96
N ASN B 493 13.39 -7.97 4.31
CA ASN B 493 13.27 -6.87 3.36
C ASN B 493 14.66 -6.28 3.09
N GLY B 494 14.69 -5.21 2.29
CA GLY B 494 15.97 -4.66 1.90
C GLY B 494 16.17 -3.19 2.21
N THR B 495 15.65 -2.74 3.36
CA THR B 495 15.78 -1.34 3.75
C THR B 495 16.87 -1.12 4.79
N ASN B 496 16.74 -1.75 5.95
CA ASN B 496 17.72 -1.63 7.03
C ASN B 496 17.40 -2.69 8.08
N PRO B 497 18.39 -3.07 8.90
CA PRO B 497 18.17 -4.17 9.85
C PRO B 497 16.96 -4.00 10.76
N MET B 498 16.75 -2.80 11.29
CA MET B 498 15.65 -2.60 12.23
C MET B 498 14.30 -2.77 11.54
N THR B 499 14.10 -2.10 10.40
CA THR B 499 12.85 -2.22 9.68
C THR B 499 12.65 -3.63 9.15
N ASP B 500 13.73 -4.29 8.72
CA ASP B 500 13.62 -5.66 8.22
C ASP B 500 13.15 -6.59 9.32
N LEU B 501 13.74 -6.49 10.52
CA LEU B 501 13.32 -7.34 11.63
C LEU B 501 11.89 -7.02 12.04
N ALA B 502 11.53 -5.74 12.05
CA ALA B 502 10.16 -5.36 12.40
C ALA B 502 9.16 -5.96 11.42
N MET B 503 9.44 -5.85 10.12
CA MET B 503 8.53 -6.43 9.13
C MET B 503 8.47 -7.94 9.23
N GLY B 504 9.61 -8.61 9.46
CA GLY B 504 9.57 -10.06 9.60
C GLY B 504 8.72 -10.49 10.76
N LEU B 505 8.93 -9.88 11.93
CA LEU B 505 8.15 -10.22 13.11
C LEU B 505 6.68 -9.91 12.91
N ASN B 506 6.37 -8.77 12.26
CA ASN B 506 4.97 -8.41 12.04
C ASN B 506 4.30 -9.34 11.06
N VAL B 507 5.02 -9.79 10.02
CA VAL B 507 4.44 -10.75 9.08
C VAL B 507 4.16 -12.07 9.77
N ILE B 508 5.09 -12.54 10.60
CA ILE B 508 4.86 -13.79 11.32
C ILE B 508 3.68 -13.65 12.27
N LYS B 509 3.60 -12.52 12.99
CA LYS B 509 2.49 -12.31 13.90
C LYS B 509 1.16 -12.24 13.16
N HIS B 510 1.13 -11.57 12.01
CA HIS B 510 -0.09 -11.48 11.21
C HIS B 510 -0.51 -12.86 10.72
N SER B 511 0.44 -13.66 10.24
CA SER B 511 0.11 -15.01 9.79
C SER B 511 -0.42 -15.86 10.94
N VAL B 512 0.15 -15.69 12.14
CA VAL B 512 -0.38 -16.41 13.30
C VAL B 512 -1.79 -15.95 13.63
N ASN B 513 -2.04 -14.64 13.60
CA ASN B 513 -3.36 -14.12 13.94
C ASN B 513 -4.42 -14.58 12.96
N THR B 514 -4.11 -14.55 11.66
CA THR B 514 -5.08 -14.99 10.67
C THR B 514 -5.30 -16.49 10.68
N GLY B 515 -4.50 -17.25 11.43
CA GLY B 515 -4.62 -18.68 11.48
C GLY B 515 -3.77 -19.44 10.49
N GLN B 516 -3.06 -18.74 9.61
CA GLN B 516 -2.19 -19.39 8.64
C GLN B 516 -0.96 -20.03 9.29
N MET B 517 -0.65 -19.66 10.53
CA MET B 517 0.46 -20.26 11.26
C MET B 517 0.00 -20.56 12.69
N ASN B 518 0.75 -21.42 13.35
CA ASN B 518 0.48 -21.79 14.74
C ASN B 518 1.80 -21.78 15.50
N LEU B 519 1.79 -22.36 16.69
CA LEU B 519 2.95 -22.32 17.59
C LEU B 519 4.22 -22.77 16.88
N CYS B 520 4.24 -24.03 16.43
CA CYS B 520 5.44 -24.60 15.84
C CYS B 520 5.79 -23.92 14.52
N THR B 521 4.79 -23.69 13.67
CA THR B 521 5.07 -23.06 12.38
C THR B 521 5.62 -21.65 12.58
N GLY B 522 5.02 -20.87 13.49
CA GLY B 522 5.52 -19.54 13.75
C GLY B 522 6.92 -19.53 14.32
N ALA B 523 7.20 -20.44 15.27
CA ALA B 523 8.52 -20.51 15.87
C ALA B 523 9.57 -20.91 14.84
N LEU B 524 9.27 -21.90 14.00
CA LEU B 524 10.21 -22.31 12.96
C LEU B 524 10.41 -21.19 11.94
N ALA B 525 9.34 -20.47 11.61
CA ALA B 525 9.46 -19.33 10.72
C ALA B 525 10.39 -18.27 11.30
N MET B 526 10.26 -18.00 12.60
CA MET B 526 11.14 -17.04 13.25
C MET B 526 12.58 -17.53 13.25
N ARG B 527 12.81 -18.82 13.51
CA ARG B 527 14.16 -19.34 13.53
C ARG B 527 14.81 -19.31 12.15
N ILE B 528 14.03 -19.54 11.10
CA ILE B 528 14.55 -19.44 9.74
C ILE B 528 14.82 -17.98 9.37
N PHE B 529 13.88 -17.09 9.72
CA PHE B 529 14.04 -15.67 9.41
C PHE B 529 15.24 -15.08 10.13
N ASN B 530 15.55 -15.57 11.34
CA ASN B 530 16.70 -15.06 12.07
C ASN B 530 17.99 -15.40 11.34
N HIS B 531 18.12 -16.64 10.85
CA HIS B 531 19.30 -17.01 10.10
C HIS B 531 19.40 -16.25 8.78
N ALA B 532 18.28 -16.07 8.09
CA ALA B 532 18.29 -15.29 6.86
C ALA B 532 18.70 -13.84 7.13
N TYR B 533 18.18 -13.28 8.23
CA TYR B 533 18.53 -11.94 8.68
C TYR B 533 20.03 -11.81 8.95
N LYS B 534 20.57 -12.73 9.73
CA LYS B 534 21.98 -12.66 10.10
C LYS B 534 22.89 -12.85 8.89
N TYR B 535 22.56 -13.79 8.01
CA TYR B 535 23.38 -14.00 6.82
C TYR B 535 23.35 -12.79 5.90
N ALA B 536 22.17 -12.23 5.66
CA ALA B 536 22.03 -11.15 4.69
C ALA B 536 22.73 -9.88 5.13
N TYR B 537 22.95 -9.69 6.43
CA TYR B 537 23.57 -8.48 6.96
C TYR B 537 24.99 -8.71 7.46
N MET B 538 25.67 -9.70 6.90
CA MET B 538 27.10 -9.96 7.15
C MET B 538 27.37 -10.16 8.63
N ALA B 539 26.63 -11.10 9.22
CA ALA B 539 26.77 -11.41 10.65
C ALA B 539 27.02 -12.90 10.89
N LEU B 540 27.35 -13.65 9.84
CA LEU B 540 27.61 -15.08 9.96
C LEU B 540 28.95 -15.40 9.32
N GLY B 541 29.76 -16.19 10.02
CA GLY B 541 31.06 -16.54 9.51
C GLY B 541 32.02 -15.36 9.54
N VAL B 542 33.07 -15.47 8.72
CA VAL B 542 34.05 -14.40 8.60
C VAL B 542 33.62 -13.48 7.45
N THR B 543 33.36 -12.22 7.78
CA THR B 543 32.96 -11.21 6.81
C THR B 543 33.66 -9.90 7.18
N ARG B 544 33.37 -8.86 6.39
CA ARG B 544 33.97 -7.56 6.66
C ARG B 544 33.45 -6.97 7.96
N ARG B 545 32.15 -7.13 8.24
CA ARG B 545 31.58 -6.62 9.48
C ARG B 545 32.15 -7.33 10.69
N THR B 546 32.19 -8.66 10.65
CA THR B 546 32.75 -9.43 11.77
C THR B 546 34.22 -9.11 11.96
N ARG B 547 34.97 -8.96 10.88
CA ARG B 547 36.38 -8.56 10.99
C ARG B 547 36.50 -7.20 11.66
N PHE B 548 35.73 -6.22 11.18
CA PHE B 548 35.84 -4.87 11.73
C PHE B 548 35.47 -4.84 13.20
N MET B 549 34.52 -5.70 13.61
CA MET B 549 34.21 -5.81 15.03
C MET B 549 35.26 -6.61 15.80
N GLU B 550 36.02 -7.47 15.11
CA GLU B 550 37.03 -8.27 15.80
C GLU B 550 38.28 -7.45 16.10
N GLU B 551 38.83 -6.77 15.09
CA GLU B 551 40.00 -5.94 15.34
C GLU B 551 39.65 -4.51 15.78
N ASN B 552 38.48 -4.33 16.41
CA ASN B 552 38.16 -3.06 17.06
C ASN B 552 37.49 -3.27 18.41
N ALA B 553 37.40 -4.51 18.89
CA ALA B 553 36.82 -4.82 20.20
C ALA B 553 35.38 -4.31 20.32
N ILE B 554 34.64 -4.38 19.22
CA ILE B 554 33.23 -3.98 19.19
C ILE B 554 32.41 -5.25 19.40
N THR B 555 31.97 -5.46 20.63
CA THR B 555 31.20 -6.66 20.95
C THR B 555 29.83 -6.59 20.27
N PRO B 556 29.28 -7.73 19.82
CA PRO B 556 27.95 -7.72 19.21
C PRO B 556 26.86 -7.63 20.27
N LEU B 557 25.97 -6.65 20.12
CA LEU B 557 24.88 -6.44 21.05
C LEU B 557 23.50 -6.48 20.41
N LEU B 558 23.41 -6.45 19.09
CA LEU B 558 22.14 -6.51 18.37
C LEU B 558 22.08 -7.80 17.56
N THR B 559 20.85 -8.19 17.19
CA THR B 559 20.67 -9.39 16.39
C THR B 559 21.35 -9.27 15.04
N ASN B 560 21.25 -8.10 14.40
CA ASN B 560 21.94 -7.88 13.14
C ASN B 560 23.46 -7.86 13.31
N GLN B 561 23.94 -7.69 14.54
CA GLN B 561 25.37 -7.72 14.82
C GLN B 561 25.89 -9.11 15.13
N GLY B 562 25.01 -10.12 15.16
CA GLY B 562 25.41 -11.47 15.46
C GLY B 562 25.14 -11.93 16.88
N ALA B 563 24.45 -11.14 17.69
CA ALA B 563 24.17 -11.52 19.06
C ALA B 563 23.12 -12.63 19.10
N SER B 564 22.92 -13.18 20.30
CA SER B 564 21.95 -14.24 20.48
C SER B 564 20.54 -13.73 20.27
N PRO B 565 19.61 -14.60 19.87
CA PRO B 565 18.22 -14.18 19.67
C PRO B 565 17.64 -13.59 20.95
N VAL B 566 16.85 -12.53 20.79
CA VAL B 566 16.22 -11.87 21.92
C VAL B 566 14.70 -11.99 21.77
N HIS B 567 14.22 -12.07 20.54
CA HIS B 567 12.79 -12.16 20.28
C HIS B 567 12.33 -13.60 20.43
N SER B 568 11.37 -13.81 21.33
CA SER B 568 10.74 -15.11 21.52
C SER B 568 9.44 -15.14 20.73
N PHE B 569 8.72 -16.27 20.82
CA PHE B 569 7.44 -16.36 20.12
C PHE B 569 6.42 -15.43 20.73
N SER B 570 6.44 -15.25 22.05
CA SER B 570 5.47 -14.37 22.70
C SER B 570 5.77 -12.90 22.46
N THR B 571 6.91 -12.56 21.86
CA THR B 571 7.35 -11.17 21.74
C THR B 571 7.70 -10.81 20.31
N MET B 572 6.84 -11.11 19.34
CA MET B 572 7.04 -10.54 18.03
C MET B 572 6.63 -9.06 17.99
N HIS B 573 5.71 -8.65 18.86
CA HIS B 573 5.25 -7.26 18.87
C HIS B 573 6.28 -6.33 19.50
N LEU B 574 7.07 -6.82 20.44
CA LEU B 574 8.05 -5.98 21.11
C LEU B 574 9.20 -5.62 20.16
N ASP B 575 9.81 -4.46 20.43
CA ASP B 575 10.94 -3.98 19.64
C ASP B 575 12.24 -4.51 20.24
N GLU B 576 13.24 -4.67 19.38
CA GLU B 576 14.51 -5.25 19.82
C GLU B 576 15.17 -4.39 20.89
N VAL B 577 15.21 -3.07 20.69
CA VAL B 577 15.99 -2.20 21.57
C VAL B 577 15.40 -2.19 22.97
N ALA B 578 14.08 -2.00 23.09
CA ALA B 578 13.46 -1.97 24.41
C ALA B 578 13.52 -3.33 25.09
N LEU B 579 13.33 -4.41 24.31
CA LEU B 579 13.40 -5.75 24.88
C LEU B 579 14.79 -6.05 25.42
N ARG B 580 15.84 -5.63 24.70
CA ARG B 580 17.19 -5.81 25.19
C ARG B 580 17.49 -4.92 26.39
N ARG B 581 16.91 -3.71 26.42
CA ARG B 581 17.09 -2.84 27.57
C ARG B 581 16.49 -3.46 28.83
N HIS B 582 15.27 -4.00 28.71
CA HIS B 582 14.61 -4.54 29.90
C HIS B 582 15.32 -5.78 30.43
N LEU B 583 15.79 -6.64 29.53
CA LEU B 583 16.47 -7.87 29.94
C LEU B 583 17.91 -7.63 30.38
N GLY B 584 18.43 -6.42 30.23
CA GLY B 584 19.79 -6.13 30.65
C GLY B 584 20.85 -6.47 29.63
N LEU B 585 20.49 -6.51 28.35
CA LEU B 585 21.45 -6.79 27.29
C LEU B 585 22.10 -5.54 26.71
N LEU B 586 21.43 -4.40 26.80
CA LEU B 586 21.97 -3.13 26.31
C LEU B 586 22.12 -2.17 27.48
N ASP B 587 23.33 -1.69 27.69
CA ASP B 587 23.58 -0.72 28.75
C ASP B 587 23.27 0.70 28.27
N GLU B 588 23.18 1.62 29.23
CA GLU B 588 22.86 3.00 28.89
C GLU B 588 23.94 3.64 28.04
N GLU B 589 25.20 3.22 28.20
CA GLU B 589 26.29 3.80 27.43
C GLU B 589 26.11 3.55 25.94
N THR B 590 25.73 2.32 25.57
CA THR B 590 25.50 2.00 24.17
C THR B 590 24.21 2.65 23.67
N LEU B 591 23.17 2.66 24.51
CA LEU B 591 21.89 3.21 24.09
C LEU B 591 21.99 4.70 23.77
N ARG B 592 22.70 5.46 24.62
CA ARG B 592 22.87 6.88 24.38
C ARG B 592 23.70 7.17 23.13
N ARG B 593 24.37 6.16 22.58
CA ARG B 593 25.13 6.31 21.34
C ARG B 593 24.30 5.93 20.12
N ILE B 594 23.66 4.74 20.15
CA ILE B 594 22.90 4.29 19.01
C ILE B 594 21.60 5.09 18.86
N LEU B 595 21.01 5.53 19.96
CA LEU B 595 19.79 6.33 19.92
C LEU B 595 20.05 7.83 19.92
N ASN B 596 21.32 8.23 19.84
CA ASN B 596 21.65 9.66 19.82
C ASN B 596 21.04 10.30 18.58
N PRO B 597 20.27 11.37 18.71
CA PRO B 597 19.70 12.03 17.52
C PRO B 597 20.74 12.57 16.57
N ASN B 598 21.98 12.79 17.02
CA ASN B 598 23.04 13.32 16.18
C ASN B 598 23.70 12.25 15.32
N ASN B 599 23.06 11.10 15.12
CA ASN B 599 23.63 10.06 14.28
C ASN B 599 23.72 10.55 12.84
N PRO B 600 24.85 10.37 12.17
CA PRO B 600 24.93 10.71 10.75
C PRO B 600 24.40 9.63 9.83
N VAL B 601 24.06 8.46 10.36
CA VAL B 601 23.71 7.30 9.55
C VAL B 601 22.21 7.05 9.51
N THR B 602 21.47 7.35 10.58
CA THR B 602 20.05 7.03 10.63
C THR B 602 19.27 7.82 9.59
N GLN B 603 18.24 7.18 9.04
CA GLN B 603 17.36 7.79 8.06
C GLN B 603 15.94 7.81 8.60
N LYS B 604 15.33 8.98 8.62
CA LYS B 604 13.97 9.12 9.13
C LYS B 604 12.97 8.47 8.18
N GLY B 605 11.91 7.90 8.75
CA GLY B 605 10.87 7.27 7.97
C GLY B 605 9.49 7.47 8.55
N ASP B 606 8.57 6.56 8.24
CA ASP B 606 7.21 6.62 8.74
C ASP B 606 6.81 5.27 9.30
N PRO B 607 5.91 5.25 10.29
CA PRO B 607 5.44 3.96 10.83
C PRO B 607 4.78 3.08 9.78
N SER B 608 4.04 3.67 8.85
CA SER B 608 3.41 2.92 7.77
C SER B 608 4.28 2.96 6.53
N MET B 609 4.50 1.79 5.93
CA MET B 609 5.38 1.69 4.78
C MET B 609 4.85 0.66 3.80
N PHE B 610 5.18 0.85 2.52
CA PHE B 610 4.74 -0.03 1.46
C PHE B 610 5.25 -1.46 1.70
N PHE B 611 4.39 -2.44 1.46
CA PHE B 611 4.74 -3.85 1.59
C PHE B 611 3.99 -4.64 0.53
N ARG B 612 4.73 -5.23 -0.41
CA ARG B 612 4.17 -6.11 -1.42
C ARG B 612 4.91 -7.45 -1.35
N ILE B 613 4.16 -8.55 -1.28
CA ILE B 613 4.76 -9.86 -1.09
C ILE B 613 5.56 -10.25 -2.32
N GLU B 614 4.88 -10.42 -3.46
CA GLU B 614 5.56 -10.63 -4.74
C GLU B 614 4.58 -10.28 -5.85
N ASN B 615 4.70 -9.06 -6.38
CA ASN B 615 3.84 -8.56 -7.46
C ASN B 615 2.36 -8.79 -7.13
N LYS B 616 2.02 -8.76 -5.85
CA LYS B 616 0.66 -8.97 -5.38
C LYS B 616 0.02 -7.65 -4.99
N MET B 617 -1.15 -7.72 -4.37
CA MET B 617 -1.84 -6.51 -3.92
C MET B 617 -0.97 -5.75 -2.92
N PRO B 618 -0.72 -4.46 -3.14
CA PRO B 618 0.06 -3.69 -2.16
C PRO B 618 -0.62 -3.67 -0.80
N GLN B 619 0.20 -3.67 0.25
CA GLN B 619 -0.27 -3.68 1.62
C GLN B 619 0.50 -2.66 2.44
N ILE B 620 -0.07 -2.29 3.59
CA ILE B 620 0.52 -1.31 4.50
C ILE B 620 0.77 -2.00 5.83
N MET B 621 1.99 -1.90 6.33
CA MET B 621 2.39 -2.49 7.60
C MET B 621 2.68 -1.38 8.62
N GLU B 622 3.15 -1.79 9.79
CA GLU B 622 3.54 -0.87 10.86
C GLU B 622 5.01 -1.08 11.16
N ASP B 623 5.77 0.01 11.15
CA ASP B 623 7.20 -0.02 11.44
C ASP B 623 7.42 0.78 12.72
N TYR B 624 7.32 0.10 13.85
CA TYR B 624 7.45 0.73 15.15
C TYR B 624 8.86 0.68 15.71
N SER B 625 9.82 0.15 14.94
CA SER B 625 11.20 0.13 15.39
C SER B 625 11.72 1.56 15.54
N VAL B 626 12.39 1.82 16.67
CA VAL B 626 12.85 3.16 17.02
C VAL B 626 13.98 3.57 16.09
N PRO B 627 14.15 4.87 15.80
CA PRO B 627 15.22 5.32 14.89
C PRO B 627 16.60 5.35 15.54
N SER B 628 17.21 4.16 15.61
CA SER B 628 18.56 4.02 16.13
C SER B 628 19.56 4.25 14.99
N CYS B 629 20.84 4.01 15.26
CA CYS B 629 21.85 4.19 14.23
C CYS B 629 21.81 3.11 13.16
N PHE B 630 21.12 2.00 13.42
CA PHE B 630 21.02 0.92 12.45
C PHE B 630 19.86 1.10 11.47
N LYS B 631 19.00 2.09 11.68
CA LYS B 631 17.92 2.39 10.74
C LYS B 631 18.45 3.36 9.67
N TYR B 632 19.24 2.81 8.77
CA TYR B 632 19.84 3.60 7.71
C TYR B 632 19.11 3.35 6.39
N THR B 633 19.64 3.92 5.31
CA THR B 633 19.11 3.70 3.98
C THR B 633 20.26 3.35 3.03
N LEU B 634 19.95 2.56 2.03
CA LEU B 634 20.97 2.09 1.11
C LEU B 634 21.37 3.19 0.12
N SER B 635 22.52 3.00 -0.51
CA SER B 635 23.02 3.97 -1.47
C SER B 635 22.13 4.02 -2.70
N ARG B 636 21.99 5.23 -3.26
CA ARG B 636 21.11 5.43 -4.39
C ARG B 636 21.69 4.81 -5.65
N ASN B 637 20.81 4.23 -6.46
CA ASN B 637 21.23 3.62 -7.73
C ASN B 637 21.72 4.71 -8.68
N ARG B 638 22.77 4.39 -9.43
CA ARG B 638 23.46 5.38 -10.26
C ARG B 638 23.31 5.10 -11.76
N THR B 639 22.30 4.33 -12.16
CA THR B 639 22.04 4.13 -13.57
C THR B 639 21.53 5.40 -14.24
N ILE B 640 20.98 6.33 -13.45
CA ILE B 640 20.39 7.55 -14.00
C ILE B 640 21.40 8.39 -14.76
N GLN B 641 22.69 8.27 -14.43
CA GLN B 641 23.70 9.00 -15.19
C GLN B 641 23.80 8.45 -16.61
N ASP B 642 24.50 9.20 -17.46
CA ASP B 642 24.62 8.95 -18.90
C ASP B 642 23.28 8.99 -19.61
N LYS B 643 22.25 9.56 -18.98
CA LYS B 643 20.94 9.69 -19.56
C LYS B 643 20.59 11.15 -19.71
N PRO B 644 19.97 11.57 -20.83
CA PRO B 644 19.59 12.97 -21.01
C PRO B 644 18.76 13.53 -19.86
N HIS B 645 17.89 12.70 -19.27
CA HIS B 645 16.96 13.16 -18.25
C HIS B 645 17.53 13.04 -16.84
N LYS B 646 18.85 13.12 -16.68
CA LYS B 646 19.42 13.16 -15.34
C LYS B 646 19.16 14.48 -14.63
N ALA B 647 18.61 15.47 -15.32
CA ALA B 647 18.28 16.75 -14.70
C ALA B 647 17.23 16.59 -13.61
N LEU B 648 16.52 15.46 -13.56
CA LEU B 648 15.60 15.21 -12.46
C LEU B 648 16.34 15.16 -11.13
N LEU B 649 17.62 14.79 -11.14
CA LEU B 649 18.41 14.80 -9.92
C LEU B 649 18.53 16.20 -9.35
N ASN B 650 18.81 17.18 -10.20
CA ASN B 650 18.90 18.56 -9.73
C ASN B 650 17.57 19.05 -9.17
N LYS B 651 16.48 18.74 -9.86
CA LYS B 651 15.16 19.16 -9.39
C LYS B 651 14.83 18.51 -8.05
N GLU B 652 15.13 17.22 -7.90
CA GLU B 652 14.81 16.55 -6.65
C GLU B 652 15.71 17.02 -5.51
N GLU B 653 16.96 17.38 -5.80
CA GLU B 653 17.81 17.91 -4.73
C GLU B 653 17.36 19.32 -4.31
N ARG B 654 16.92 20.13 -5.27
CA ARG B 654 16.34 21.43 -4.92
C ARG B 654 15.07 21.25 -4.09
N TYR B 655 14.25 20.27 -4.46
CA TYR B 655 13.03 20.01 -3.70
C TYR B 655 13.35 19.49 -2.30
N GLN B 656 14.42 18.70 -2.15
CA GLN B 656 14.85 18.28 -0.82
C GLN B 656 15.32 19.48 0.00
N ARG B 657 16.02 20.42 -0.64
CA ARG B 657 16.41 21.64 0.07
C ARG B 657 15.19 22.42 0.55
N VAL B 658 14.18 22.56 -0.31
CA VAL B 658 12.96 23.26 0.08
C VAL B 658 12.23 22.50 1.17
N THR B 659 12.24 21.17 1.11
CA THR B 659 11.61 20.37 2.15
C THR B 659 12.39 20.46 3.46
N SER B 660 13.69 20.76 3.39
CA SER B 660 14.48 20.96 4.59
C SER B 660 14.23 22.32 5.22
N ILE B 661 14.04 23.37 4.40
CA ILE B 661 13.68 24.67 4.97
C ILE B 661 12.28 24.63 5.55
N ILE B 662 11.36 23.90 4.91
CA ILE B 662 10.10 23.53 5.54
C ILE B 662 10.42 22.39 6.51
N ASN B 663 9.47 22.02 7.36
CA ASN B 663 9.62 21.04 8.43
C ASN B 663 10.49 21.57 9.56
N LYS B 664 11.09 22.74 9.38
CA LYS B 664 11.87 23.44 10.40
C LYS B 664 11.21 24.73 10.84
N LEU B 665 10.49 25.41 9.95
CA LEU B 665 9.69 26.57 10.28
C LEU B 665 8.22 26.24 10.46
N PHE B 666 7.79 25.04 10.06
CA PHE B 666 6.38 24.66 10.07
C PHE B 666 6.23 23.35 10.85
N PRO B 667 6.20 23.41 12.20
CA PRO B 667 6.01 22.20 13.00
C PRO B 667 4.57 21.71 13.02
N GLU B 668 3.91 21.78 11.86
CA GLU B 668 2.54 21.30 11.74
C GLU B 668 2.30 20.42 10.52
N VAL B 669 3.14 20.48 9.49
CA VAL B 669 2.96 19.62 8.32
C VAL B 669 3.35 18.17 8.62
N LEU B 670 4.06 17.94 9.73
CA LEU B 670 4.32 16.58 10.16
C LEU B 670 3.04 15.91 10.67
N ILE B 671 2.11 16.69 11.21
CA ILE B 671 0.91 16.17 11.82
C ILE B 671 -0.26 16.12 10.84
N GLN B 672 -0.41 17.15 10.00
CA GLN B 672 -1.51 17.22 9.06
C GLN B 672 -0.98 17.77 7.73
N GLU B 673 -1.88 17.88 6.75
CA GLU B 673 -1.50 18.35 5.43
C GLU B 673 -1.25 19.86 5.45
N ALA B 674 -0.62 20.35 4.39
CA ALA B 674 -0.37 21.77 4.22
C ALA B 674 -1.61 22.44 3.65
N SER B 675 -2.06 23.51 4.30
CA SER B 675 -3.27 24.20 3.90
C SER B 675 -3.11 25.71 3.76
N ALA B 676 -1.92 26.25 3.98
CA ALA B 676 -1.73 27.69 3.87
C ALA B 676 -1.83 28.11 2.41
N PRO B 677 -2.68 29.08 2.07
CA PRO B 677 -2.81 29.53 0.68
C PRO B 677 -1.72 30.53 0.33
N GLY B 678 -0.96 30.24 -0.71
CA GLY B 678 0.10 31.12 -1.15
C GLY B 678 1.30 30.31 -1.61
N THR B 679 2.33 31.04 -2.04
CA THR B 679 3.55 30.42 -2.50
C THR B 679 4.39 29.94 -1.30
N VAL B 680 5.35 29.07 -1.61
CA VAL B 680 6.26 28.59 -0.56
C VAL B 680 7.12 29.74 -0.03
N ARG B 681 7.61 30.60 -0.93
CA ARG B 681 8.49 31.68 -0.52
C ARG B 681 7.78 32.63 0.44
N GLU B 682 6.55 33.04 0.11
CA GLU B 682 5.83 33.99 0.95
C GLU B 682 5.51 33.40 2.31
N SER B 683 5.07 32.13 2.34
CA SER B 683 4.76 31.48 3.61
C SER B 683 6.00 31.36 4.47
N LEU B 684 7.12 30.95 3.87
CA LEU B 684 8.37 30.84 4.62
C LEU B 684 8.82 32.19 5.16
N LYS B 685 8.70 33.23 4.34
CA LYS B 685 9.00 34.60 4.77
C LYS B 685 8.20 34.95 5.99
N ARG B 686 6.86 34.97 5.84
CA ARG B 686 5.98 35.39 6.92
C ARG B 686 6.21 34.59 8.18
N ARG B 687 6.41 33.28 8.05
CA ARG B 687 6.68 32.45 9.22
C ARG B 687 8.02 32.84 9.86
N LEU B 688 9.00 33.24 9.04
CA LEU B 688 10.28 33.65 9.61
C LEU B 688 10.14 34.93 10.43
N GLU B 689 9.47 35.96 9.88
CA GLU B 689 9.32 37.15 10.72
C GLU B 689 8.44 36.87 11.92
N LEU B 690 7.51 35.91 11.82
CA LEU B 690 6.69 35.56 12.97
C LEU B 690 7.51 34.90 14.06
N VAL B 691 8.37 33.94 13.69
CA VAL B 691 9.16 33.24 14.70
C VAL B 691 10.20 34.17 15.31
N VAL B 692 10.81 35.05 14.52
CA VAL B 692 11.78 35.95 15.10
C VAL B 692 11.11 37.01 15.96
N GLU B 693 9.90 37.44 15.60
CA GLU B 693 9.21 38.45 16.37
C GLU B 693 8.60 37.87 17.65
N ARG B 694 8.15 36.62 17.62
CA ARG B 694 7.59 35.98 18.80
C ARG B 694 8.64 35.54 19.79
N SER B 695 9.92 35.60 19.44
CA SER B 695 10.99 35.19 20.35
C SER B 695 11.21 36.26 21.41
N ASP B 696 12.19 36.03 22.28
CA ASP B 696 12.54 36.95 23.36
C ASP B 696 13.96 37.46 23.09
N LEU B 697 14.06 38.53 22.30
CA LEU B 697 15.32 39.12 21.94
C LEU B 697 15.18 40.64 21.93
N ASP B 698 16.32 41.32 21.83
CA ASP B 698 16.31 42.78 21.77
C ASP B 698 15.69 43.25 20.45
N GLU B 699 15.08 44.43 20.49
CA GLU B 699 14.39 44.95 19.32
C GLU B 699 15.36 45.22 18.18
N GLU B 700 16.54 45.75 18.49
CA GLU B 700 17.53 46.00 17.44
C GLU B 700 18.01 44.69 16.80
N ARG B 701 18.18 43.64 17.61
CA ARG B 701 18.53 42.35 17.05
C ARG B 701 17.43 41.82 16.13
N LYS B 702 16.17 41.98 16.54
CA LYS B 702 15.07 41.58 15.68
C LYS B 702 15.09 42.35 14.37
N LYS B 703 15.36 43.65 14.44
CA LYS B 703 15.42 44.48 13.24
C LYS B 703 16.55 44.03 12.31
N ARG B 704 17.70 43.68 12.88
CA ARG B 704 18.81 43.25 12.02
C ARG B 704 18.54 41.87 11.41
N ILE B 705 17.87 40.98 12.15
CA ILE B 705 17.43 39.72 11.54
C ILE B 705 16.48 39.98 10.39
N LEU B 706 15.54 40.91 10.57
CA LEU B 706 14.64 41.26 9.46
C LEU B 706 15.41 41.82 8.29
N SER B 707 16.42 42.66 8.55
CA SER B 707 17.20 43.26 7.47
C SER B 707 17.98 42.20 6.70
N ARG B 708 18.53 41.21 7.41
CA ARG B 708 19.27 40.15 6.73
C ARG B 708 18.39 39.28 5.86
N ILE B 709 17.07 39.33 6.06
CA ILE B 709 16.16 38.54 5.24
C ILE B 709 15.94 39.21 3.90
N PHE B 710 16.12 38.47 2.81
CA PHE B 710 15.76 38.96 1.49
C PHE B 710 15.13 37.85 0.66
N GLU C 10 20.00 35.58 17.67
CA GLU C 10 20.15 34.25 18.25
C GLU C 10 20.65 33.29 17.17
N CYS C 11 21.40 32.27 17.59
CA CYS C 11 22.12 31.43 16.63
C CYS C 11 21.17 30.68 15.70
N THR C 12 20.13 30.06 16.27
CA THR C 12 19.22 29.26 15.45
C THR C 12 18.45 30.14 14.47
N LEU C 13 18.05 31.34 14.89
CA LEU C 13 17.37 32.26 13.99
C LEU C 13 18.29 32.69 12.85
N ARG C 14 19.56 32.96 13.17
CA ARG C 14 20.52 33.30 12.12
C ARG C 14 20.69 32.15 11.14
N ALA C 15 20.77 30.92 11.64
CA ALA C 15 20.91 29.77 10.76
C ALA C 15 19.67 29.61 9.88
N LEU C 16 18.49 29.83 10.44
CA LEU C 16 17.26 29.76 9.66
C LEU C 16 17.24 30.82 8.57
N VAL C 17 17.69 32.03 8.89
CA VAL C 17 17.75 33.10 7.89
C VAL C 17 18.71 32.71 6.76
N GLU C 18 19.88 32.18 7.13
CA GLU C 18 20.85 31.78 6.11
C GLU C 18 20.29 30.66 5.24
N GLU C 19 19.60 29.69 5.85
CA GLU C 19 19.02 28.60 5.07
C GLU C 19 17.92 29.11 4.14
N TYR C 20 17.11 30.06 4.60
CA TYR C 20 16.09 30.65 3.74
C TYR C 20 16.73 31.37 2.57
N ASN C 21 17.80 32.13 2.82
CA ASN C 21 18.50 32.82 1.76
C ASN C 21 19.08 31.85 0.75
N GLY C 22 19.66 30.75 1.24
CA GLY C 22 20.19 29.73 0.33
C GLY C 22 19.10 29.07 -0.49
N ALA C 23 17.94 28.82 0.11
CA ALA C 23 16.82 28.26 -0.62
C ALA C 23 16.35 29.22 -1.72
N CYS C 24 16.30 30.51 -1.41
CA CYS C 24 15.95 31.51 -2.42
C CYS C 24 16.97 31.52 -3.55
N LYS C 25 18.26 31.43 -3.21
CA LYS C 25 19.30 31.57 -4.22
C LYS C 25 19.39 30.33 -5.12
N GLU C 26 19.66 29.17 -4.52
CA GLU C 26 19.91 27.97 -5.32
C GLU C 26 18.65 27.46 -6.01
N ALA C 27 17.49 27.57 -5.37
CA ALA C 27 16.24 27.00 -5.88
C ALA C 27 15.18 28.09 -5.96
N PRO C 28 15.24 28.95 -6.98
CA PRO C 28 14.22 29.99 -7.13
C PRO C 28 12.92 29.48 -7.73
N LYS C 29 13.01 28.51 -8.65
CA LYS C 29 11.81 27.99 -9.29
C LYS C 29 10.98 27.16 -8.32
N GLU C 30 11.63 26.25 -7.59
CA GLU C 30 10.90 25.41 -6.65
C GLU C 30 10.32 26.19 -5.49
N MET C 31 10.92 27.33 -5.13
CA MET C 31 10.38 28.15 -4.05
C MET C 31 9.22 29.03 -4.49
N SER C 32 9.01 29.17 -5.80
CA SER C 32 7.86 29.91 -6.31
C SER C 32 6.60 29.07 -6.40
N LYS C 33 6.70 27.78 -6.11
CA LYS C 33 5.52 26.91 -6.12
C LYS C 33 4.62 27.22 -4.93
N GLN C 34 3.38 26.76 -5.02
CA GLN C 34 2.44 26.98 -3.94
C GLN C 34 2.80 26.14 -2.73
N PHE C 35 2.39 26.62 -1.55
CA PHE C 35 2.71 25.91 -0.31
C PHE C 35 2.02 24.55 -0.27
N THR C 36 0.80 24.46 -0.80
CA THR C 36 0.08 23.19 -0.78
C THR C 36 0.77 22.13 -1.63
N ASP C 37 1.69 22.52 -2.51
CA ASP C 37 2.45 21.55 -3.28
C ASP C 37 3.44 20.77 -2.44
N TYR C 38 3.70 21.20 -1.20
CA TYR C 38 4.59 20.45 -0.32
C TYR C 38 4.07 19.06 -0.07
N ASN C 39 2.75 18.88 -0.10
CA ASN C 39 2.17 17.55 0.07
C ASN C 39 2.56 16.61 -1.06
N THR C 40 3.05 17.15 -2.18
CA THR C 40 3.48 16.34 -3.32
C THR C 40 4.98 16.30 -3.46
N PHE C 41 5.68 17.41 -3.24
CA PHE C 41 7.13 17.40 -3.45
C PHE C 41 7.91 17.03 -2.21
N LYS C 42 7.25 16.73 -1.09
CA LYS C 42 7.94 16.09 0.03
C LYS C 42 8.42 14.69 -0.33
N ARG C 43 7.91 14.12 -1.42
CA ARG C 43 8.20 12.76 -1.83
C ARG C 43 8.84 12.71 -3.22
N TYR C 44 9.19 13.86 -3.79
CA TYR C 44 9.72 13.93 -5.15
C TYR C 44 11.13 13.38 -5.14
N THR C 45 11.25 12.10 -5.48
CA THR C 45 12.54 11.43 -5.58
C THR C 45 12.53 10.49 -6.77
N THR C 46 13.70 10.31 -7.37
CA THR C 46 13.87 9.38 -8.47
C THR C 46 14.25 7.98 -8.00
N SER C 47 14.36 7.78 -6.68
CA SER C 47 14.74 6.48 -6.15
C SER C 47 13.60 5.49 -6.29
N LYS C 48 13.98 4.23 -6.48
CA LYS C 48 13.04 3.11 -6.56
C LYS C 48 13.48 2.01 -5.60
N LYS C 49 13.83 2.42 -4.38
CA LYS C 49 14.32 1.50 -3.35
C LYS C 49 13.22 0.67 -2.72
N ASP C 50 11.99 0.76 -3.22
CA ASP C 50 10.87 -0.02 -2.68
C ASP C 50 10.25 -0.93 -3.73
N HIS C 51 10.90 -1.10 -4.88
CA HIS C 51 10.39 -1.98 -5.94
C HIS C 51 11.10 -3.32 -5.79
N ALA C 52 10.49 -4.21 -5.01
CA ALA C 52 11.00 -5.55 -4.73
C ALA C 52 12.41 -5.48 -4.16
N PRO C 53 12.58 -4.98 -2.93
CA PRO C 53 13.93 -4.89 -2.35
C PRO C 53 14.43 -6.19 -1.72
N GLN C 54 13.59 -7.23 -1.61
CA GLN C 54 14.07 -8.47 -1.03
C GLN C 54 15.09 -9.16 -1.91
N MET C 55 15.00 -8.96 -3.23
CA MET C 55 15.87 -9.65 -4.18
C MET C 55 17.21 -8.94 -4.35
N ARG C 56 17.42 -7.81 -3.68
CA ARG C 56 18.66 -7.06 -3.86
C ARG C 56 19.45 -6.87 -2.57
N LEU C 57 18.91 -7.31 -1.43
CA LEU C 57 19.55 -7.01 -0.14
C LEU C 57 20.93 -7.61 -0.05
N VAL C 58 21.09 -8.86 -0.49
CA VAL C 58 22.31 -9.61 -0.21
C VAL C 58 23.54 -8.97 -0.85
N TYR C 59 23.43 -8.58 -2.12
CA TYR C 59 24.58 -8.00 -2.82
C TYR C 59 24.60 -6.48 -2.81
N SER C 60 23.63 -5.83 -2.17
CA SER C 60 23.64 -4.38 -2.03
C SER C 60 24.30 -3.92 -0.74
N VAL C 61 24.25 -4.74 0.32
CA VAL C 61 24.97 -4.42 1.55
C VAL C 61 26.43 -4.87 1.49
N ARG C 62 26.81 -5.62 0.46
CA ARG C 62 28.18 -6.10 0.30
C ARG C 62 28.94 -5.32 -0.75
N LYS C 63 28.27 -4.41 -1.48
CA LYS C 63 28.75 -3.51 -2.50
C LYS C 63 29.61 -2.41 -1.88
N PRO C 64 30.66 -1.97 -2.58
CA PRO C 64 31.46 -0.85 -2.05
C PRO C 64 30.59 0.38 -1.84
N TRP C 65 30.80 1.04 -0.69
CA TRP C 65 30.00 2.19 -0.27
C TRP C 65 28.52 1.83 -0.27
N PRO C 66 28.08 0.91 0.58
CA PRO C 66 26.70 0.40 0.51
C PRO C 66 25.68 1.15 1.35
N ILE C 67 26.02 2.30 1.92
CA ILE C 67 25.16 3.00 2.86
C ILE C 67 25.12 4.47 2.47
N SER C 68 24.12 5.18 3.01
CA SER C 68 23.99 6.62 2.83
C SER C 68 24.13 7.30 4.18
N MET C 69 25.04 8.28 4.25
CA MET C 69 25.34 8.98 5.48
C MET C 69 25.43 10.47 5.20
N THR C 70 24.76 11.27 6.02
CA THR C 70 24.92 12.72 5.90
C THR C 70 26.33 13.11 6.36
N PRO C 71 26.94 14.10 5.71
CA PRO C 71 28.32 14.46 6.08
C PRO C 71 28.42 14.89 7.53
N SER C 72 29.51 14.48 8.17
CA SER C 72 29.73 14.76 9.58
C SER C 72 31.22 14.73 9.86
N LYS C 73 31.60 15.31 10.99
CA LYS C 73 33.00 15.38 11.41
C LYS C 73 33.39 14.30 12.40
N GLU C 74 32.42 13.72 13.12
CA GLU C 74 32.74 12.69 14.10
C GLU C 74 33.16 11.37 13.46
N ILE C 75 32.98 11.22 12.15
CA ILE C 75 33.33 9.99 11.46
C ILE C 75 34.65 10.23 10.73
N PRO C 76 35.75 9.61 11.16
CA PRO C 76 37.02 9.77 10.45
C PRO C 76 36.98 9.11 9.08
N LEU C 77 37.83 9.62 8.18
CA LEU C 77 37.93 9.05 6.84
C LEU C 77 38.42 7.61 6.90
N VAL C 78 39.46 7.36 7.70
CA VAL C 78 40.04 6.03 7.86
C VAL C 78 40.15 5.74 9.35
N PHE C 79 39.64 4.59 9.77
CA PHE C 79 39.73 4.14 11.16
C PHE C 79 40.35 2.75 11.19
N ASN C 80 41.57 2.66 11.69
CA ASN C 80 42.30 1.39 11.81
C ASN C 80 42.40 0.70 10.46
N GLY C 81 42.67 1.48 9.41
CA GLY C 81 42.89 0.95 8.08
C GLY C 81 41.65 0.79 7.23
N THR C 82 40.47 1.06 7.78
CA THR C 82 39.22 0.90 7.06
C THR C 82 38.67 2.27 6.66
N LYS C 83 38.39 2.44 5.37
CA LYS C 83 37.81 3.68 4.86
C LYS C 83 36.34 3.73 5.23
N LEU C 84 36.02 4.50 6.27
CA LEU C 84 34.66 4.51 6.79
C LEU C 84 33.69 5.21 5.84
N LYS C 85 34.09 6.36 5.30
CA LYS C 85 33.16 7.21 4.58
C LYS C 85 33.79 7.70 3.28
N ASP C 86 32.93 8.18 2.38
CA ASP C 86 33.33 8.71 1.09
C ASP C 86 33.19 10.23 1.08
N THR C 87 34.00 10.88 0.24
CA THR C 87 34.03 12.33 0.15
C THR C 87 33.12 12.88 -0.95
N ILE C 88 32.34 12.02 -1.61
CA ILE C 88 31.49 12.42 -2.72
C ILE C 88 30.04 12.28 -2.29
N LEU C 89 29.26 13.34 -2.46
CA LEU C 89 27.84 13.28 -2.16
C LEU C 89 27.13 12.36 -3.14
N ASP C 90 26.20 11.56 -2.63
CA ASP C 90 25.43 10.66 -3.48
C ASP C 90 24.54 11.45 -4.43
N LEU C 91 24.40 10.94 -5.65
CA LEU C 91 23.60 11.64 -6.65
C LEU C 91 22.14 11.70 -6.21
N GLY C 92 21.50 12.83 -6.49
CA GLY C 92 20.12 13.05 -6.11
C GLY C 92 19.90 13.34 -4.65
N GLU C 93 20.96 13.38 -3.84
CA GLU C 93 20.86 13.65 -2.41
C GLU C 93 21.57 14.97 -2.13
N SER C 94 20.86 15.90 -1.50
CA SER C 94 21.42 17.23 -1.29
C SER C 94 22.48 17.23 -0.18
N LYS C 95 22.23 16.51 0.91
CA LYS C 95 23.10 16.57 2.07
C LYS C 95 23.36 15.17 2.63
N ARG C 96 23.63 14.21 1.76
CA ARG C 96 23.98 12.87 2.18
C ARG C 96 25.02 12.29 1.22
N THR C 97 25.98 11.55 1.78
CA THR C 97 27.01 10.87 1.00
C THR C 97 27.02 9.40 1.39
N ARG C 98 27.94 8.65 0.79
CA ARG C 98 28.04 7.22 1.02
C ARG C 98 29.12 6.92 2.05
N ALA C 99 29.03 5.73 2.64
CA ALA C 99 29.97 5.29 3.67
C ALA C 99 29.98 3.77 3.69
N ASN C 100 30.87 3.22 4.51
CA ASN C 100 30.98 1.78 4.64
C ASN C 100 29.96 1.27 5.65
N ILE C 101 29.60 -0.01 5.50
CA ILE C 101 28.51 -0.62 6.28
C ILE C 101 28.90 -0.76 7.74
N VAL C 102 30.19 -0.59 8.06
CA VAL C 102 30.64 -0.74 9.44
C VAL C 102 30.43 0.54 10.26
N VAL C 103 30.04 1.64 9.62
CA VAL C 103 29.83 2.91 10.31
C VAL C 103 28.75 2.77 11.39
N PRO C 104 27.63 2.09 11.13
CA PRO C 104 26.69 1.84 12.24
C PRO C 104 27.30 1.09 13.41
N ASP C 105 28.19 0.13 13.15
CA ASP C 105 28.86 -0.58 14.22
C ASP C 105 29.95 0.28 14.86
N TYR C 106 30.63 1.11 14.08
CA TYR C 106 31.65 2.00 14.63
C TYR C 106 31.02 3.02 15.58
N TRP C 107 29.85 3.53 15.22
CA TRP C 107 29.16 4.51 16.07
C TRP C 107 28.69 3.90 17.38
N SER C 108 28.39 2.60 17.38
CA SER C 108 27.88 1.95 18.58
C SER C 108 28.88 1.98 19.73
N LYS C 109 30.17 2.11 19.44
CA LYS C 109 31.20 2.19 20.45
C LYS C 109 31.90 3.55 20.46
N TYR C 110 32.47 3.96 19.34
CA TYR C 110 33.18 5.24 19.24
C TYR C 110 32.26 6.31 18.66
N GLY C 111 31.16 6.56 19.36
CA GLY C 111 30.19 7.55 18.93
C GLY C 111 29.83 8.49 20.07
N SER C 112 29.20 9.60 19.70
CA SER C 112 28.76 10.58 20.68
C SER C 112 27.54 10.05 21.44
N GLN C 113 27.32 10.62 22.61
CA GLN C 113 26.24 10.21 23.50
C GLN C 113 25.18 11.30 23.56
N THR C 114 24.05 10.98 24.20
CA THR C 114 22.93 11.90 24.37
C THR C 114 22.43 11.81 25.79
N SER C 115 21.44 12.64 26.11
CA SER C 115 20.87 12.66 27.45
C SER C 115 20.07 11.38 27.72
N LEU C 116 20.04 10.99 28.99
CA LEU C 116 19.26 9.83 29.38
C LEU C 116 17.76 10.06 29.19
N GLU C 117 17.31 11.30 29.41
CA GLU C 117 15.90 11.60 29.22
C GLU C 117 15.50 11.47 27.76
N VAL C 118 16.40 11.81 26.83
CA VAL C 118 16.12 11.66 25.42
C VAL C 118 15.93 10.19 25.07
N VAL C 119 16.76 9.32 25.65
CA VAL C 119 16.65 7.88 25.40
C VAL C 119 15.29 7.37 25.85
N ASN C 120 14.84 7.78 27.04
CA ASN C 120 13.54 7.35 27.53
C ASN C 120 12.41 7.87 26.67
N ALA C 121 12.50 9.11 26.19
CA ALA C 121 11.45 9.68 25.36
C ALA C 121 11.31 8.92 24.04
N ILE C 122 12.45 8.60 23.40
CA ILE C 122 12.39 7.83 22.16
C ILE C 122 11.91 6.41 22.44
N LEU C 123 12.30 5.84 23.57
CA LEU C 123 11.95 4.46 23.93
C LEU C 123 10.75 4.42 24.88
N TYR C 124 9.78 5.32 24.71
CA TYR C 124 8.67 5.37 25.66
C TYR C 124 7.63 4.29 25.37
N ALA C 125 7.04 4.31 24.17
CA ALA C 125 5.99 3.35 23.84
C ALA C 125 6.52 1.93 23.85
N GLU C 126 7.72 1.71 23.30
CA GLU C 126 8.30 0.37 23.27
C GLU C 126 8.55 -0.16 24.67
N ASP C 127 9.11 0.68 25.54
CA ASP C 127 9.37 0.24 26.92
C ASP C 127 8.05 0.01 27.67
N LEU C 128 7.03 0.82 27.38
CA LEU C 128 5.72 0.56 27.99
C LEU C 128 5.17 -0.79 27.57
N LYS C 129 5.30 -1.14 26.28
CA LYS C 129 4.84 -2.45 25.83
C LYS C 129 5.65 -3.57 26.48
N VAL C 130 6.96 -3.39 26.61
CA VAL C 130 7.80 -4.42 27.22
C VAL C 130 7.43 -4.60 28.69
N GLN C 131 7.17 -3.50 29.41
CA GLN C 131 6.76 -3.61 30.80
C GLN C 131 5.38 -4.27 30.92
N ARG C 132 4.47 -3.95 30.01
CA ARG C 132 3.17 -4.60 30.02
C ARG C 132 3.32 -6.10 29.81
N PHE C 133 4.22 -6.51 28.93
CA PHE C 133 4.47 -7.94 28.73
C PHE C 133 5.07 -8.56 29.99
N PHE C 134 6.13 -7.95 30.53
CA PHE C 134 6.75 -8.43 31.76
C PHE C 134 6.15 -7.76 32.99
N SER C 135 4.82 -7.71 33.05
CA SER C 135 4.14 -7.21 34.24
C SER C 135 2.90 -8.00 34.61
N THR C 136 2.60 -9.09 33.90
CA THR C 136 1.42 -9.89 34.16
C THR C 136 1.80 -11.35 34.34
N GLU C 137 0.95 -12.08 35.06
CA GLU C 137 1.18 -13.49 35.37
C GLU C 137 0.28 -14.34 34.47
N TRP C 138 0.90 -15.17 33.65
CA TRP C 138 0.16 -16.05 32.76
C TRP C 138 -0.41 -17.24 33.52
N GLY C 139 -1.45 -17.84 32.95
CA GLY C 139 -2.04 -19.04 33.49
C GLY C 139 -1.40 -20.28 32.92
N GLU C 140 -2.17 -21.38 32.94
CA GLU C 140 -1.72 -22.65 32.42
C GLU C 140 -2.34 -22.87 31.04
N ILE C 141 -1.53 -23.30 30.08
CA ILE C 141 -2.01 -23.52 28.73
C ILE C 141 -3.03 -24.64 28.76
N ARG C 142 -4.25 -24.35 28.31
CA ARG C 142 -5.33 -25.32 28.26
C ARG C 142 -5.60 -25.64 26.79
N TYR C 143 -5.47 -26.90 26.42
CA TYR C 143 -5.65 -27.33 25.04
C TYR C 143 -7.08 -27.80 24.81
N GLY C 144 -7.65 -27.37 23.69
CA GLY C 144 -8.99 -27.76 23.33
C GLY C 144 -9.33 -27.24 21.95
N ARG C 145 -10.46 -27.71 21.42
CA ARG C 145 -10.91 -27.32 20.10
C ARG C 145 -11.61 -25.96 20.21
N MET C 146 -10.79 -24.92 20.36
CA MET C 146 -11.31 -23.57 20.46
C MET C 146 -11.90 -23.11 19.14
N LEU C 147 -12.86 -22.19 19.21
CA LEU C 147 -13.48 -21.61 18.03
C LEU C 147 -13.13 -20.13 17.97
N PRO C 148 -12.07 -19.75 17.24
CA PRO C 148 -11.69 -18.34 17.18
C PRO C 148 -12.40 -17.59 16.07
N PHE C 149 -12.99 -16.44 16.41
CA PHE C 149 -13.68 -15.59 15.46
C PHE C 149 -13.05 -14.21 15.48
N ARG C 150 -12.78 -13.67 14.29
CA ARG C 150 -12.12 -12.37 14.18
C ARG C 150 -13.11 -11.25 14.47
N LYS C 151 -12.71 -10.32 15.33
CA LYS C 151 -13.54 -9.19 15.71
C LYS C 151 -12.68 -7.93 15.74
N PRO C 152 -13.21 -6.79 15.30
CA PRO C 152 -12.43 -5.54 15.38
C PRO C 152 -12.21 -5.12 16.82
N VAL C 153 -10.95 -5.10 17.25
CA VAL C 153 -10.58 -4.79 18.62
C VAL C 153 -9.40 -3.83 18.59
N GLN C 154 -9.43 -2.82 19.48
CA GLN C 154 -8.32 -1.90 19.63
C GLN C 154 -7.07 -2.65 20.08
N ALA C 155 -6.05 -2.70 19.22
CA ALA C 155 -4.89 -3.54 19.49
C ALA C 155 -3.97 -2.91 20.54
N CYS C 156 -3.41 -1.75 20.23
CA CYS C 156 -2.43 -1.14 21.13
C CYS C 156 -3.11 -0.33 22.21
N PRO C 157 -2.82 -0.59 23.49
CA PRO C 157 -3.38 0.24 24.56
C PRO C 157 -2.94 1.69 24.43
N THR C 158 -3.81 2.60 24.86
CA THR C 158 -3.57 4.03 24.75
C THR C 158 -3.50 4.64 26.15
N ILE C 159 -2.79 5.78 26.23
CA ILE C 159 -2.72 6.51 27.49
C ILE C 159 -4.10 7.02 27.88
N GLU C 160 -4.84 7.58 26.91
CA GLU C 160 -6.18 8.07 27.16
C GLU C 160 -6.98 7.94 25.87
N GLU C 161 -8.26 7.58 26.01
CA GLU C 161 -9.11 7.35 24.85
C GLU C 161 -9.37 8.67 24.13
N VAL C 162 -9.11 8.69 22.82
CA VAL C 162 -9.36 9.86 21.98
C VAL C 162 -10.13 9.41 20.74
N ASN C 163 -10.93 10.32 20.19
CA ASN C 163 -11.61 10.03 18.94
C ASN C 163 -10.59 10.04 17.79
N PRO C 164 -10.83 9.22 16.76
CA PRO C 164 -9.90 9.21 15.61
C PRO C 164 -9.77 10.56 14.92
N ALA C 165 -10.82 11.39 14.96
CA ALA C 165 -10.77 12.69 14.31
C ALA C 165 -10.02 13.75 15.10
N SER C 166 -9.90 13.57 16.42
CA SER C 166 -9.25 14.56 17.27
C SER C 166 -7.76 14.32 17.43
N ILE C 167 -7.22 13.24 16.86
CA ILE C 167 -5.79 12.96 17.00
C ILE C 167 -4.91 14.05 16.39
N PRO C 168 -5.13 14.48 15.13
CA PRO C 168 -4.28 15.55 14.60
C PRO C 168 -4.34 16.83 15.43
N HIS C 169 -5.52 17.21 15.92
CA HIS C 169 -5.64 18.42 16.71
C HIS C 169 -4.93 18.28 18.05
N THR C 170 -5.06 17.12 18.68
CA THR C 170 -4.34 16.88 19.93
C THR C 170 -2.83 16.96 19.73
N LEU C 171 -2.33 16.34 18.65
CA LEU C 171 -0.91 16.40 18.37
C LEU C 171 -0.45 17.84 18.09
N LEU C 172 -1.26 18.60 17.35
CA LEU C 172 -0.92 20.00 17.11
C LEU C 172 -0.84 20.78 18.43
N GLN C 173 -1.77 20.52 19.35
CA GLN C 173 -1.70 21.15 20.66
C GLN C 173 -0.44 20.74 21.41
N VAL C 174 -0.05 19.47 21.30
CA VAL C 174 1.15 19.00 21.99
C VAL C 174 2.40 19.71 21.47
N PHE C 175 2.53 19.80 20.14
CA PHE C 175 3.77 20.28 19.54
C PHE C 175 3.76 21.76 19.19
N CYS C 176 2.71 22.25 18.55
CA CYS C 176 2.64 23.64 18.10
C CYS C 176 1.35 24.30 18.58
N PRO C 177 1.25 24.57 19.88
CA PRO C 177 0.04 25.23 20.41
C PRO C 177 -0.16 26.64 19.89
N GLN C 178 0.89 27.28 19.36
CA GLN C 178 0.76 28.64 18.88
C GLN C 178 0.34 28.70 17.41
N TYR C 179 0.66 27.68 16.63
CA TYR C 179 0.29 27.62 15.21
C TYR C 179 -0.97 26.76 15.05
N THR C 180 -2.06 27.25 15.64
CA THR C 180 -3.33 26.53 15.60
C THR C 180 -4.46 27.53 15.71
N THR C 181 -5.65 27.08 15.34
CA THR C 181 -6.84 27.92 15.40
C THR C 181 -7.63 27.63 16.69
N LEU C 182 -8.61 28.48 16.96
CA LEU C 182 -9.52 28.22 18.07
C LEU C 182 -10.33 26.96 17.83
N ASP C 183 -10.75 26.72 16.57
CA ASP C 183 -11.51 25.51 16.26
C ASP C 183 -10.69 24.26 16.52
N SER C 184 -9.42 24.26 16.14
CA SER C 184 -8.57 23.09 16.37
C SER C 184 -8.34 22.85 17.86
N LYS C 185 -8.16 23.93 18.62
CA LYS C 185 -8.03 23.79 20.07
C LYS C 185 -9.31 23.22 20.68
N ARG C 186 -10.46 23.68 20.19
CA ARG C 186 -11.74 23.16 20.69
C ARG C 186 -11.90 21.68 20.35
N LYS C 187 -11.47 21.28 19.16
CA LYS C 187 -11.55 19.88 18.73
C LYS C 187 -10.49 19.00 19.37
N ALA C 188 -9.59 19.56 20.18
CA ALA C 188 -8.54 18.78 20.82
C ALA C 188 -9.14 17.96 21.96
N HIS C 189 -8.27 17.31 22.73
CA HIS C 189 -8.69 16.39 23.80
C HIS C 189 -7.94 16.73 25.08
N MET C 190 -8.01 18.01 25.47
CA MET C 190 -7.41 18.48 26.72
C MET C 190 -7.75 17.55 27.87
N GLY C 191 -6.71 16.97 28.46
CA GLY C 191 -6.86 15.90 29.43
C GLY C 191 -5.86 14.80 29.15
N ALA C 192 -5.52 14.64 27.86
CA ALA C 192 -4.42 13.78 27.44
C ALA C 192 -3.26 14.56 26.84
N VAL C 193 -3.46 15.85 26.55
CA VAL C 193 -2.37 16.66 25.99
C VAL C 193 -1.29 16.89 27.03
N GLU C 194 -1.66 17.07 28.30
CA GLU C 194 -0.67 17.35 29.33
C GLU C 194 0.19 16.13 29.64
N LYS C 195 -0.41 14.93 29.60
CA LYS C 195 0.37 13.71 29.79
C LYS C 195 1.40 13.55 28.69
N LEU C 196 0.98 13.75 27.43
CA LEU C 196 1.91 13.66 26.32
C LEU C 196 3.00 14.72 26.44
N LYS C 197 2.64 15.94 26.82
CA LYS C 197 3.64 17.00 26.97
C LYS C 197 4.66 16.62 28.04
N ARG C 198 4.19 16.14 29.18
CA ARG C 198 5.09 15.79 30.27
C ARG C 198 6.03 14.65 29.87
N VAL C 199 5.50 13.62 29.22
CA VAL C 199 6.33 12.47 28.85
C VAL C 199 7.13 12.71 27.59
N MET C 200 6.90 13.80 26.87
CA MET C 200 7.52 14.02 25.57
C MET C 200 8.45 15.23 25.54
N GLU C 201 8.41 16.08 26.57
CA GLU C 201 9.16 17.34 26.59
C GLU C 201 10.63 17.18 26.21
N PRO C 202 11.41 16.23 26.76
CA PRO C 202 12.84 16.18 26.42
C PRO C 202 13.13 15.96 24.95
N ILE C 203 12.16 15.48 24.16
CA ILE C 203 12.38 15.20 22.75
C ILE C 203 11.68 16.18 21.82
N CYS C 204 10.82 17.07 22.35
CA CYS C 204 10.15 18.08 21.51
C CYS C 204 11.15 19.16 21.13
N LYS C 205 12.01 18.83 20.17
CA LYS C 205 12.95 19.78 19.59
C LYS C 205 12.86 19.68 18.08
N VAL C 206 13.31 20.76 17.42
CA VAL C 206 13.27 20.79 15.96
C VAL C 206 14.15 19.70 15.37
N GLN C 207 15.18 19.28 16.11
CA GLN C 207 16.02 18.17 15.65
C GLN C 207 15.22 16.87 15.58
N THR C 208 14.35 16.63 16.57
CA THR C 208 13.69 15.34 16.71
C THR C 208 12.17 15.45 16.66
N GLN C 209 11.63 16.53 16.09
CA GLN C 209 10.18 16.66 16.03
C GLN C 209 9.58 15.62 15.08
N GLU C 210 10.30 15.26 14.02
CA GLU C 210 9.78 14.26 13.09
C GLU C 210 9.55 12.91 13.78
N SER C 211 10.53 12.48 14.57
CA SER C 211 10.40 11.19 15.26
C SER C 211 9.50 11.28 16.49
N ALA C 212 9.26 12.48 17.01
CA ALA C 212 8.42 12.62 18.20
C ALA C 212 6.94 12.48 17.85
N VAL C 213 6.54 12.96 16.68
CA VAL C 213 5.13 12.90 16.29
C VAL C 213 4.68 11.45 16.13
N HIS C 214 5.53 10.60 15.53
CA HIS C 214 5.16 9.21 15.33
C HIS C 214 4.96 8.48 16.65
N ILE C 215 5.93 8.60 17.56
CA ILE C 215 5.82 7.95 18.87
C ILE C 215 4.74 8.54 19.74
N ALA C 216 4.38 9.82 19.51
CA ALA C 216 3.26 10.39 20.25
C ALA C 216 1.93 9.91 19.70
N ARG C 217 1.83 9.73 18.38
CA ARG C 217 0.62 9.15 17.80
C ARG C 217 0.46 7.69 18.24
N SER C 218 1.56 6.95 18.34
CA SER C 218 1.48 5.55 18.72
C SER C 218 0.85 5.39 20.10
N LEU C 219 1.19 6.26 21.04
CA LEU C 219 0.58 6.22 22.36
C LEU C 219 -0.86 6.69 22.36
N ILE C 220 -1.30 7.40 21.32
CA ILE C 220 -2.63 7.99 21.29
C ILE C 220 -3.53 7.38 20.24
N ASP C 221 -2.98 6.73 19.21
CA ASP C 221 -3.80 6.13 18.17
C ASP C 221 -4.45 4.85 18.69
N SER C 222 -5.68 4.60 18.21
CA SER C 222 -6.49 3.46 18.63
C SER C 222 -6.91 2.64 17.42
N ASN C 223 -5.95 2.30 16.58
CA ASN C 223 -6.22 1.54 15.36
C ASN C 223 -6.95 0.25 15.69
N LYS C 224 -8.01 -0.03 14.93
CA LYS C 224 -8.88 -1.17 15.17
C LYS C 224 -8.51 -2.28 14.18
N LYS C 225 -7.64 -3.18 14.63
CA LYS C 225 -7.25 -4.31 13.81
C LYS C 225 -8.22 -5.47 13.99
N TRP C 226 -8.18 -6.41 13.06
CA TRP C 226 -8.99 -7.61 13.11
C TRP C 226 -8.15 -8.73 13.71
N LEU C 227 -8.52 -9.17 14.92
CA LEU C 227 -7.72 -10.14 15.63
C LEU C 227 -8.59 -11.30 16.10
N PRO C 228 -8.05 -12.52 16.12
CA PRO C 228 -8.81 -13.66 16.63
C PRO C 228 -9.06 -13.53 18.12
N THR C 229 -10.16 -14.12 18.58
CA THR C 229 -10.51 -14.08 19.99
C THR C 229 -11.35 -15.30 20.33
N VAL C 230 -11.31 -15.66 21.62
CA VAL C 230 -12.17 -16.71 22.16
C VAL C 230 -12.97 -16.11 23.31
N VAL C 231 -12.43 -15.03 23.89
CA VAL C 231 -13.12 -14.25 24.91
C VAL C 231 -12.98 -12.78 24.55
N ASP C 232 -13.88 -11.96 25.10
CA ASP C 232 -13.88 -10.54 24.78
C ASP C 232 -12.62 -9.86 25.28
N HIS C 233 -11.73 -9.48 24.37
CA HIS C 233 -10.46 -8.87 24.74
C HIS C 233 -10.65 -7.42 25.17
N THR C 234 -9.74 -6.98 26.02
CA THR C 234 -9.54 -5.58 26.37
C THR C 234 -8.41 -5.00 25.53
N PRO C 235 -8.21 -3.68 25.57
CA PRO C 235 -7.05 -3.11 24.88
C PRO C 235 -5.73 -3.74 25.29
N ARG C 236 -5.58 -4.10 26.57
CA ARG C 236 -4.34 -4.71 27.03
C ARG C 236 -4.11 -6.07 26.39
N THR C 237 -5.11 -6.94 26.43
CA THR C 237 -4.98 -8.30 25.90
C THR C 237 -5.43 -8.38 24.44
N ALA C 238 -4.93 -7.47 23.63
CA ALA C 238 -5.21 -7.49 22.20
C ALA C 238 -3.91 -7.49 21.42
N GLU C 239 -2.90 -6.77 21.92
CA GLU C 239 -1.57 -6.80 21.34
C GLU C 239 -0.86 -8.12 21.56
N MET C 240 -1.41 -8.99 22.42
CA MET C 240 -0.79 -10.27 22.74
C MET C 240 -1.66 -11.44 22.28
N ALA C 241 -2.62 -11.19 21.39
CA ALA C 241 -3.54 -12.23 20.96
C ALA C 241 -2.88 -13.33 20.14
N HIS C 242 -1.63 -13.12 19.70
CA HIS C 242 -0.94 -14.12 18.89
C HIS C 242 -0.55 -15.36 19.68
N PHE C 243 -0.47 -15.27 21.01
CA PHE C 243 -0.04 -16.41 21.82
C PHE C 243 -0.95 -16.67 23.01
N LEU C 244 -2.06 -15.96 23.13
CA LEU C 244 -3.05 -16.26 24.17
C LEU C 244 -4.25 -17.04 23.65
N CYS C 245 -4.50 -17.02 22.36
CA CYS C 245 -5.64 -17.75 21.79
C CYS C 245 -5.26 -18.26 20.40
N SER C 246 -5.77 -19.44 20.07
CA SER C 246 -5.54 -20.04 18.76
C SER C 246 -6.60 -21.12 18.55
N LYS C 247 -6.45 -21.87 17.46
CA LYS C 247 -7.40 -22.94 17.16
C LYS C 247 -7.26 -24.14 18.09
N TYR C 248 -6.20 -24.20 18.90
CA TYR C 248 -5.92 -25.38 19.71
C TYR C 248 -5.63 -25.10 21.18
N HIS C 249 -5.20 -23.89 21.54
CA HIS C 249 -4.82 -23.61 22.92
C HIS C 249 -5.40 -22.28 23.36
N TYR C 250 -5.54 -22.13 24.67
CA TYR C 250 -6.05 -20.89 25.27
C TYR C 250 -5.49 -20.79 26.69
N VAL C 251 -4.55 -19.88 26.89
CA VAL C 251 -3.99 -19.62 28.21
C VAL C 251 -4.77 -18.47 28.84
N HIS C 252 -5.20 -18.66 30.09
CA HIS C 252 -6.04 -17.70 30.78
C HIS C 252 -5.15 -16.67 31.48
N THR C 253 -5.11 -15.46 30.93
CA THR C 253 -4.38 -14.37 31.55
C THR C 253 -5.19 -13.75 32.69
N ASN C 254 -4.51 -13.07 33.59
CA ASN C 254 -5.16 -12.42 34.73
C ASN C 254 -5.61 -11.01 34.37
N ILE C 330 -24.98 12.25 29.87
N ILE C 330 -24.97 12.26 29.89
CA ILE C 330 -24.62 12.80 28.58
CA ILE C 330 -24.61 12.79 28.58
C ILE C 330 -23.13 13.10 28.55
C ILE C 330 -23.13 13.10 28.55
N ARG C 331 -22.36 12.28 27.83
CA ARG C 331 -20.91 12.39 27.77
C ARG C 331 -20.31 12.35 29.17
N SER C 332 -20.00 13.51 29.73
CA SER C 332 -19.35 13.61 31.04
C SER C 332 -20.04 14.66 31.91
N THR C 333 -21.37 14.61 31.97
CA THR C 333 -22.13 15.54 32.79
C THR C 333 -23.06 14.78 33.71
N LYS C 334 -23.43 15.43 34.81
CA LYS C 334 -24.38 14.92 35.78
C LYS C 334 -25.66 15.75 35.70
N PHE C 335 -26.80 15.08 35.53
CA PHE C 335 -28.05 15.78 35.26
C PHE C 335 -28.76 16.23 36.55
N SER C 336 -29.06 15.30 37.45
N SER C 336 -29.06 15.30 37.45
CA SER C 336 -29.68 15.60 38.74
CA SER C 336 -29.68 15.60 38.74
C SER C 336 -30.94 16.45 38.55
C SER C 336 -30.94 16.45 38.55
N ILE C 337 -31.95 15.82 37.95
CA ILE C 337 -33.20 16.48 37.60
C ILE C 337 -33.86 17.17 38.79
N LEU C 338 -33.64 16.64 39.99
CA LEU C 338 -34.08 17.29 41.23
C LEU C 338 -35.56 17.66 41.16
N ASN C 339 -35.86 18.93 40.93
CA ASN C 339 -37.23 19.40 40.85
C ASN C 339 -37.71 19.26 39.40
N SER C 340 -38.83 18.58 39.21
CA SER C 340 -39.40 18.38 37.88
C SER C 340 -40.88 18.09 38.02
N ASP C 341 -41.70 18.79 37.25
CA ASP C 341 -43.15 18.57 37.28
C ASP C 341 -43.47 17.18 36.75
N HIS C 342 -42.91 16.81 35.60
CA HIS C 342 -43.12 15.52 34.98
C HIS C 342 -41.78 14.86 34.66
N PRO C 343 -41.72 13.53 34.62
CA PRO C 343 -40.46 12.87 34.27
C PRO C 343 -40.13 13.05 32.80
N ARG C 344 -38.94 12.57 32.43
CA ARG C 344 -38.46 12.71 31.07
C ARG C 344 -39.33 11.87 30.13
N ILE C 345 -40.11 12.53 29.29
CA ILE C 345 -40.91 11.83 28.29
C ILE C 345 -40.02 11.45 27.12
N GLU C 346 -40.34 10.33 26.49
CA GLU C 346 -39.55 9.78 25.38
C GLU C 346 -40.43 9.74 24.14
N VAL C 347 -40.20 10.68 23.22
CA VAL C 347 -40.94 10.75 21.97
C VAL C 347 -40.16 9.99 20.92
N LYS C 348 -40.62 8.78 20.61
CA LYS C 348 -39.96 7.97 19.59
C LYS C 348 -40.18 8.59 18.22
N LYS C 349 -39.09 8.75 17.46
CA LYS C 349 -39.12 9.35 16.14
C LYS C 349 -38.61 8.34 15.11
N VAL C 350 -39.33 8.24 13.99
CA VAL C 350 -38.98 7.32 12.92
C VAL C 350 -38.52 8.16 11.73
N PHE C 351 -37.27 7.93 11.31
CA PHE C 351 -36.72 8.58 10.13
C PHE C 351 -36.76 7.59 8.98
N SER C 352 -37.44 7.98 7.89
CA SER C 352 -37.70 7.09 6.77
C SER C 352 -36.65 7.31 5.69
N LEU C 353 -35.64 6.42 5.65
CA LEU C 353 -34.74 6.40 4.50
C LEU C 353 -35.48 6.04 3.23
N SER C 354 -36.43 5.12 3.33
CA SER C 354 -37.25 4.68 2.21
C SER C 354 -38.55 4.12 2.76
N PRO C 355 -39.60 4.02 1.95
CA PRO C 355 -40.83 3.34 2.40
C PRO C 355 -40.56 1.95 2.95
N ASP C 356 -39.45 1.33 2.55
CA ASP C 356 -39.09 -0.01 3.01
C ASP C 356 -37.92 -0.04 3.99
N VAL C 357 -37.08 0.99 4.05
CA VAL C 357 -36.03 1.09 5.06
C VAL C 357 -36.33 2.30 5.94
N GLN C 358 -36.52 2.06 7.24
CA GLN C 358 -36.79 3.10 8.20
C GLN C 358 -35.94 2.91 9.44
N VAL C 359 -35.62 4.02 10.11
CA VAL C 359 -34.82 4.01 11.33
C VAL C 359 -35.63 4.66 12.43
N THR C 360 -35.73 3.98 13.57
CA THR C 360 -36.47 4.46 14.73
C THR C 360 -35.49 4.83 15.83
N ILE C 361 -35.44 6.12 16.18
CA ILE C 361 -34.56 6.63 17.22
C ILE C 361 -35.34 7.54 18.16
N PRO C 362 -35.57 7.15 19.41
CA PRO C 362 -36.24 8.05 20.36
C PRO C 362 -35.29 9.03 21.02
N TYR C 363 -35.83 10.18 21.41
CA TYR C 363 -35.08 11.20 22.11
C TYR C 363 -35.76 11.56 23.41
N ARG C 364 -34.95 11.85 24.43
CA ARG C 364 -35.50 12.26 25.72
C ARG C 364 -35.92 13.72 25.66
N ARG C 365 -37.05 14.04 26.29
CA ARG C 365 -37.60 15.38 26.25
C ARG C 365 -38.28 15.68 27.58
N PHE C 366 -38.08 16.91 28.07
CA PHE C 366 -38.74 17.36 29.28
C PHE C 366 -40.09 18.00 28.96
N LYS C 367 -41.10 17.66 29.74
CA LYS C 367 -42.45 18.17 29.55
C LYS C 367 -42.83 19.06 30.74
N GLY C 368 -43.29 20.26 30.45
CA GLY C 368 -43.74 21.17 31.48
C GLY C 368 -42.64 22.01 32.08
N LYS C 369 -42.43 21.88 33.39
CA LYS C 369 -41.47 22.69 34.13
C LYS C 369 -40.50 21.77 34.87
N ALA C 370 -39.22 22.13 34.85
CA ALA C 370 -38.20 21.36 35.53
C ALA C 370 -37.07 22.29 35.96
N LYS C 371 -36.29 21.81 36.93
CA LYS C 371 -35.18 22.58 37.51
C LYS C 371 -34.01 21.61 37.65
N VAL C 372 -33.05 21.70 36.73
CA VAL C 372 -31.98 20.72 36.61
C VAL C 372 -30.65 21.39 36.94
N TYR C 373 -29.92 20.80 37.88
CA TYR C 373 -28.63 21.31 38.33
C TYR C 373 -27.50 20.45 37.76
N PHE C 374 -26.67 21.05 36.91
CA PHE C 374 -25.59 20.30 36.28
C PHE C 374 -24.27 20.56 37.00
N GLN C 375 -23.25 19.78 36.63
CA GLN C 375 -21.91 19.98 37.15
C GLN C 375 -20.91 19.33 36.20
N ASN C 376 -19.81 20.02 35.95
CA ASN C 376 -18.74 19.54 35.06
C ASN C 376 -17.41 20.06 35.62
N ASP C 377 -16.67 19.19 36.31
CA ASP C 377 -15.41 19.57 36.91
C ASP C 377 -15.58 20.76 37.84
N GLN C 378 -15.11 21.94 37.41
CA GLN C 378 -15.15 23.14 38.23
C GLN C 378 -16.29 24.08 37.88
N ILE C 379 -17.14 23.75 36.91
CA ILE C 379 -18.25 24.61 36.51
C ILE C 379 -19.54 23.94 36.97
N GLN C 380 -20.43 24.74 37.56
CA GLN C 380 -21.69 24.24 38.09
C GLN C 380 -22.78 25.28 37.91
N GLY C 381 -24.03 24.83 37.92
CA GLY C 381 -25.16 25.72 37.79
C GLY C 381 -26.41 24.92 37.52
N TYR C 382 -27.54 25.64 37.48
CA TYR C 382 -28.83 25.03 37.19
C TYR C 382 -29.63 25.92 36.25
N PHE C 383 -30.50 25.28 35.47
CA PHE C 383 -31.26 25.97 34.43
C PHE C 383 -32.73 25.57 34.53
N SER C 384 -33.60 26.50 34.14
N SER C 384 -33.60 26.50 34.14
CA SER C 384 -35.02 26.21 34.09
CA SER C 384 -35.03 26.22 34.09
C SER C 384 -35.38 25.52 32.79
C SER C 384 -35.40 25.54 32.79
N CYS C 385 -36.51 24.80 32.81
CA CYS C 385 -36.99 24.06 31.66
C CYS C 385 -38.43 24.47 31.38
N THR C 386 -38.66 25.17 30.27
CA THR C 386 -39.99 25.57 29.84
C THR C 386 -40.25 24.88 28.50
N ASP C 387 -41.01 23.79 28.54
CA ASP C 387 -41.30 22.95 27.36
C ASP C 387 -39.95 22.50 26.80
N ARG C 388 -39.71 22.65 25.49
CA ARG C 388 -38.41 22.33 24.91
C ARG C 388 -37.54 23.56 24.72
N GLN C 389 -37.91 24.69 25.32
CA GLN C 389 -37.16 25.93 25.19
C GLN C 389 -36.44 26.22 26.51
N ILE C 390 -35.15 26.55 26.41
CA ILE C 390 -34.36 26.90 27.59
C ILE C 390 -34.84 28.27 28.10
N ASP C 391 -35.49 28.27 29.26
CA ASP C 391 -36.02 29.50 29.81
C ASP C 391 -34.89 30.41 30.30
N GLU C 392 -33.96 29.87 31.07
CA GLU C 392 -32.88 30.67 31.65
C GLU C 392 -31.82 29.71 32.18
N ILE C 393 -30.56 30.12 32.05
CA ILE C 393 -29.42 29.34 32.54
C ILE C 393 -28.51 30.28 33.34
N LYS C 394 -27.95 29.76 34.42
CA LYS C 394 -26.95 30.48 35.21
C LYS C 394 -25.91 29.50 35.70
N ILE C 395 -24.65 29.92 35.68
CA ILE C 395 -23.50 29.04 35.88
C ILE C 395 -22.53 29.74 36.82
N SER C 396 -21.70 28.94 37.50
CA SER C 396 -20.53 29.43 38.22
C SER C 396 -19.30 28.77 37.60
N ALA C 397 -18.42 29.58 37.03
CA ALA C 397 -17.30 29.05 36.27
C ALA C 397 -16.08 29.92 36.53
N PRO C 398 -14.87 29.36 36.43
CA PRO C 398 -13.66 30.20 36.46
C PRO C 398 -13.63 31.14 35.27
N LYS C 399 -12.96 32.27 35.46
CA LYS C 399 -12.93 33.30 34.43
C LYS C 399 -12.11 32.83 33.23
N ASN C 400 -12.65 33.04 32.03
CA ASN C 400 -12.05 32.58 30.77
C ASN C 400 -11.84 31.06 30.78
N ALA C 401 -12.92 30.33 31.11
CA ALA C 401 -12.91 28.88 31.07
C ALA C 401 -13.88 28.41 29.99
N PRO C 402 -13.42 27.68 28.97
CA PRO C 402 -14.32 27.28 27.88
C PRO C 402 -15.49 26.45 28.40
N LEU C 403 -16.67 26.71 27.80
CA LEU C 403 -17.91 26.10 28.26
C LEU C 403 -18.81 25.70 27.10
N LEU C 404 -18.23 25.46 25.93
CA LEU C 404 -19.03 25.10 24.76
C LEU C 404 -19.69 23.74 24.94
N GLU C 405 -18.89 22.69 25.04
CA GLU C 405 -19.44 21.34 25.10
C GLU C 405 -20.32 21.07 26.32
N PRO C 406 -20.08 21.63 27.52
CA PRO C 406 -21.04 21.40 28.61
C PRO C 406 -22.44 21.88 28.28
N LEU C 407 -22.57 23.09 27.76
CA LEU C 407 -23.89 23.59 27.38
C LEU C 407 -24.43 22.86 26.16
N LEU C 408 -23.57 22.31 25.31
CA LEU C 408 -24.07 21.44 24.26
C LEU C 408 -24.70 20.17 24.83
N ASP C 409 -24.08 19.58 25.85
CA ASP C 409 -24.73 18.45 26.53
C ASP C 409 -26.04 18.87 27.18
N ILE C 410 -26.04 20.07 27.79
CA ILE C 410 -27.26 20.60 28.40
C ILE C 410 -28.38 20.68 27.38
N CYS C 411 -28.07 21.19 26.19
CA CYS C 411 -29.05 21.22 25.11
C CYS C 411 -29.42 19.83 24.66
N TYR C 412 -28.48 18.87 24.72
CA TYR C 412 -28.77 17.51 24.31
C TYR C 412 -29.85 16.88 25.18
N TYR C 413 -29.67 16.89 26.50
CA TYR C 413 -30.69 16.32 27.37
C TYR C 413 -31.72 17.41 27.65
N GLY C 414 -32.87 17.30 27.00
CA GLY C 414 -33.88 18.35 27.00
C GLY C 414 -34.30 18.71 25.60
N SER C 415 -33.43 18.41 24.62
CA SER C 415 -33.70 18.66 23.20
C SER C 415 -34.03 20.14 22.96
N PHE C 416 -33.20 21.02 23.51
CA PHE C 416 -33.46 22.45 23.41
C PHE C 416 -33.06 23.04 22.07
N ILE C 417 -32.22 22.38 21.29
CA ILE C 417 -31.72 22.93 20.05
C ILE C 417 -31.96 21.96 18.91
N GLU C 418 -32.06 22.51 17.71
CA GLU C 418 -32.23 21.74 16.48
C GLU C 418 -31.42 22.41 15.39
N PRO C 419 -31.01 21.66 14.34
CA PRO C 419 -31.30 20.25 14.04
C PRO C 419 -30.50 19.27 14.89
N GLY C 420 -30.99 18.04 14.99
CA GLY C 420 -30.32 17.01 15.76
C GLY C 420 -31.28 16.15 16.55
N PHE C 421 -32.54 16.57 16.65
CA PHE C 421 -33.56 15.77 17.33
C PHE C 421 -34.73 15.46 16.41
N GLU C 422 -35.25 16.48 15.72
CA GLU C 422 -36.44 16.33 14.90
C GLU C 422 -36.12 16.18 13.42
N GLN C 423 -35.23 17.02 12.88
CA GLN C 423 -34.85 16.96 11.48
C GLN C 423 -33.39 16.58 11.35
N THR C 424 -33.06 15.93 10.24
CA THR C 424 -31.72 15.40 10.02
C THR C 424 -30.74 16.52 9.68
N PHE C 425 -29.47 16.16 9.53
CA PHE C 425 -28.42 17.09 9.16
C PHE C 425 -28.27 17.21 7.65
N GLY C 426 -29.34 16.91 6.89
CA GLY C 426 -29.31 16.87 5.44
C GLY C 426 -29.15 15.47 4.88
N PHE C 427 -28.70 14.53 5.71
CA PHE C 427 -28.47 13.15 5.31
C PHE C 427 -29.09 12.23 6.34
N TYR C 428 -29.77 11.19 5.87
CA TYR C 428 -30.50 10.30 6.78
C TYR C 428 -29.52 9.46 7.58
N PRO C 429 -29.71 9.34 8.90
CA PRO C 429 -28.74 8.61 9.73
C PRO C 429 -28.90 7.10 9.66
N ALA C 430 -28.05 6.39 10.41
CA ALA C 430 -28.10 4.94 10.44
C ALA C 430 -28.44 4.43 11.84
N GLY C 431 -27.68 4.87 12.84
CA GLY C 431 -27.86 4.44 14.21
C GLY C 431 -27.80 5.60 15.18
N LYS C 432 -28.20 5.34 16.42
CA LYS C 432 -28.20 6.40 17.44
C LYS C 432 -26.79 6.83 17.80
N ARG C 433 -25.82 5.91 17.74
CA ARG C 433 -24.44 6.28 18.03
C ARG C 433 -23.93 7.30 17.02
N GLU C 434 -24.09 6.99 15.73
CA GLU C 434 -23.70 7.89 14.67
C GLU C 434 -24.46 9.21 14.79
N PHE C 435 -25.75 9.13 15.10
CA PHE C 435 -26.58 10.31 15.20
C PHE C 435 -26.11 11.24 16.33
N VAL C 436 -25.80 10.67 17.50
CA VAL C 436 -25.38 11.50 18.62
C VAL C 436 -23.98 12.07 18.37
N ASP C 437 -23.08 11.28 17.76
CA ASP C 437 -21.78 11.82 17.42
C ASP C 437 -21.89 12.95 16.41
N SER C 438 -22.74 12.80 15.40
CA SER C 438 -22.94 13.85 14.42
C SER C 438 -23.55 15.10 15.06
N PHE C 439 -24.49 14.90 15.99
CA PHE C 439 -25.04 16.04 16.72
C PHE C 439 -23.95 16.77 17.48
N PHE C 440 -23.00 16.02 18.06
CA PHE C 440 -21.91 16.66 18.78
C PHE C 440 -21.00 17.46 17.83
N MET C 441 -20.54 16.83 16.75
CA MET C 441 -19.59 17.51 15.86
C MET C 441 -20.21 18.70 15.14
N HIS C 442 -21.42 18.52 14.60
CA HIS C 442 -22.04 19.60 13.82
C HIS C 442 -22.27 20.84 14.68
N HIS C 443 -22.73 20.65 15.91
CA HIS C 443 -23.02 21.80 16.77
C HIS C 443 -21.77 22.34 17.46
N SER C 444 -20.71 21.53 17.60
CA SER C 444 -19.46 22.07 18.10
C SER C 444 -18.76 22.90 17.03
N LYS C 445 -18.88 22.50 15.77
CA LYS C 445 -18.33 23.29 14.68
C LYS C 445 -19.01 24.65 14.58
N ASP C 446 -20.35 24.65 14.70
CA ASP C 446 -21.13 25.89 14.63
C ASP C 446 -22.20 25.85 15.71
N HIS C 447 -22.11 26.79 16.66
CA HIS C 447 -23.07 26.89 17.75
C HIS C 447 -24.15 27.94 17.50
N LYS C 448 -24.46 28.21 16.23
CA LYS C 448 -25.46 29.24 15.92
C LYS C 448 -26.84 28.87 16.42
N ALA C 449 -27.16 27.56 16.46
CA ALA C 449 -28.48 27.14 16.91
C ALA C 449 -28.69 27.50 18.38
N PHE C 450 -27.67 27.29 19.22
CA PHE C 450 -27.79 27.61 20.63
C PHE C 450 -28.05 29.10 20.84
N LEU C 451 -27.32 29.94 20.10
CA LEU C 451 -27.51 31.39 20.22
C LEU C 451 -28.88 31.82 19.74
N ILE C 452 -29.31 31.30 18.58
CA ILE C 452 -30.58 31.74 18.00
C ILE C 452 -31.76 31.28 18.85
N HIS C 453 -31.64 30.10 19.48
CA HIS C 453 -32.73 29.60 20.31
C HIS C 453 -32.64 30.07 21.76
N MET C 454 -31.50 30.62 22.17
CA MET C 454 -31.22 30.81 23.59
C MET C 454 -31.47 32.25 24.04
N GLY C 455 -31.00 33.23 23.27
CA GLY C 455 -31.26 34.64 23.57
C GLY C 455 -30.00 35.49 23.58
N LEU C 456 -30.06 36.62 22.87
CA LEU C 456 -28.95 37.56 22.79
C LEU C 456 -29.44 38.96 23.16
N ASP C 457 -28.53 39.76 23.71
CA ASP C 457 -28.86 41.11 24.16
C ASP C 457 -27.64 42.01 24.03
N LYS C 458 -27.90 43.31 24.05
CA LYS C 458 -26.87 44.35 23.93
C LYS C 458 -26.65 44.98 25.31
N ASP C 459 -25.70 44.43 26.06
CA ASP C 459 -25.36 44.95 27.38
C ASP C 459 -23.99 44.40 27.76
N LEU C 460 -23.61 44.57 29.03
CA LEU C 460 -22.33 44.08 29.53
C LEU C 460 -22.42 43.24 30.80
N SER C 461 -23.54 43.28 31.54
CA SER C 461 -23.64 42.51 32.77
C SER C 461 -23.75 41.02 32.53
N LEU C 462 -24.06 40.60 31.31
CA LEU C 462 -24.20 39.19 31.01
C LEU C 462 -22.85 38.49 31.12
N PRO C 463 -22.79 37.27 31.67
CA PRO C 463 -21.48 36.66 31.95
C PRO C 463 -20.77 36.16 30.70
N LEU C 464 -21.47 35.49 29.78
CA LEU C 464 -20.82 34.81 28.68
C LEU C 464 -20.90 35.65 27.41
N SER C 465 -20.32 35.10 26.34
CA SER C 465 -20.24 35.77 25.03
C SER C 465 -20.82 34.84 23.97
N PRO C 466 -20.99 35.32 22.73
CA PRO C 466 -21.47 34.42 21.66
C PRO C 466 -20.61 33.19 21.44
N GLU C 467 -19.34 33.22 21.85
CA GLU C 467 -18.43 32.11 21.65
C GLU C 467 -18.60 31.01 22.71
N LEU C 468 -19.49 31.22 23.68
CA LEU C 468 -19.70 30.31 24.81
C LEU C 468 -18.42 30.17 25.65
N ASN C 469 -18.01 31.30 26.21
CA ASN C 469 -16.92 31.34 27.17
C ASN C 469 -17.30 32.31 28.28
N TRP C 470 -16.63 32.18 29.42
CA TRP C 470 -17.04 32.88 30.63
C TRP C 470 -16.57 34.34 30.51
N LYS C 471 -16.57 35.10 31.60
CA LYS C 471 -16.28 36.52 31.61
C LYS C 471 -15.10 36.89 30.71
N GLU C 472 -15.35 37.79 29.76
CA GLU C 472 -14.34 38.30 28.85
C GLU C 472 -14.86 39.60 28.26
N PRO C 473 -13.96 40.43 27.71
CA PRO C 473 -14.44 41.59 26.94
C PRO C 473 -14.97 41.16 25.58
N ALA C 474 -16.25 41.41 25.35
CA ALA C 474 -16.90 41.01 24.11
C ALA C 474 -18.17 41.84 23.93
N LEU C 475 -18.79 41.71 22.76
CA LEU C 475 -19.99 42.44 22.40
C LEU C 475 -21.13 41.47 22.12
N SER C 476 -22.36 41.98 22.28
CA SER C 476 -23.59 41.23 22.00
C SER C 476 -23.64 39.94 22.82
N LYS C 477 -23.67 40.11 24.13
CA LYS C 477 -23.60 38.98 25.04
C LYS C 477 -24.89 38.16 25.00
N VAL C 478 -24.79 36.90 25.41
CA VAL C 478 -25.91 35.97 25.33
C VAL C 478 -26.92 36.32 26.43
N CYS C 479 -28.15 36.64 26.03
CA CYS C 479 -29.17 37.10 26.96
C CYS C 479 -29.69 35.95 27.80
N ARG C 480 -30.60 36.29 28.72
CA ARG C 480 -31.30 35.32 29.57
C ARG C 480 -30.34 34.47 30.40
N VAL C 481 -29.19 35.03 30.76
CA VAL C 481 -28.20 34.34 31.59
C VAL C 481 -27.80 35.26 32.73
N THR C 482 -27.79 34.70 33.94
CA THR C 482 -27.39 35.42 35.15
C THR C 482 -26.26 34.67 35.83
N GLU C 483 -25.84 35.18 36.99
CA GLU C 483 -24.83 34.52 37.80
C GLU C 483 -25.49 33.67 38.87
N LEU C 484 -24.68 32.82 39.50
CA LEU C 484 -25.18 31.96 40.58
C LEU C 484 -24.36 32.20 41.85
PG G2P F . -7.84 -16.85 -17.87
O1G G2P F . -8.74 -18.04 -17.55
O2G G2P F . -6.41 -17.26 -18.25
O3G G2P F . -8.44 -15.80 -18.78
O3B G2P F . -7.63 -16.09 -16.36
PB G2P F . -8.79 -15.72 -15.30
O1B G2P F . -9.97 -16.66 -15.38
O2B G2P F . -8.21 -15.48 -13.92
C3A G2P F . -9.29 -14.07 -15.94
PA G2P F . -8.07 -12.75 -16.20
O1A G2P F . -6.75 -13.27 -16.71
O2A G2P F . -8.72 -11.62 -16.98
O5' G2P F . -7.88 -12.24 -14.63
C5' G2P F . -7.55 -10.89 -14.39
C4' G2P F . -8.45 -10.39 -13.28
O4' G2P F . -7.73 -10.23 -12.05
C3' G2P F . -9.03 -9.01 -13.56
O3' G2P F . -10.14 -8.72 -12.75
C2' G2P F . -7.87 -8.12 -13.07
O2' G2P F . -8.24 -6.83 -12.71
C1' G2P F . -7.37 -8.91 -11.85
N9 G2P F . -5.93 -8.83 -11.67
C8 G2P F . -5.06 -9.88 -11.52
N7 G2P F . -3.83 -9.49 -11.38
C5 G2P F . -3.89 -8.13 -11.43
C6 G2P F . -2.84 -7.16 -11.33
O6 G2P F . -1.66 -7.33 -11.17
N1 G2P F . -3.37 -5.87 -11.44
C2 G2P F . -4.68 -5.54 -11.62
N2 G2P F . -4.96 -4.21 -11.70
N3 G2P F . -5.63 -6.43 -11.71
C4 G2P F . -5.18 -7.70 -11.61
#